data_8ED6
# 
_entry.id   8ED6 
# 
_audit_conform.dict_name       mmcif_pdbx.dic 
_audit_conform.dict_version    5.377 
_audit_conform.dict_location   http://mmcif.pdb.org/dictionaries/ascii/mmcif_pdbx.dic 
# 
loop_
_database_2.database_id 
_database_2.database_code 
_database_2.pdbx_database_accession 
_database_2.pdbx_DOI 
PDB   8ED6         pdb_00008ed6 10.2210/pdb8ed6/pdb 
WWPDB D_1000268235 ?            ?                   
# 
_pdbx_database_status.status_code                     REL 
_pdbx_database_status.status_code_sf                  REL 
_pdbx_database_status.status_code_mr                  ? 
_pdbx_database_status.entry_id                        8ED6 
_pdbx_database_status.recvd_initial_deposition_date   2022-09-03 
_pdbx_database_status.SG_entry                        N 
_pdbx_database_status.deposit_site                    RCSB 
_pdbx_database_status.process_site                    RCSB 
_pdbx_database_status.status_code_cs                  ? 
_pdbx_database_status.status_code_nmr_data            ? 
_pdbx_database_status.methods_development_category    ? 
_pdbx_database_status.pdb_format_compatible           Y 
# 
loop_
_audit_author.name 
_audit_author.pdbx_ordinal 
_audit_author.identifier_ORCID 
'Ogbonna, E.N.' 1 0000-0002-0762-0603 
'Wilson, W.D.'  2 0000-0001-5225-5089 
# 
_citation.abstract                  ? 
_citation.abstract_id_CAS           ? 
_citation.book_id_ISBN              ? 
_citation.book_publisher            ? 
_citation.book_publisher_city       ? 
_citation.book_title                ? 
_citation.coordinate_linkage        ? 
_citation.country                   US 
_citation.database_id_Medline       ? 
_citation.details                   ? 
_citation.id                        primary 
_citation.journal_abbrev            'Acs Bio Med Chem Au' 
_citation.journal_id_ASTM           ? 
_citation.journal_id_CSD            ? 
_citation.journal_id_ISSN           2694-2437 
_citation.journal_full              ? 
_citation.journal_issue             ? 
_citation.journal_volume            3 
_citation.language                  ? 
_citation.page_first                335 
_citation.page_last                 348 
_citation.title                     'X-ray Structure Characterization of the Selective Recognition of AT Base Pair Sequences.' 
_citation.year                      2023 
_citation.database_id_CSD           ? 
_citation.pdbx_database_id_DOI      10.1021/acsbiomedchemau.3c00002 
_citation.pdbx_database_id_PubMed   37599788 
_citation.pdbx_database_id_patent   ? 
_citation.unpublished_flag          ? 
# 
loop_
_citation_author.citation_id 
_citation_author.name 
_citation_author.ordinal 
_citation_author.identifier_ORCID 
primary 'Ogbonna, E.N.' 1 ?                   
primary 'Paul, A.'      2 0000-0003-4592-3442 
primary 'Farahat, A.A.' 3 ?                   
primary 'Terrell, J.R.' 4 ?                   
primary 'Mineva, E.'    5 ?                   
primary 'Ogbonna, V.'   6 ?                   
primary 'Boykin, D.W.'  7 ?                   
primary 'Wilson, W.D.'  8 0000-0001-5225-5089 
# 
_cell.angle_alpha                  90.000 
_cell.angle_alpha_esd              ? 
_cell.angle_beta                   90.000 
_cell.angle_beta_esd               ? 
_cell.angle_gamma                  90.000 
_cell.angle_gamma_esd              ? 
_cell.entry_id                     8ED6 
_cell.details                      ? 
_cell.formula_units_Z              ? 
_cell.length_a                     25.792 
_cell.length_a_esd                 ? 
_cell.length_b                     40.069 
_cell.length_b_esd                 ? 
_cell.length_c                     65.554 
_cell.length_c_esd                 ? 
_cell.volume                       ? 
_cell.volume_esd                   ? 
_cell.Z_PDB                        8 
_cell.reciprocal_angle_alpha       ? 
_cell.reciprocal_angle_beta        ? 
_cell.reciprocal_angle_gamma       ? 
_cell.reciprocal_angle_alpha_esd   ? 
_cell.reciprocal_angle_beta_esd    ? 
_cell.reciprocal_angle_gamma_esd   ? 
_cell.reciprocal_length_a          ? 
_cell.reciprocal_length_b          ? 
_cell.reciprocal_length_c          ? 
_cell.reciprocal_length_a_esd      ? 
_cell.reciprocal_length_b_esd      ? 
_cell.reciprocal_length_c_esd      ? 
_cell.pdbx_unique_axis             ? 
_cell.pdbx_esd_method              ? 
# 
_symmetry.entry_id                         8ED6 
_symmetry.cell_setting                     ? 
_symmetry.Int_Tables_number                19 
_symmetry.space_group_name_Hall            ? 
_symmetry.space_group_name_H-M             'P 21 21 21' 
_symmetry.pdbx_full_space_group_name_H-M   ? 
# 
loop_
_entity.id 
_entity.type 
_entity.src_method 
_entity.pdbx_description 
_entity.formula_weight 
_entity.pdbx_number_of_molecules 
_entity.pdbx_ec 
_entity.pdbx_mutation 
_entity.pdbx_fragment 
_entity.details 
1 polymer     syn 
;DNA (5'-D(*CP*GP*CP*GP*AP*AP*TP*TP*CP*GP*CP*G)-3')
;
3663.392 2   ? ? ? 
;Self-complementary DNA (5'-CGCGAATTCGCG-3' bound by ligand (DB1476) in orientation II.
;
2 non-polymer syn 'MAGNESIUM ION'                                                 24.305   1   ? ? ? ? 
3 non-polymer syn "4,4'-(1H-benzimidazole-2,6-diyl)di(benzene-1-carboximidamide)" 354.408  1   ? ? ? ? 
4 water       nat water                                                           18.015   109 ? ? ? ? 
# 
_entity_poly.entity_id                      1 
_entity_poly.type                           polydeoxyribonucleotide 
_entity_poly.nstd_linkage                   no 
_entity_poly.nstd_monomer                   no 
_entity_poly.pdbx_seq_one_letter_code       '(DC)(DG)(DC)(DG)(DA)(DA)(DT)(DT)(DC)(DG)(DC)(DG)' 
_entity_poly.pdbx_seq_one_letter_code_can   CGCGAATTCGCG 
_entity_poly.pdbx_strand_id                 B,C 
_entity_poly.pdbx_target_identifier         ? 
# 
loop_
_entity_poly_seq.entity_id 
_entity_poly_seq.num 
_entity_poly_seq.mon_id 
_entity_poly_seq.hetero 
1 1  DC n 
1 2  DG n 
1 3  DC n 
1 4  DG n 
1 5  DA n 
1 6  DA n 
1 7  DT n 
1 8  DT n 
1 9  DC n 
1 10 DG n 
1 11 DC n 
1 12 DG n 
# 
_pdbx_entity_src_syn.entity_id              1 
_pdbx_entity_src_syn.pdbx_src_id            1 
_pdbx_entity_src_syn.pdbx_alt_source_flag   sample 
_pdbx_entity_src_syn.pdbx_beg_seq_num       1 
_pdbx_entity_src_syn.pdbx_end_seq_num       12 
_pdbx_entity_src_syn.organism_scientific    'Homo sapiens' 
_pdbx_entity_src_syn.organism_common_name   ? 
_pdbx_entity_src_syn.ncbi_taxonomy_id       9606 
_pdbx_entity_src_syn.details                ? 
# 
_struct_ref.id                         1 
_struct_ref.db_name                    PDB 
_struct_ref.db_code                    8ED6 
_struct_ref.pdbx_db_accession          8ED6 
_struct_ref.pdbx_db_isoform            ? 
_struct_ref.entity_id                  1 
_struct_ref.pdbx_seq_one_letter_code   ? 
_struct_ref.pdbx_align_begin           1 
# 
loop_
_struct_ref_seq.align_id 
_struct_ref_seq.ref_id 
_struct_ref_seq.pdbx_PDB_id_code 
_struct_ref_seq.pdbx_strand_id 
_struct_ref_seq.seq_align_beg 
_struct_ref_seq.pdbx_seq_align_beg_ins_code 
_struct_ref_seq.seq_align_end 
_struct_ref_seq.pdbx_seq_align_end_ins_code 
_struct_ref_seq.pdbx_db_accession 
_struct_ref_seq.db_align_beg 
_struct_ref_seq.pdbx_db_align_beg_ins_code 
_struct_ref_seq.db_align_end 
_struct_ref_seq.pdbx_db_align_end_ins_code 
_struct_ref_seq.pdbx_auth_seq_align_beg 
_struct_ref_seq.pdbx_auth_seq_align_end 
1 1 8ED6 B 1 ? 12 ? 8ED6 1  ? 12 ? 1  12 
2 1 8ED6 C 1 ? 12 ? 8ED6 13 ? 24 ? 13 24 
# 
loop_
_chem_comp.id 
_chem_comp.type 
_chem_comp.mon_nstd_flag 
_chem_comp.name 
_chem_comp.pdbx_synonyms 
_chem_comp.formula 
_chem_comp.formula_weight 
DA  'DNA linking' y "2'-DEOXYADENOSINE-5'-MONOPHOSPHATE"                            ? 'C10 H14 N5 O6 P' 331.222 
DC  'DNA linking' y "2'-DEOXYCYTIDINE-5'-MONOPHOSPHATE"                             ? 'C9 H14 N3 O7 P'  307.197 
DG  'DNA linking' y "2'-DEOXYGUANOSINE-5'-MONOPHOSPHATE"                            ? 'C10 H14 N5 O7 P' 347.221 
DT  'DNA linking' y "THYMIDINE-5'-MONOPHOSPHATE"                                    ? 'C10 H15 N2 O8 P' 322.208 
HOH non-polymer   . WATER                                                           ? 'H2 O'            18.015  
MG  non-polymer   . 'MAGNESIUM ION'                                                 ? 'Mg 2'            24.305  
WFB non-polymer   . "4,4'-(1H-benzimidazole-2,6-diyl)di(benzene-1-carboximidamide)" ? 'C21 H18 N6'      354.408 
# 
_exptl.absorpt_coefficient_mu     ? 
_exptl.absorpt_correction_T_max   ? 
_exptl.absorpt_correction_T_min   ? 
_exptl.absorpt_correction_type    ? 
_exptl.absorpt_process_details    ? 
_exptl.entry_id                   8ED6 
_exptl.crystals_number            1 
_exptl.details                    ? 
_exptl.method                     'X-RAY DIFFRACTION' 
_exptl.method_details             ? 
# 
_exptl_crystal.colour                       ? 
_exptl_crystal.density_diffrn               ? 
_exptl_crystal.density_Matthews             2.31 
_exptl_crystal.density_method               ? 
_exptl_crystal.density_percent_sol          46.79 
_exptl_crystal.description                  ? 
_exptl_crystal.F_000                        ? 
_exptl_crystal.id                           1 
_exptl_crystal.preparation                  ? 
_exptl_crystal.size_max                     ? 
_exptl_crystal.size_mid                     ? 
_exptl_crystal.size_min                     ? 
_exptl_crystal.size_rad                     ? 
_exptl_crystal.colour_lustre                ? 
_exptl_crystal.colour_modifier              ? 
_exptl_crystal.colour_primary               ? 
_exptl_crystal.density_meas                 ? 
_exptl_crystal.density_meas_esd             ? 
_exptl_crystal.density_meas_gt              ? 
_exptl_crystal.density_meas_lt              ? 
_exptl_crystal.density_meas_temp            ? 
_exptl_crystal.density_meas_temp_esd        ? 
_exptl_crystal.density_meas_temp_gt         ? 
_exptl_crystal.density_meas_temp_lt         ? 
_exptl_crystal.pdbx_crystal_image_url       ? 
_exptl_crystal.pdbx_crystal_image_format    ? 
_exptl_crystal.pdbx_mosaicity               ? 
_exptl_crystal.pdbx_mosaicity_esd           ? 
_exptl_crystal.pdbx_mosaic_method           ? 
_exptl_crystal.pdbx_mosaic_block_size       ? 
_exptl_crystal.pdbx_mosaic_block_size_esd   ? 
# 
_exptl_crystal_grow.apparatus       ? 
_exptl_crystal_grow.atmosphere      ? 
_exptl_crystal_grow.crystal_id      1 
_exptl_crystal_grow.details         ? 
_exptl_crystal_grow.method          'VAPOR DIFFUSION, HANGING DROP' 
_exptl_crystal_grow.method_ref      ? 
_exptl_crystal_grow.pH              6.0 
_exptl_crystal_grow.pressure        ? 
_exptl_crystal_grow.pressure_esd    ? 
_exptl_crystal_grow.seeding         ? 
_exptl_crystal_grow.seeding_ref     ? 
_exptl_crystal_grow.temp_details    ? 
_exptl_crystal_grow.temp_esd        ? 
_exptl_crystal_grow.time            ? 
_exptl_crystal_grow.pdbx_details    'SODIUM CACODYLATE TRIHYDRATE, SPERMINE TETRAHYDRATE, MAGNESIUM CHLORIDE HEXAHYDRATE, MPD' 
_exptl_crystal_grow.pdbx_pH_range   ? 
_exptl_crystal_grow.temp            298 
# 
_diffrn.ambient_environment              ? 
_diffrn.ambient_temp                     100 
_diffrn.ambient_temp_details             ? 
_diffrn.ambient_temp_esd                 ? 
_diffrn.crystal_id                       1 
_diffrn.crystal_support                  ? 
_diffrn.crystal_treatment                ? 
_diffrn.details                          ? 
_diffrn.id                               1 
_diffrn.ambient_pressure                 ? 
_diffrn.ambient_pressure_esd             ? 
_diffrn.ambient_pressure_gt              ? 
_diffrn.ambient_pressure_lt              ? 
_diffrn.ambient_temp_gt                  ? 
_diffrn.ambient_temp_lt                  ? 
_diffrn.pdbx_serial_crystal_experiment   N 
# 
_diffrn_detector.details                      ? 
_diffrn_detector.detector                     CCD 
_diffrn_detector.diffrn_id                    1 
_diffrn_detector.type                         'RAYONIX MX300-HS' 
_diffrn_detector.area_resol_mean              ? 
_diffrn_detector.dtime                        ? 
_diffrn_detector.pdbx_frames_total            ? 
_diffrn_detector.pdbx_collection_time_total   ? 
_diffrn_detector.pdbx_collection_date         2022-04-07 
_diffrn_detector.pdbx_frequency               ? 
_diffrn_detector.id                           ? 
_diffrn_detector.number_of_axes               ? 
# 
_diffrn_radiation.collimation                      ? 
_diffrn_radiation.diffrn_id                        1 
_diffrn_radiation.filter_edge                      ? 
_diffrn_radiation.inhomogeneity                    ? 
_diffrn_radiation.monochromator                    'double crystal - water cooled' 
_diffrn_radiation.polarisn_norm                    ? 
_diffrn_radiation.polarisn_ratio                   ? 
_diffrn_radiation.probe                            ? 
_diffrn_radiation.type                             ? 
_diffrn_radiation.xray_symbol                      ? 
_diffrn_radiation.wavelength_id                    1 
_diffrn_radiation.pdbx_monochromatic_or_laue_m_l   M 
_diffrn_radiation.pdbx_wavelength_list             ? 
_diffrn_radiation.pdbx_wavelength                  ? 
_diffrn_radiation.pdbx_diffrn_protocol             'SINGLE WAVELENGTH' 
_diffrn_radiation.pdbx_analyzer                    ? 
_diffrn_radiation.pdbx_scattering_type             x-ray 
# 
_diffrn_radiation_wavelength.id           1 
_diffrn_radiation_wavelength.wavelength   1 
_diffrn_radiation_wavelength.wt           1.0 
# 
_diffrn_source.current                     ? 
_diffrn_source.details                     ? 
_diffrn_source.diffrn_id                   1 
_diffrn_source.power                       ? 
_diffrn_source.size                        ? 
_diffrn_source.source                      SYNCHROTRON 
_diffrn_source.target                      ? 
_diffrn_source.type                        'APS BEAMLINE 22-BM' 
_diffrn_source.voltage                     ? 
_diffrn_source.take-off_angle              ? 
_diffrn_source.pdbx_wavelength_list        1 
_diffrn_source.pdbx_wavelength             ? 
_diffrn_source.pdbx_synchrotron_beamline   22-BM 
_diffrn_source.pdbx_synchrotron_site       APS 
# 
_reflns.B_iso_Wilson_estimate                          ? 
_reflns.entry_id                                       8ED6 
_reflns.data_reduction_details                         ? 
_reflns.data_reduction_method                          ? 
_reflns.d_resolution_high                              1.63 
_reflns.d_resolution_low                               34.2 
_reflns.details                                        ? 
_reflns.limit_h_max                                    ? 
_reflns.limit_h_min                                    ? 
_reflns.limit_k_max                                    ? 
_reflns.limit_k_min                                    ? 
_reflns.limit_l_max                                    ? 
_reflns.limit_l_min                                    ? 
_reflns.number_all                                     ? 
_reflns.number_obs                                     8886 
_reflns.observed_criterion                             ? 
_reflns.observed_criterion_F_max                       ? 
_reflns.observed_criterion_F_min                       ? 
_reflns.observed_criterion_I_max                       ? 
_reflns.observed_criterion_I_min                       ? 
_reflns.observed_criterion_sigma_F                     ? 
_reflns.observed_criterion_sigma_I                     ? 
_reflns.percent_possible_obs                           99.5 
_reflns.R_free_details                                 ? 
_reflns.Rmerge_F_all                                   ? 
_reflns.Rmerge_F_obs                                   ? 
_reflns.Friedel_coverage                               ? 
_reflns.number_gt                                      ? 
_reflns.threshold_expression                           ? 
_reflns.pdbx_redundancy                                1.2 
_reflns.pdbx_netI_over_av_sigmaI                       ? 
_reflns.pdbx_netI_over_sigmaI                          27.7 
_reflns.pdbx_res_netI_over_av_sigmaI_2                 ? 
_reflns.pdbx_res_netI_over_sigmaI_2                    ? 
_reflns.pdbx_chi_squared                               ? 
_reflns.pdbx_scaling_rejects                           ? 
_reflns.pdbx_d_res_high_opt                            ? 
_reflns.pdbx_d_res_low_opt                             ? 
_reflns.pdbx_d_res_opt_method                          ? 
_reflns.phase_calculation_details                      ? 
_reflns.pdbx_Rrim_I_all                                ? 
_reflns.pdbx_Rpim_I_all                                ? 
_reflns.pdbx_d_opt                                     ? 
_reflns.pdbx_number_measured_all                       ? 
_reflns.pdbx_diffrn_id                                 1 
_reflns.pdbx_ordinal                                   1 
_reflns.pdbx_CC_half                                   1 
_reflns.pdbx_CC_star                                   ? 
_reflns.pdbx_R_split                                   ? 
_reflns.pdbx_Rmerge_I_obs                              ? 
_reflns.pdbx_Rmerge_I_all                              ? 
_reflns.pdbx_Rsym_value                                ? 
_reflns.pdbx_CC_split_method                           ? 
_reflns.pdbx_aniso_diffraction_limit_axis_1_ortho[1]   ? 
_reflns.pdbx_aniso_diffraction_limit_axis_1_ortho[2]   ? 
_reflns.pdbx_aniso_diffraction_limit_axis_1_ortho[3]   ? 
_reflns.pdbx_aniso_diffraction_limit_axis_2_ortho[1]   ? 
_reflns.pdbx_aniso_diffraction_limit_axis_2_ortho[2]   ? 
_reflns.pdbx_aniso_diffraction_limit_axis_2_ortho[3]   ? 
_reflns.pdbx_aniso_diffraction_limit_axis_3_ortho[1]   ? 
_reflns.pdbx_aniso_diffraction_limit_axis_3_ortho[2]   ? 
_reflns.pdbx_aniso_diffraction_limit_axis_3_ortho[3]   ? 
_reflns.pdbx_aniso_diffraction_limit_1                 ? 
_reflns.pdbx_aniso_diffraction_limit_2                 ? 
_reflns.pdbx_aniso_diffraction_limit_3                 ? 
_reflns.pdbx_aniso_B_tensor_eigenvector_1_ortho[1]     ? 
_reflns.pdbx_aniso_B_tensor_eigenvector_1_ortho[2]     ? 
_reflns.pdbx_aniso_B_tensor_eigenvector_1_ortho[3]     ? 
_reflns.pdbx_aniso_B_tensor_eigenvector_2_ortho[1]     ? 
_reflns.pdbx_aniso_B_tensor_eigenvector_2_ortho[2]     ? 
_reflns.pdbx_aniso_B_tensor_eigenvector_2_ortho[3]     ? 
_reflns.pdbx_aniso_B_tensor_eigenvector_3_ortho[1]     ? 
_reflns.pdbx_aniso_B_tensor_eigenvector_3_ortho[2]     ? 
_reflns.pdbx_aniso_B_tensor_eigenvector_3_ortho[3]     ? 
_reflns.pdbx_aniso_B_tensor_eigenvalue_1               ? 
_reflns.pdbx_aniso_B_tensor_eigenvalue_2               ? 
_reflns.pdbx_aniso_B_tensor_eigenvalue_3               ? 
_reflns.pdbx_orthogonalization_convention              ? 
_reflns.pdbx_percent_possible_ellipsoidal              ? 
_reflns.pdbx_percent_possible_spherical                ? 
_reflns.pdbx_percent_possible_ellipsoidal_anomalous    ? 
_reflns.pdbx_percent_possible_spherical_anomalous      ? 
_reflns.pdbx_redundancy_anomalous                      ? 
_reflns.pdbx_CC_half_anomalous                         ? 
_reflns.pdbx_absDiff_over_sigma_anomalous              ? 
_reflns.pdbx_percent_possible_anomalous                ? 
_reflns.pdbx_observed_signal_threshold                 ? 
_reflns.pdbx_signal_type                               ? 
_reflns.pdbx_signal_details                            ? 
_reflns.pdbx_signal_software_id                        ? 
# 
_reflns_shell.d_res_high                                    1.63 
_reflns_shell.d_res_low                                     1.69 
_reflns_shell.meanI_over_sigI_all                           ? 
_reflns_shell.meanI_over_sigI_obs                           ? 
_reflns_shell.number_measured_all                           ? 
_reflns_shell.number_measured_obs                           ? 
_reflns_shell.number_possible                               ? 
_reflns_shell.number_unique_all                             ? 
_reflns_shell.number_unique_obs                             807 
_reflns_shell.percent_possible_obs                          ? 
_reflns_shell.Rmerge_F_all                                  ? 
_reflns_shell.Rmerge_F_obs                                  ? 
_reflns_shell.meanI_over_sigI_gt                            ? 
_reflns_shell.meanI_over_uI_all                             ? 
_reflns_shell.meanI_over_uI_gt                              ? 
_reflns_shell.number_measured_gt                            ? 
_reflns_shell.number_unique_gt                              ? 
_reflns_shell.percent_possible_gt                           ? 
_reflns_shell.Rmerge_F_gt                                   ? 
_reflns_shell.Rmerge_I_gt                                   ? 
_reflns_shell.pdbx_redundancy                               ? 
_reflns_shell.pdbx_chi_squared                              ? 
_reflns_shell.pdbx_netI_over_sigmaI_all                     ? 
_reflns_shell.pdbx_netI_over_sigmaI_obs                     ? 
_reflns_shell.pdbx_Rrim_I_all                               ? 
_reflns_shell.pdbx_Rpim_I_all                               ? 
_reflns_shell.pdbx_rejects                                  ? 
_reflns_shell.pdbx_ordinal                                  1 
_reflns_shell.pdbx_diffrn_id                                1 
_reflns_shell.pdbx_CC_half                                  1 
_reflns_shell.pdbx_CC_star                                  ? 
_reflns_shell.pdbx_R_split                                  ? 
_reflns_shell.percent_possible_all                          ? 
_reflns_shell.Rmerge_I_all                                  ? 
_reflns_shell.Rmerge_I_obs                                  ? 
_reflns_shell.pdbx_Rsym_value                               ? 
_reflns_shell.pdbx_percent_possible_ellipsoidal             ? 
_reflns_shell.pdbx_percent_possible_spherical               ? 
_reflns_shell.pdbx_percent_possible_ellipsoidal_anomalous   ? 
_reflns_shell.pdbx_percent_possible_spherical_anomalous     ? 
_reflns_shell.pdbx_redundancy_anomalous                     ? 
_reflns_shell.pdbx_CC_half_anomalous                        ? 
_reflns_shell.pdbx_absDiff_over_sigma_anomalous             ? 
_reflns_shell.pdbx_percent_possible_anomalous               ? 
# 
_refine.aniso_B[1][1]                            ? 
_refine.aniso_B[1][2]                            ? 
_refine.aniso_B[1][3]                            ? 
_refine.aniso_B[2][2]                            ? 
_refine.aniso_B[2][3]                            ? 
_refine.aniso_B[3][3]                            ? 
_refine.B_iso_max                                67.060 
_refine.B_iso_mean                               28.2968 
_refine.B_iso_min                                15.290 
_refine.correlation_coeff_Fo_to_Fc               ? 
_refine.correlation_coeff_Fo_to_Fc_free          ? 
_refine.details                                  ? 
_refine.diff_density_max                         ? 
_refine.diff_density_max_esd                     ? 
_refine.diff_density_min                         ? 
_refine.diff_density_min_esd                     ? 
_refine.diff_density_rms                         ? 
_refine.diff_density_rms_esd                     ? 
_refine.entry_id                                 8ED6 
_refine.pdbx_refine_id                           'X-RAY DIFFRACTION' 
_refine.ls_abs_structure_details                 ? 
_refine.ls_abs_structure_Flack                   ? 
_refine.ls_abs_structure_Flack_esd               ? 
_refine.ls_abs_structure_Rogers                  ? 
_refine.ls_abs_structure_Rogers_esd              ? 
_refine.ls_d_res_high                            1.6300 
_refine.ls_d_res_low                             34.1900 
_refine.ls_extinction_coef                       ? 
_refine.ls_extinction_coef_esd                   ? 
_refine.ls_extinction_expression                 ? 
_refine.ls_extinction_method                     ? 
_refine.ls_goodness_of_fit_all                   ? 
_refine.ls_goodness_of_fit_all_esd               ? 
_refine.ls_goodness_of_fit_obs                   ? 
_refine.ls_goodness_of_fit_obs_esd               ? 
_refine.ls_hydrogen_treatment                    ? 
_refine.ls_matrix_type                           ? 
_refine.ls_number_constraints                    ? 
_refine.ls_number_parameters                     ? 
_refine.ls_number_reflns_all                     ? 
_refine.ls_number_reflns_obs                     8856 
_refine.ls_number_reflns_R_free                  885 
_refine.ls_number_reflns_R_work                  7971 
_refine.ls_number_restraints                     ? 
_refine.ls_percent_reflns_obs                    99.0300 
_refine.ls_percent_reflns_R_free                 9.9900 
_refine.ls_R_factor_all                          ? 
_refine.ls_R_factor_obs                          0.1868 
_refine.ls_R_factor_R_free                       0.2220 
_refine.ls_R_factor_R_free_error                 ? 
_refine.ls_R_factor_R_free_error_details         ? 
_refine.ls_R_factor_R_work                       0.1829 
_refine.ls_R_Fsqd_factor_obs                     ? 
_refine.ls_R_I_factor_obs                        ? 
_refine.ls_redundancy_reflns_all                 ? 
_refine.ls_redundancy_reflns_obs                 ? 
_refine.ls_restrained_S_all                      ? 
_refine.ls_restrained_S_obs                      ? 
_refine.ls_shift_over_esd_max                    ? 
_refine.ls_shift_over_esd_mean                   ? 
_refine.ls_structure_factor_coef                 ? 
_refine.ls_weighting_details                     ? 
_refine.ls_weighting_scheme                      ? 
_refine.ls_wR_factor_all                         ? 
_refine.ls_wR_factor_obs                         ? 
_refine.ls_wR_factor_R_free                      ? 
_refine.ls_wR_factor_R_work                      ? 
_refine.occupancy_max                            ? 
_refine.occupancy_min                            ? 
_refine.solvent_model_details                    'FLAT BULK SOLVENT MODEL' 
_refine.solvent_model_param_bsol                 ? 
_refine.solvent_model_param_ksol                 ? 
_refine.pdbx_R_complete                          ? 
_refine.ls_R_factor_gt                           ? 
_refine.ls_goodness_of_fit_gt                    ? 
_refine.ls_goodness_of_fit_ref                   ? 
_refine.ls_shift_over_su_max                     ? 
_refine.ls_shift_over_su_max_lt                  ? 
_refine.ls_shift_over_su_mean                    ? 
_refine.ls_shift_over_su_mean_lt                 ? 
_refine.pdbx_ls_sigma_I                          ? 
_refine.pdbx_ls_sigma_F                          1.420 
_refine.pdbx_ls_sigma_Fsqd                       ? 
_refine.pdbx_data_cutoff_high_absF               ? 
_refine.pdbx_data_cutoff_high_rms_absF           ? 
_refine.pdbx_data_cutoff_low_absF                ? 
_refine.pdbx_isotropic_thermal_model             ? 
_refine.pdbx_ls_cross_valid_method               THROUGHOUT 
_refine.pdbx_method_to_determine_struct          'MOLECULAR REPLACEMENT' 
_refine.pdbx_starting_model                      1BNA 
_refine.pdbx_stereochemistry_target_values       ML 
_refine.pdbx_R_Free_selection_details            ? 
_refine.pdbx_stereochem_target_val_spec_case     ? 
_refine.pdbx_overall_ESU_R                       ? 
_refine.pdbx_overall_ESU_R_Free                  ? 
_refine.pdbx_solvent_vdw_probe_radii             1.1100 
_refine.pdbx_solvent_ion_probe_radii             ? 
_refine.pdbx_solvent_shrinkage_radii             0.9000 
_refine.pdbx_real_space_R                        ? 
_refine.pdbx_density_correlation                 ? 
_refine.pdbx_pd_number_of_powder_patterns        ? 
_refine.pdbx_pd_number_of_points                 ? 
_refine.pdbx_pd_meas_number_of_points            ? 
_refine.pdbx_pd_proc_ls_prof_R_factor            ? 
_refine.pdbx_pd_proc_ls_prof_wR_factor           ? 
_refine.pdbx_pd_Marquardt_correlation_coeff      ? 
_refine.pdbx_pd_Fsqrd_R_factor                   ? 
_refine.pdbx_pd_ls_matrix_band_width             ? 
_refine.pdbx_overall_phase_error                 25.1200 
_refine.pdbx_overall_SU_R_free_Cruickshank_DPI   ? 
_refine.pdbx_overall_SU_R_free_Blow_DPI          ? 
_refine.pdbx_overall_SU_R_Blow_DPI               ? 
_refine.pdbx_TLS_residual_ADP_flag               ? 
_refine.pdbx_diffrn_id                           1 
_refine.overall_SU_B                             ? 
_refine.overall_SU_ML                            0.1800 
_refine.overall_SU_R_Cruickshank_DPI             ? 
_refine.overall_SU_R_free                        ? 
_refine.overall_FOM_free_R_set                   ? 
_refine.overall_FOM_work_R_set                   ? 
_refine.pdbx_average_fsc_overall                 ? 
_refine.pdbx_average_fsc_work                    ? 
_refine.pdbx_average_fsc_free                    ? 
# 
_refine_hist.pdbx_refine_id                   'X-RAY DIFFRACTION' 
_refine_hist.cycle_id                         final 
_refine_hist.details                          ? 
_refine_hist.d_res_high                       1.6300 
_refine_hist.d_res_low                        34.1900 
_refine_hist.number_atoms_solvent             109 
_refine_hist.number_atoms_total               643 
_refine_hist.number_reflns_all                ? 
_refine_hist.number_reflns_obs                ? 
_refine_hist.number_reflns_R_free             ? 
_refine_hist.number_reflns_R_work             ? 
_refine_hist.R_factor_all                     ? 
_refine_hist.R_factor_obs                     ? 
_refine_hist.R_factor_R_free                  ? 
_refine_hist.R_factor_R_work                  ? 
_refine_hist.pdbx_number_residues_total       24 
_refine_hist.pdbx_B_iso_mean_ligand           40.25 
_refine_hist.pdbx_B_iso_mean_solvent          36.45 
_refine_hist.pdbx_number_atoms_protein        0 
_refine_hist.pdbx_number_atoms_nucleic_acid   486 
_refine_hist.pdbx_number_atoms_ligand         48 
_refine_hist.pdbx_number_atoms_lipid          ? 
_refine_hist.pdbx_number_atoms_carb           ? 
_refine_hist.pdbx_pseudo_atom_details         ? 
# 
loop_
_refine_ls_restr.pdbx_refine_id 
_refine_ls_restr.criterion 
_refine_ls_restr.dev_ideal 
_refine_ls_restr.dev_ideal_target 
_refine_ls_restr.number 
_refine_ls_restr.rejects 
_refine_ls_restr.type 
_refine_ls_restr.weight 
_refine_ls_restr.pdbx_restraint_function 
'X-RAY DIFFRACTION' ? 0.011  ? 574 ? f_bond_d           ? ? 
'X-RAY DIFFRACTION' ? 1.445  ? 879 ? f_angle_d          ? ? 
'X-RAY DIFFRACTION' ? 29.193 ? 258 ? f_dihedral_angle_d ? ? 
'X-RAY DIFFRACTION' ? 0.075  ? 94  ? f_chiral_restr     ? ? 
'X-RAY DIFFRACTION' ? 0.017  ? 29  ? f_plane_restr      ? ? 
# 
loop_
_refine_ls_restr_ncs.pdbx_refine_id 
_refine_ls_restr_ncs.dom_id 
_refine_ls_restr_ncs.ncs_model_details 
_refine_ls_restr_ncs.rms_dev_B_iso 
_refine_ls_restr_ncs.rms_dev_position 
_refine_ls_restr_ncs.weight_B_iso 
_refine_ls_restr_ncs.weight_position 
_refine_ls_restr_ncs.pdbx_ordinal 
_refine_ls_restr_ncs.pdbx_type 
_refine_ls_restr_ncs.pdbx_asym_id 
_refine_ls_restr_ncs.pdbx_auth_asym_id 
_refine_ls_restr_ncs.pdbx_number 
_refine_ls_restr_ncs.pdbx_rms 
_refine_ls_restr_ncs.pdbx_weight 
_refine_ls_restr_ncs.pdbx_ens_id 
'X-RAY DIFFRACTION' 1 ? ? ? ? ? 1 TORSIONAL ? B 232 5.357 ? 1 
'X-RAY DIFFRACTION' 2 ? ? ? ? ? 2 TORSIONAL ? C 232 5.357 ? 1 
# 
loop_
_refine_ls_shell.pdbx_refine_id 
_refine_ls_shell.d_res_high 
_refine_ls_shell.d_res_low 
_refine_ls_shell.number_reflns_all 
_refine_ls_shell.number_reflns_obs 
_refine_ls_shell.number_reflns_R_free 
_refine_ls_shell.number_reflns_R_work 
_refine_ls_shell.percent_reflns_obs 
_refine_ls_shell.percent_reflns_R_free 
_refine_ls_shell.R_factor_all 
_refine_ls_shell.R_factor_obs 
_refine_ls_shell.R_factor_R_free_error 
_refine_ls_shell.R_factor_R_work 
_refine_ls_shell.redundancy_reflns_all 
_refine_ls_shell.redundancy_reflns_obs 
_refine_ls_shell.wR_factor_all 
_refine_ls_shell.wR_factor_obs 
_refine_ls_shell.wR_factor_R_free 
_refine_ls_shell.wR_factor_R_work 
_refine_ls_shell.pdbx_R_complete 
_refine_ls_shell.pdbx_total_number_of_bins_used 
_refine_ls_shell.pdbx_phase_error 
_refine_ls_shell.pdbx_fsc_work 
_refine_ls_shell.pdbx_fsc_free 
_refine_ls_shell.R_factor_R_free 
'X-RAY DIFFRACTION' 1.6300 1.7300  1384 . 136 1248 96.0000  . . . 0.0000 0.2141 . . . . . . . 6 . . . 0.2884 
'X-RAY DIFFRACTION' 1.7300 1.8700  1454 . 146 1308 100.0000 . . . 0.0000 0.1988 . . . . . . . 6 . . . 0.2236 
'X-RAY DIFFRACTION' 1.8700 2.0500  1461 . 146 1315 100.0000 . . . 0.0000 0.1994 . . . . . . . 6 . . . 0.2568 
'X-RAY DIFFRACTION' 2.0600 2.3500  1496 . 150 1346 100.0000 . . . 0.0000 0.2089 . . . . . . . 6 . . . 0.2806 
'X-RAY DIFFRACTION' 2.3500 2.9600  1488 . 149 1339 100.0000 . . . 0.0000 0.2123 . . . . . . . 6 . . . 0.2675 
'X-RAY DIFFRACTION' 2.9600 34.1900 1573 . 158 1415 99.0000  . . . 0.0000 0.1569 . . . . . . . 6 . . . 0.1820 
# 
loop_
_struct_ncs_dom.pdbx_ens_id 
_struct_ncs_dom.id 
_struct_ncs_dom.details 
1 1 'chain B'                           
1 2 '(chain C and resid 13 through 24)' 
# 
loop_
_struct_ncs_dom_lim.pdbx_ens_id 
_struct_ncs_dom_lim.dom_id 
_struct_ncs_dom_lim.pdbx_component_id 
_struct_ncs_dom_lim.beg_label_asym_id 
_struct_ncs_dom_lim.beg_label_comp_id 
_struct_ncs_dom_lim.beg_label_seq_id 
_struct_ncs_dom_lim.beg_label_alt_id 
_struct_ncs_dom_lim.end_label_asym_id 
_struct_ncs_dom_lim.end_label_comp_id 
_struct_ncs_dom_lim.end_label_seq_id 
_struct_ncs_dom_lim.end_label_alt_id 
_struct_ncs_dom_lim.beg_auth_asym_id 
_struct_ncs_dom_lim.beg_auth_comp_id 
_struct_ncs_dom_lim.beg_auth_seq_id 
_struct_ncs_dom_lim.end_auth_asym_id 
_struct_ncs_dom_lim.end_auth_comp_id 
_struct_ncs_dom_lim.end_auth_seq_id 
_struct_ncs_dom_lim.pdbx_refine_code 
_struct_ncs_dom_lim.selection_details 
1 1 1 A DC 1 . A DG 12 . B DC 1  B DG 12 ? 'chain B'                           
1 2 1 B DC 1 . B DG 12 . C DC 13 C DG 24 ? '(chain C and resid 13 through 24)' 
# 
_struct_ncs_ens.id        1 
_struct_ncs_ens.details   ? 
# 
_struct.entry_id                     8ED6 
_struct.title                        
;5'-CGCGAATTCGCG-3' and benzimidazole diamidine (DB1476) complex with ligand orientation II
;
_struct.pdbx_model_details           ? 
_struct.pdbx_formula_weight          ? 
_struct.pdbx_formula_weight_method   ? 
_struct.pdbx_model_type_details      ? 
_struct.pdbx_CASP_flag               N 
# 
_struct_keywords.entry_id        8ED6 
_struct_keywords.text            'DNA, SMALL MOLECULE, MINOR GROOVE' 
_struct_keywords.pdbx_keywords   DNA 
# 
loop_
_struct_asym.id 
_struct_asym.pdbx_blank_PDB_chainid_flag 
_struct_asym.pdbx_modified 
_struct_asym.entity_id 
_struct_asym.details 
A N N 1 ? 
B N N 1 ? 
C N N 2 ? 
D N N 3 ? 
E N N 4 ? 
F N N 4 ? 
# 
loop_
_struct_conn.id 
_struct_conn.conn_type_id 
_struct_conn.pdbx_leaving_atom_flag 
_struct_conn.pdbx_PDB_id 
_struct_conn.ptnr1_label_asym_id 
_struct_conn.ptnr1_label_comp_id 
_struct_conn.ptnr1_label_seq_id 
_struct_conn.ptnr1_label_atom_id 
_struct_conn.pdbx_ptnr1_label_alt_id 
_struct_conn.pdbx_ptnr1_PDB_ins_code 
_struct_conn.pdbx_ptnr1_standard_comp_id 
_struct_conn.ptnr1_symmetry 
_struct_conn.ptnr2_label_asym_id 
_struct_conn.ptnr2_label_comp_id 
_struct_conn.ptnr2_label_seq_id 
_struct_conn.ptnr2_label_atom_id 
_struct_conn.pdbx_ptnr2_label_alt_id 
_struct_conn.pdbx_ptnr2_PDB_ins_code 
_struct_conn.ptnr1_auth_asym_id 
_struct_conn.ptnr1_auth_comp_id 
_struct_conn.ptnr1_auth_seq_id 
_struct_conn.ptnr2_auth_asym_id 
_struct_conn.ptnr2_auth_comp_id 
_struct_conn.ptnr2_auth_seq_id 
_struct_conn.ptnr2_symmetry 
_struct_conn.pdbx_ptnr3_label_atom_id 
_struct_conn.pdbx_ptnr3_label_seq_id 
_struct_conn.pdbx_ptnr3_label_comp_id 
_struct_conn.pdbx_ptnr3_label_asym_id 
_struct_conn.pdbx_ptnr3_label_alt_id 
_struct_conn.pdbx_ptnr3_PDB_ins_code 
_struct_conn.details 
_struct_conn.pdbx_dist_value 
_struct_conn.pdbx_value_order 
_struct_conn.pdbx_role 
metalc1  metalc ? ? C MG .  MG ? ? ? 1_555 E HOH .  O  ? ? B MG 101 B HOH 211 3_655 ? ? ? ? ? ? ?            2.179 ? ? 
metalc2  metalc ? ? C MG .  MG ? ? ? 1_555 E HOH .  O  ? ? B MG 101 B HOH 214 1_555 ? ? ? ? ? ? ?            2.050 ? ? 
metalc3  metalc ? ? C MG .  MG ? ? ? 1_555 E HOH .  O  ? ? B MG 101 B HOH 220 3_655 ? ? ? ? ? ? ?            1.986 ? ? 
metalc4  metalc ? ? C MG .  MG ? ? ? 1_555 E HOH .  O  ? ? B MG 101 B HOH 223 1_555 ? ? ? ? ? ? ?            2.064 ? ? 
metalc5  metalc ? ? C MG .  MG ? ? ? 1_555 E HOH .  O  ? ? B MG 101 B HOH 232 3_655 ? ? ? ? ? ? ?            2.044 ? ? 
metalc6  metalc ? ? C MG .  MG ? ? ? 1_555 F HOH .  O  ? ? B MG 101 C HOH 217 1_555 ? ? ? ? ? ? ?            2.050 ? ? 
hydrog1  hydrog ? ? A DC 1  N3 ? ? ? 1_555 B DG  12 N1 ? ? B DC 1   C DG  24  1_555 ? ? ? ? ? ? WATSON-CRICK ?     ? ? 
hydrog2  hydrog ? ? A DC 1  N4 ? ? ? 1_555 B DG  12 O6 ? ? B DC 1   C DG  24  1_555 ? ? ? ? ? ? WATSON-CRICK ?     ? ? 
hydrog3  hydrog ? ? A DC 1  O2 ? ? ? 1_555 B DG  12 N2 ? ? B DC 1   C DG  24  1_555 ? ? ? ? ? ? WATSON-CRICK ?     ? ? 
hydrog4  hydrog ? ? A DG 2  N1 ? ? ? 1_555 B DC  11 N3 ? ? B DG 2   C DC  23  1_555 ? ? ? ? ? ? WATSON-CRICK ?     ? ? 
hydrog5  hydrog ? ? A DG 2  N2 ? ? ? 1_555 B DC  11 O2 ? ? B DG 2   C DC  23  1_555 ? ? ? ? ? ? WATSON-CRICK ?     ? ? 
hydrog6  hydrog ? ? A DG 2  O6 ? ? ? 1_555 B DC  11 N4 ? ? B DG 2   C DC  23  1_555 ? ? ? ? ? ? WATSON-CRICK ?     ? ? 
hydrog7  hydrog ? ? A DC 3  N3 ? ? ? 1_555 B DG  10 N1 ? ? B DC 3   C DG  22  1_555 ? ? ? ? ? ? WATSON-CRICK ?     ? ? 
hydrog8  hydrog ? ? A DC 3  N4 ? ? ? 1_555 B DG  10 O6 ? ? B DC 3   C DG  22  1_555 ? ? ? ? ? ? WATSON-CRICK ?     ? ? 
hydrog9  hydrog ? ? A DC 3  O2 ? ? ? 1_555 B DG  10 N2 ? ? B DC 3   C DG  22  1_555 ? ? ? ? ? ? WATSON-CRICK ?     ? ? 
hydrog10 hydrog ? ? A DG 4  N1 ? ? ? 1_555 B DC  9  N3 ? ? B DG 4   C DC  21  1_555 ? ? ? ? ? ? WATSON-CRICK ?     ? ? 
hydrog11 hydrog ? ? A DG 4  N2 ? ? ? 1_555 B DC  9  O2 ? ? B DG 4   C DC  21  1_555 ? ? ? ? ? ? WATSON-CRICK ?     ? ? 
hydrog12 hydrog ? ? A DG 4  O6 ? ? ? 1_555 B DC  9  N4 ? ? B DG 4   C DC  21  1_555 ? ? ? ? ? ? WATSON-CRICK ?     ? ? 
hydrog13 hydrog ? ? A DA 5  N1 ? ? ? 1_555 B DT  8  N3 ? ? B DA 5   C DT  20  1_555 ? ? ? ? ? ? WATSON-CRICK ?     ? ? 
hydrog14 hydrog ? ? A DA 5  N6 ? ? ? 1_555 B DT  8  O4 ? ? B DA 5   C DT  20  1_555 ? ? ? ? ? ? WATSON-CRICK ?     ? ? 
hydrog15 hydrog ? ? A DA 6  N1 ? ? ? 1_555 B DT  7  N3 ? ? B DA 6   C DT  19  1_555 ? ? ? ? ? ? WATSON-CRICK ?     ? ? 
hydrog16 hydrog ? ? A DA 6  N6 ? ? ? 1_555 B DT  7  O4 ? ? B DA 6   C DT  19  1_555 ? ? ? ? ? ? WATSON-CRICK ?     ? ? 
hydrog17 hydrog ? ? A DT 7  N3 ? ? ? 1_555 B DA  6  N1 ? ? B DT 7   C DA  18  1_555 ? ? ? ? ? ? WATSON-CRICK ?     ? ? 
hydrog18 hydrog ? ? A DT 7  O4 ? ? ? 1_555 B DA  6  N6 ? ? B DT 7   C DA  18  1_555 ? ? ? ? ? ? WATSON-CRICK ?     ? ? 
hydrog19 hydrog ? ? A DT 8  N3 ? ? ? 1_555 B DA  5  N1 ? ? B DT 8   C DA  17  1_555 ? ? ? ? ? ? WATSON-CRICK ?     ? ? 
hydrog20 hydrog ? ? A DT 8  O4 ? ? ? 1_555 B DA  5  N6 ? ? B DT 8   C DA  17  1_555 ? ? ? ? ? ? WATSON-CRICK ?     ? ? 
hydrog21 hydrog ? ? A DC 9  N3 ? ? ? 1_555 B DG  4  N1 ? ? B DC 9   C DG  16  1_555 ? ? ? ? ? ? WATSON-CRICK ?     ? ? 
hydrog22 hydrog ? ? A DC 9  N4 ? ? ? 1_555 B DG  4  O6 ? ? B DC 9   C DG  16  1_555 ? ? ? ? ? ? WATSON-CRICK ?     ? ? 
hydrog23 hydrog ? ? A DC 9  O2 ? ? ? 1_555 B DG  4  N2 ? ? B DC 9   C DG  16  1_555 ? ? ? ? ? ? WATSON-CRICK ?     ? ? 
hydrog24 hydrog ? ? A DG 10 N1 ? ? ? 1_555 B DC  3  N3 ? ? B DG 10  C DC  15  1_555 ? ? ? ? ? ? WATSON-CRICK ?     ? ? 
hydrog25 hydrog ? ? A DG 10 N2 ? ? ? 1_555 B DC  3  O2 ? ? B DG 10  C DC  15  1_555 ? ? ? ? ? ? WATSON-CRICK ?     ? ? 
hydrog26 hydrog ? ? A DG 10 O6 ? ? ? 1_555 B DC  3  N4 ? ? B DG 10  C DC  15  1_555 ? ? ? ? ? ? WATSON-CRICK ?     ? ? 
hydrog27 hydrog ? ? A DC 11 N3 ? ? ? 1_555 B DG  2  N1 ? ? B DC 11  C DG  14  1_555 ? ? ? ? ? ? WATSON-CRICK ?     ? ? 
hydrog28 hydrog ? ? A DC 11 N4 ? ? ? 1_555 B DG  2  O6 ? ? B DC 11  C DG  14  1_555 ? ? ? ? ? ? WATSON-CRICK ?     ? ? 
hydrog29 hydrog ? ? A DC 11 O2 ? ? ? 1_555 B DG  2  N2 ? ? B DC 11  C DG  14  1_555 ? ? ? ? ? ? WATSON-CRICK ?     ? ? 
hydrog30 hydrog ? ? A DG 12 N1 ? ? ? 1_555 B DC  1  N3 ? ? B DG 12  C DC  13  1_555 ? ? ? ? ? ? WATSON-CRICK ?     ? ? 
hydrog31 hydrog ? ? A DG 12 N2 ? ? ? 1_555 B DC  1  O2 ? ? B DG 12  C DC  13  1_555 ? ? ? ? ? ? WATSON-CRICK ?     ? ? 
hydrog32 hydrog ? ? A DG 12 O6 ? ? ? 1_555 B DC  1  N4 ? ? B DG 12  C DC  13  1_555 ? ? ? ? ? ? WATSON-CRICK ?     ? ? 
# 
loop_
_struct_conn_type.id 
_struct_conn_type.criteria 
_struct_conn_type.reference 
metalc ? ? 
hydrog ? ? 
# 
_atom_sites.entry_id                    8ED6 
_atom_sites.Cartn_transf_matrix[1][1]   ? 
_atom_sites.Cartn_transf_matrix[1][2]   ? 
_atom_sites.Cartn_transf_matrix[1][3]   ? 
_atom_sites.Cartn_transf_matrix[2][1]   ? 
_atom_sites.Cartn_transf_matrix[2][2]   ? 
_atom_sites.Cartn_transf_matrix[2][3]   ? 
_atom_sites.Cartn_transf_matrix[3][1]   ? 
_atom_sites.Cartn_transf_matrix[3][2]   ? 
_atom_sites.Cartn_transf_matrix[3][3]   ? 
_atom_sites.Cartn_transf_vector[1]      ? 
_atom_sites.Cartn_transf_vector[2]      ? 
_atom_sites.Cartn_transf_vector[3]      ? 
_atom_sites.fract_transf_matrix[1][1]   0.00264149 
_atom_sites.fract_transf_matrix[1][2]   -0.00322507 
_atom_sites.fract_transf_matrix[1][3]   0.03854724 
_atom_sites.fract_transf_matrix[2][1]   -0.00515618 
_atom_sites.fract_transf_matrix[2][2]   -0.02436036 
_atom_sites.fract_transf_matrix[2][3]   -0.00168479 
_atom_sites.fract_transf_matrix[3][1]   0.01488965 
_atom_sites.fract_transf_matrix[3][2]   -0.00306329 
_atom_sites.fract_transf_matrix[3][3]   -0.00127662 
_atom_sites.fract_transf_vector[1]      0.575729 
_atom_sites.fract_transf_vector[2]      0.521243 
_atom_sites.fract_transf_vector[3]      0.133973 
_atom_sites.solution_primary            ? 
_atom_sites.solution_secondary          ? 
_atom_sites.solution_hydrogens          ? 
_atom_sites.special_details             ? 
# 
loop_
_atom_type.symbol 
C  
H  
MG 
N  
O  
P  
# 
loop_
_atom_site.group_PDB 
_atom_site.id 
_atom_site.type_symbol 
_atom_site.label_atom_id 
_atom_site.label_alt_id 
_atom_site.label_comp_id 
_atom_site.label_asym_id 
_atom_site.label_entity_id 
_atom_site.label_seq_id 
_atom_site.pdbx_PDB_ins_code 
_atom_site.Cartn_x 
_atom_site.Cartn_y 
_atom_site.Cartn_z 
_atom_site.occupancy 
_atom_site.B_iso_or_equiv 
_atom_site.pdbx_formal_charge 
_atom_site.auth_seq_id 
_atom_site.auth_comp_id 
_atom_site.auth_asym_id 
_atom_site.auth_atom_id 
_atom_site.pdbx_PDB_model_num 
ATOM   1   O  "O5'"  . DC  A 1 1  ? 13.291  -15.845 2.001   1.00 52.67 ? 1   DC  B "O5'"  1 
ATOM   2   C  "C5'"  . DC  A 1 1  ? 12.312  -15.838 3.025   1.00 27.10 ? 1   DC  B "C5'"  1 
ATOM   3   C  "C4'"  . DC  A 1 1  ? 12.609  -14.768 4.050   1.00 25.19 ? 1   DC  B "C4'"  1 
ATOM   4   O  "O4'"  . DC  A 1 1  ? 13.434  -13.722 3.466   1.00 22.95 ? 1   DC  B "O4'"  1 
ATOM   5   C  "C3'"  . DC  A 1 1  ? 11.395  -14.062 4.607   1.00 28.95 ? 1   DC  B "C3'"  1 
ATOM   6   O  "O3'"  . DC  A 1 1  ? 11.598  -13.780 5.971   1.00 30.01 ? 1   DC  B "O3'"  1 
ATOM   7   C  "C2'"  . DC  A 1 1  ? 11.294  -12.807 3.758   1.00 25.27 ? 1   DC  B "C2'"  1 
ATOM   8   C  "C1'"  . DC  A 1 1  ? 12.769  -12.478 3.532   1.00 20.25 ? 1   DC  B "C1'"  1 
ATOM   9   N  N1     . DC  A 1 1  ? 13.097  -11.747 2.290   1.00 18.40 ? 1   DC  B N1     1 
ATOM   10  C  C2     . DC  A 1 1  ? 14.007  -10.677 2.340   1.00 18.15 ? 1   DC  B C2     1 
ATOM   11  O  O2     . DC  A 1 1  ? 14.450  -10.327 3.435   1.00 21.23 ? 1   DC  B O2     1 
ATOM   12  N  N3     . DC  A 1 1  ? 14.353  -10.063 1.193   1.00 18.22 ? 1   DC  B N3     1 
ATOM   13  C  C4     . DC  A 1 1  ? 13.813  -10.463 0.037   1.00 22.01 ? 1   DC  B C4     1 
ATOM   14  N  N4     . DC  A 1 1  ? 14.162  -9.828  -1.078  1.00 23.81 ? 1   DC  B N4     1 
ATOM   15  C  C5     . DC  A 1 1  ? 12.893  -11.548 -0.027  1.00 18.27 ? 1   DC  B C5     1 
ATOM   16  C  C6     . DC  A 1 1  ? 12.582  -12.160 1.106   1.00 19.52 ? 1   DC  B C6     1 
ATOM   17  H  "H5'"  . DC  A 1 1  ? 12.302  -16.704 3.462   1.00 32.49 ? 1   DC  B "H5'"  1 
ATOM   18  H  "H5''" . DC  A 1 1  ? 11.441  -15.673 2.633   1.00 32.49 ? 1   DC  B "H5''" 1 
ATOM   19  H  "H4'"  . DC  A 1 1  ? 13.106  -15.173 4.778   1.00 30.20 ? 1   DC  B "H4'"  1 
ATOM   20  H  "H3'"  . DC  A 1 1  ? 10.595  -14.597 4.481   1.00 34.71 ? 1   DC  B "H3'"  1 
ATOM   21  H  "H2'"  . DC  A 1 1  ? 10.834  -12.977 2.921   1.00 30.29 ? 1   DC  B "H2'"  1 
ATOM   22  H  "H2''" . DC  A 1 1  ? 10.837  -12.092 4.230   1.00 30.29 ? 1   DC  B "H2''" 1 
ATOM   23  H  "H1'"  . DC  A 1 1  ? 13.069  -11.946 4.287   1.00 24.27 ? 1   DC  B "H1'"  1 
ATOM   24  H  H41    . DC  A 1 1  ? 13.828  -10.068 -1.832  1.00 28.54 ? 1   DC  B H41    1 
ATOM   25  H  H42    . DC  A 1 1  ? 14.724  -9.177  -1.044  1.00 28.54 ? 1   DC  B H42    1 
ATOM   26  H  H5     . DC  A 1 1  ? 12.524  -11.818 -0.837  1.00 21.89 ? 1   DC  B H5     1 
ATOM   27  H  H6     . DC  A 1 1  ? 12.001  -12.886 1.088   1.00 23.40 ? 1   DC  B H6     1 
ATOM   28  H  "HO5'" . DC  A 1 1  ? 13.722  -15.143 1.833   1.00 63.17 ? 1   DC  B "HO5'" 1 
ATOM   29  P  P      . DG  A 1 2  ? 10.370  -13.278 6.867   1.00 33.88 ? 2   DG  B P      1 
ATOM   30  O  OP1    . DG  A 1 2  ? 10.557  -13.862 8.218   1.00 36.01 ? 2   DG  B OP1    1 
ATOM   31  O  OP2    . DG  A 1 2  ? 9.107   -13.475 6.102   1.00 31.24 ? 2   DG  B OP2    1 
ATOM   32  O  "O5'"  . DG  A 1 2  ? 10.592  -11.715 7.001   1.00 28.08 ? 2   DG  B "O5'"  1 
ATOM   33  C  "C5'"  . DG  A 1 2  ? 11.764  -11.227 7.570   1.00 28.84 ? 2   DG  B "C5'"  1 
ATOM   34  C  "C4'"  . DG  A 1 2  ? 11.751  -9.733  7.513   1.00 28.48 ? 2   DG  B "C4'"  1 
ATOM   35  O  "O4'"  . DG  A 1 2  ? 12.068  -9.288  6.189   1.00 27.28 ? 2   DG  B "O4'"  1 
ATOM   36  C  "C3'"  . DG  A 1 2  ? 10.413  -9.119  7.872   1.00 26.33 ? 2   DG  B "C3'"  1 
ATOM   37  O  "O3'"  . DG  A 1 2  ? 10.626  -8.199  8.911   1.00 35.70 ? 2   DG  B "O3'"  1 
ATOM   38  C  "C2'"  . DG  A 1 2  ? 9.919   -8.489  6.570   1.00 26.21 ? 2   DG  B "C2'"  1 
ATOM   39  C  "C1'"  . DG  A 1 2  ? 11.214  -8.254  5.815   1.00 21.70 ? 2   DG  B "C1'"  1 
ATOM   40  N  N9     . DG  A 1 2  ? 11.147  -8.317  4.379   1.00 21.55 ? 2   DG  B N9     1 
ATOM   41  C  C8     . DG  A 1 2  ? 10.518  -9.259  3.599   1.00 22.16 ? 2   DG  B C8     1 
ATOM   42  N  N7     . DG  A 1 2  ? 10.732  -9.094  2.321   1.00 18.58 ? 2   DG  B N7     1 
ATOM   43  C  C5     . DG  A 1 2  ? 11.594  -8.013  2.267   1.00 17.15 ? 2   DG  B C5     1 
ATOM   44  C  C6     . DG  A 1 2  ? 12.163  -7.371  1.161   1.00 16.82 ? 2   DG  B C6     1 
ATOM   45  O  O6     . DG  A 1 2  ? 12.027  -7.654  -0.040  1.00 19.31 ? 2   DG  B O6     1 
ATOM   46  N  N1     . DG  A 1 2  ? 12.981  -6.305  1.551   1.00 17.70 ? 2   DG  B N1     1 
ATOM   47  C  C2     . DG  A 1 2  ? 13.206  -5.925  2.845   1.00 16.61 ? 2   DG  B C2     1 
ATOM   48  N  N2     . DG  A 1 2  ? 14.005  -4.858  3.023   1.00 16.93 ? 2   DG  B N2     1 
ATOM   49  N  N3     . DG  A 1 2  ? 12.650  -6.506  3.890   1.00 16.78 ? 2   DG  B N3     1 
ATOM   50  C  C4     . DG  A 1 2  ? 11.878  -7.551  3.528   1.00 18.65 ? 2   DG  B C4     1 
ATOM   51  H  "H5'"  . DG  A 1 2  ? 12.530  -11.567 7.082   1.00 34.58 ? 2   DG  B "H5'"  1 
ATOM   52  H  "H5''" . DG  A 1 2  ? 11.824  -11.519 8.493   1.00 34.58 ? 2   DG  B "H5''" 1 
ATOM   53  H  "H4'"  . DG  A 1 2  ? 12.434  -9.377  8.104   1.00 34.15 ? 2   DG  B "H4'"  1 
ATOM   54  H  "H3'"  . DG  A 1 2  ? 9.761   -9.792  8.127   1.00 31.57 ? 2   DG  B "H3'"  1 
ATOM   55  H  "H2'"  . DG  A 1 2  ? 9.333   -9.092  6.086   1.00 31.42 ? 2   DG  B "H2'"  1 
ATOM   56  H  "H2''" . DG  A 1 2  ? 9.450   -7.657  6.735   1.00 31.42 ? 2   DG  B "H2''" 1 
ATOM   57  H  "H1'"  . DG  A 1 2  ? 11.537  -7.379  6.080   1.00 26.02 ? 2   DG  B "H1'"  1 
ATOM   58  H  H8     . DG  A 1 2  ? 9.992   -9.944  3.946   1.00 26.56 ? 2   DG  B H8     1 
ATOM   59  H  H1     . DG  A 1 2  ? 13.373  -5.856  0.931   1.00 21.21 ? 2   DG  B H1     1 
ATOM   60  H  H21    . DG  A 1 2  ? 14.150  -4.558  3.816   1.00 20.28 ? 2   DG  B H21    1 
ATOM   61  H  H22    . DG  A 1 2  ? 14.369  -4.475  2.345   1.00 20.28 ? 2   DG  B H22    1 
ATOM   62  P  P      . DC  A 1 3  ? 9.428   -7.433  9.624   1.00 34.61 ? 3   DC  B P      1 
ATOM   63  O  OP1    . DC  A 1 3  ? 9.775   -7.573  11.054  1.00 37.04 ? 3   DC  B OP1    1 
ATOM   64  O  OP2    . DC  A 1 3  ? 8.110   -7.816  9.074   1.00 38.25 ? 3   DC  B OP2    1 
ATOM   65  O  "O5'"  . DC  A 1 3  ? 9.585   -5.947  9.115   1.00 31.24 ? 3   DC  B "O5'"  1 
ATOM   66  C  "C5'"  . DC  A 1 3  ? 10.825  -5.271  9.309   1.00 28.38 ? 3   DC  B "C5'"  1 
ATOM   67  C  "C4'"  . DC  A 1 3  ? 11.002  -4.187  8.277   1.00 18.12 ? 3   DC  B "C4'"  1 
ATOM   68  O  "O4'"  . DC  A 1 3  ? 11.044  -4.777  6.977   1.00 19.44 ? 3   DC  B "O4'"  1 
ATOM   69  C  "C3'"  . DC  A 1 3  ? 9.893   -3.170  8.208   1.00 25.19 ? 3   DC  B "C3'"  1 
ATOM   70  O  "O3'"  . DC  A 1 3  ? 10.182  -2.092  9.021   1.00 31.41 ? 3   DC  B "O3'"  1 
ATOM   71  C  "C2'"  . DC  A 1 3  ? 9.845   -2.762  6.737   1.00 26.19 ? 3   DC  B "C2'"  1 
ATOM   72  C  "C1'"  . DC  A 1 3  ? 10.666  -3.815  6.016   1.00 25.68 ? 3   DC  B "C1'"  1 
ATOM   73  N  N1     . DC  A 1 3  ? 9.968   -4.526  4.947   1.00 20.54 ? 3   DC  B N1     1 
ATOM   74  C  C2     . DC  A 1 3  ? 10.250  -4.224  3.621   1.00 16.27 ? 3   DC  B C2     1 
ATOM   75  O  O2     . DC  A 1 3  ? 11.031  -3.298  3.366   1.00 17.83 ? 3   DC  B O2     1 
ATOM   76  N  N3     . DC  A 1 3  ? 9.642   -4.946  2.642   1.00 19.91 ? 3   DC  B N3     1 
ATOM   77  C  C4     . DC  A 1 3  ? 8.779   -5.915  2.965   1.00 19.42 ? 3   DC  B C4     1 
ATOM   78  N  N4     . DC  A 1 3  ? 8.215   -6.614  1.977   1.00 21.65 ? 3   DC  B N4     1 
ATOM   79  C  C5     . DC  A 1 3  ? 8.499   -6.247  4.318   1.00 24.19 ? 3   DC  B C5     1 
ATOM   80  C  C6     . DC  A 1 3  ? 9.105   -5.530  5.265   1.00 23.27 ? 3   DC  B C6     1 
ATOM   81  H  "H5'"  . DC  A 1 3  ? 11.552  -5.908  9.235   1.00 34.03 ? 3   DC  B "H5'"  1 
ATOM   82  H  "H5''" . DC  A 1 3  ? 10.839  -4.877  10.195  1.00 34.03 ? 3   DC  B "H5''" 1 
ATOM   83  H  "H4'"  . DC  A 1 3  ? 11.838  -3.728  8.453   1.00 21.71 ? 3   DC  B "H4'"  1 
ATOM   84  H  "H3'"  . DC  A 1 3  ? 9.054   -3.588  8.459   1.00 30.20 ? 3   DC  B "H3'"  1 
ATOM   85  H  "H2'"  . DC  A 1 3  ? 8.931   -2.756  6.410   1.00 31.40 ? 3   DC  B "H2'"  1 
ATOM   86  H  "H2''" . DC  A 1 3  ? 10.230  -1.880  6.611   1.00 31.40 ? 3   DC  B "H2''" 1 
ATOM   87  H  "H1'"  . DC  A 1 3  ? 11.449  -3.374  5.651   1.00 30.79 ? 3   DC  B "H1'"  1 
ATOM   88  H  H41    . DC  A 1 3  ? 7.657   -7.243  2.159   1.00 25.96 ? 3   DC  B H41    1 
ATOM   89  H  H42    . DC  A 1 3  ? 8.410   -6.436  1.158   1.00 25.96 ? 3   DC  B H42    1 
ATOM   90  H  H5     . DC  A 1 3  ? 7.916   -6.938  4.536   1.00 29.00 ? 3   DC  B H5     1 
ATOM   91  H  H6     . DC  A 1 3  ? 8.936   -5.720  6.159   1.00 27.89 ? 3   DC  B H6     1 
ATOM   92  P  P      . DG  A 1 4  ? 9.051   -1.001  9.308   1.00 34.22 ? 4   DG  B P      1 
ATOM   93  O  OP1    . DG  A 1 4  ? 9.436   -0.392  10.599  1.00 39.49 ? 4   DG  B OP1    1 
ATOM   94  O  OP2    . DG  A 1 4  ? 7.711   -1.604  9.095   1.00 36.04 ? 4   DG  B OP2    1 
ATOM   95  O  "O5'"  . DG  A 1 4  ? 9.202   0.037   8.120   1.00 26.78 ? 4   DG  B "O5'"  1 
ATOM   96  C  "C5'"  . DG  A 1 4  ? 10.401  0.693   7.910   1.00 28.89 ? 4   DG  B "C5'"  1 
ATOM   97  C  "C4'"  . DG  A 1 4  ? 10.318  1.516   6.654   1.00 30.01 ? 4   DG  B "C4'"  1 
ATOM   98  O  "O4'"  . DG  A 1 4  ? 10.048  0.643   5.526   1.00 29.03 ? 4   DG  B "O4'"  1 
ATOM   99  C  "C3'"  . DG  A 1 4  ? 9.200   2.557   6.675   1.00 31.97 ? 4   DG  B "C3'"  1 
ATOM   100 O  "O3'"  . DG  A 1 4  ? 9.649   3.757   6.064   1.00 35.33 ? 4   DG  B "O3'"  1 
ATOM   101 C  "C2'"  . DG  A 1 4  ? 8.070   1.858   5.913   1.00 29.90 ? 4   DG  B "C2'"  1 
ATOM   102 C  "C1'"  . DG  A 1 4  ? 8.828   0.995   4.907   1.00 29.33 ? 4   DG  B "C1'"  1 
ATOM   103 N  N9     . DG  A 1 4  ? 8.151   -0.241  4.497   1.00 21.79 ? 4   DG  B N9     1 
ATOM   104 C  C8     . DG  A 1 4  ? 7.417   -1.095  5.276   1.00 21.20 ? 4   DG  B C8     1 
ATOM   105 N  N7     . DG  A 1 4  ? 6.965   -2.132  4.633   1.00 24.41 ? 4   DG  B N7     1 
ATOM   106 C  C5     . DG  A 1 4  ? 7.438   -1.959  3.341   1.00 17.59 ? 4   DG  B C5     1 
ATOM   107 C  C6     . DG  A 1 4  ? 7.246   -2.753  2.187   1.00 16.53 ? 4   DG  B C6     1 
ATOM   108 O  O6     . DG  A 1 4  ? 6.624   -3.824  2.077   1.00 21.50 ? 4   DG  B O6     1 
ATOM   109 N  N1     . DG  A 1 4  ? 7.911   -2.206  1.077   1.00 18.19 ? 4   DG  B N1     1 
ATOM   110 C  C2     . DG  A 1 4  ? 8.623   -1.052  1.086   1.00 17.08 ? 4   DG  B C2     1 
ATOM   111 N  N2     . DG  A 1 4  ? 9.178   -0.682  -0.084  1.00 21.09 ? 4   DG  B N2     1 
ATOM   112 N  N3     . DG  A 1 4  ? 8.800   -0.292  2.166   1.00 22.18 ? 4   DG  B N3     1 
ATOM   113 C  C4     . DG  A 1 4  ? 8.176   -0.807  3.245   1.00 21.31 ? 4   DG  B C4     1 
ATOM   114 H  "H5'"  . DG  A 1 4  ? 11.116  0.043   7.824   1.00 34.64 ? 4   DG  B "H5'"  1 
ATOM   115 H  "H5''" . DG  A 1 4  ? 10.590  1.273   8.665   1.00 34.64 ? 4   DG  B "H5''" 1 
ATOM   116 H  "H4'"  . DG  A 1 4  ? 11.163  1.962   6.489   1.00 35.98 ? 4   DG  B "H4'"  1 
ATOM   117 H  "H3'"  . DG  A 1 4  ? 8.903   2.742   7.579   1.00 38.33 ? 4   DG  B "H3'"  1 
ATOM   118 H  "H2'"  . DG  A 1 4  ? 7.530   1.312   6.507   1.00 35.85 ? 4   DG  B "H2'"  1 
ATOM   119 H  "H2''" . DG  A 1 4  ? 7.497   2.500   5.466   1.00 35.85 ? 4   DG  B "H2''" 1 
ATOM   120 H  "H1'"  . DG  A 1 4  ? 8.991   1.530   4.114   1.00 35.17 ? 4   DG  B "H1'"  1 
ATOM   121 H  H8     . DG  A 1 4  ? 7.256   -0.947  6.180   1.00 25.41 ? 4   DG  B H8     1 
ATOM   122 H  H1     . DG  A 1 4  ? 7.864   -2.637  0.334   1.00 21.80 ? 4   DG  B H1     1 
ATOM   123 H  H21    . DG  A 1 4  ? 9.642   0.040   -0.129  1.00 25.28 ? 4   DG  B H21    1 
ATOM   124 H  H22    . DG  A 1 4  ? 9.069   -1.168  -0.784  1.00 25.28 ? 4   DG  B H22    1 
ATOM   125 P  P      . DA  A 1 5  ? 8.649   4.982   5.790   1.00 32.78 ? 5   DA  B P      1 
ATOM   126 O  OP1    . DA  A 1 5  ? 9.447   6.185   6.127   1.00 41.13 ? 5   DA  B OP1    1 
ATOM   127 O  OP2    . DA  A 1 5  ? 7.318   4.710   6.385   1.00 33.22 ? 5   DA  B OP2    1 
ATOM   128 O  "O5'"  . DA  A 1 5  ? 8.451   4.948   4.218   1.00 25.96 ? 5   DA  B "O5'"  1 
ATOM   129 C  "C5'"  . DA  A 1 5  ? 9.584   4.954   3.420   1.00 24.65 ? 5   DA  B "C5'"  1 
ATOM   130 C  "C4'"  . DA  A 1 5  ? 9.243   4.859   1.956   1.00 28.15 ? 5   DA  B "C4'"  1 
ATOM   131 O  "O4'"  . DA  A 1 5  ? 8.653   3.560   1.666   1.00 24.35 ? 5   DA  B "O4'"  1 
ATOM   132 C  "C3'"  . DA  A 1 5  ? 8.252   5.887   1.449   1.00 27.98 ? 5   DA  B "C3'"  1 
ATOM   133 O  "O3'"  . DA  A 1 5  ? 8.697   6.339   0.198   1.00 25.66 ? 5   DA  B "O3'"  1 
ATOM   134 C  "C2'"  . DA  A 1 5  ? 6.924   5.116   1.390   1.00 23.32 ? 5   DA  B "C2'"  1 
ATOM   135 C  "C1'"  . DA  A 1 5  ? 7.378   3.694   1.066   1.00 25.28 ? 5   DA  B "C1'"  1 
ATOM   136 N  N9     . DA  A 1 5  ? 6.541   2.603   1.582   1.00 20.77 ? 5   DA  B N9     1 
ATOM   137 C  C8     . DA  A 1 5  ? 6.115   2.424   2.867   1.00 21.11 ? 5   DA  B C8     1 
ATOM   138 N  N7     . DA  A 1 5  ? 5.417   1.336   3.048   1.00 21.22 ? 5   DA  B N7     1 
ATOM   139 C  C5     . DA  A 1 5  ? 5.416   0.728   1.807   1.00 18.88 ? 5   DA  B C5     1 
ATOM   140 C  C6     . DA  A 1 5  ? 4.842   -0.467  1.335   1.00 16.97 ? 5   DA  B C6     1 
ATOM   141 N  N6     . DA  A 1 5  ? 4.144   -1.307  2.095   1.00 19.82 ? 5   DA  B N6     1 
ATOM   142 N  N1     . DA  A 1 5  ? 5.004   -0.762  0.034   1.00 20.03 ? 5   DA  B N1     1 
ATOM   143 C  C2     . DA  A 1 5  ? 5.706   0.069   -0.732  1.00 18.72 ? 5   DA  B C2     1 
ATOM   144 N  N3     . DA  A 1 5  ? 6.300   1.218   -0.409  1.00 22.29 ? 5   DA  B N3     1 
ATOM   145 C  C4     . DA  A 1 5  ? 6.112   1.490   0.896   1.00 17.36 ? 5   DA  B C4     1 
ATOM   146 H  "H5'"  . DA  A 1 5  ? 10.145  4.200   3.662   1.00 29.56 ? 5   DA  B "H5'"  1 
ATOM   147 H  "H5''" . DA  A 1 5  ? 10.076  5.776   3.577   1.00 29.56 ? 5   DA  B "H5''" 1 
ATOM   148 H  "H4'"  . DA  A 1 5  ? 10.062  4.946   1.444   1.00 33.75 ? 5   DA  B "H4'"  1 
ATOM   149 H  "H3'"  . DA  A 1 5  ? 8.141   6.624   2.069   1.00 33.54 ? 5   DA  B "H3'"  1 
ATOM   150 H  "H2'"  . DA  A 1 5  ? 6.458   5.151   2.239   1.00 27.95 ? 5   DA  B "H2'"  1 
ATOM   151 H  "H2''" . DA  A 1 5  ? 6.344   5.466   0.696   1.00 27.95 ? 5   DA  B "H2''" 1 
ATOM   152 H  "H1'"  . DA  A 1 5  ? 7.418   3.608   0.100   1.00 30.31 ? 5   DA  B "H1'"  1 
ATOM   153 H  H8     . DA  A 1 5  ? 6.304   3.024   3.552   1.00 25.30 ? 5   DA  B H8     1 
ATOM   154 H  H61    . DA  A 1 5  ? 3.808   -2.021  1.751   1.00 23.75 ? 5   DA  B H61    1 
ATOM   155 H  H62    . DA  A 1 5  ? 4.028   -1.138  2.930   1.00 23.75 ? 5   DA  B H62    1 
ATOM   156 H  H2     . DA  A 1 5  ? 5.795   -0.190  -1.622  1.00 22.44 ? 5   DA  B H2     1 
ATOM   157 P  P      . DA  A 1 6  ? 7.907   7.470   -0.618  1.00 27.82 ? 6   DA  B P      1 
ATOM   158 O  OP1    . DA  A 1 6  ? 8.921   8.142   -1.461  1.00 23.84 ? 6   DA  B OP1    1 
ATOM   159 O  OP2    . DA  A 1 6  ? 7.039   8.274   0.281   1.00 29.27 ? 6   DA  B OP2    1 
ATOM   160 O  "O5'"  . DA  A 1 6  ? 6.941   6.618   -1.550  1.00 22.24 ? 6   DA  B "O5'"  1 
ATOM   161 C  "C5'"  . DA  A 1 6  ? 7.472   5.784   -2.535  1.00 24.51 ? 6   DA  B "C5'"  1 
ATOM   162 C  "C4'"  . DA  A 1 6  ? 6.357   5.104   -3.303  1.00 22.63 ? 6   DA  B "C4'"  1 
ATOM   163 O  "O4'"  . DA  A 1 6  ? 5.740   4.106   -2.474  1.00 21.22 ? 6   DA  B "O4'"  1 
ATOM   164 C  "C3'"  . DA  A 1 6  ? 5.242   6.034   -3.779  1.00 20.39 ? 6   DA  B "C3'"  1 
ATOM   165 O  "O3'"  . DA  A 1 6  ? 5.154   5.924   -5.188  1.00 22.29 ? 6   DA  B "O3'"  1 
ATOM   166 C  "C2'"  . DA  A 1 6  ? 3.984   5.542   -3.036  1.00 18.07 ? 6   DA  B "C2'"  1 
ATOM   167 C  "C1'"  . DA  A 1 6  ? 4.335   4.106   -2.681  1.00 19.85 ? 6   DA  B "C1'"  1 
ATOM   168 N  N9     . DA  A 1 6  ? 3.716   3.578   -1.470  1.00 17.27 ? 6   DA  B N9     1 
ATOM   169 C  C8     . DA  A 1 6  ? 3.734   4.122   -0.227  1.00 16.54 ? 6   DA  B C8     1 
ATOM   170 N  N7     . DA  A 1 6  ? 3.123   3.388   0.683   1.00 18.80 ? 6   DA  B N7     1 
ATOM   171 C  C5     . DA  A 1 6  ? 2.722   2.279   -0.008  1.00 15.75 ? 6   DA  B C5     1 
ATOM   172 C  C6     . DA  A 1 6  ? 2.010   1.111   0.389   1.00 16.34 ? 6   DA  B C6     1 
ATOM   173 N  N6     . DA  A 1 6  ? 1.598   0.892   1.632   1.00 19.48 ? 6   DA  B N6     1 
ATOM   174 N  N1     . DA  A 1 6  ? 1.746   0.190   -0.555  1.00 19.17 ? 6   DA  B N1     1 
ATOM   175 C  C2     . DA  A 1 6  ? 2.176   0.420   -1.807  1.00 18.99 ? 6   DA  B C2     1 
ATOM   176 N  N3     . DA  A 1 6  ? 2.833   1.474   -2.292  1.00 19.58 ? 6   DA  B N3     1 
ATOM   177 C  C4     . DA  A 1 6  ? 3.084   2.370   -1.332  1.00 16.18 ? 6   DA  B C4     1 
ATOM   178 H  "H5'"  . DA  A 1 6  ? 8.033   5.112   -2.117  1.00 29.39 ? 6   DA  B "H5'"  1 
ATOM   179 H  "H5''" . DA  A 1 6  ? 8.011   6.311   -3.146  1.00 29.39 ? 6   DA  B "H5''" 1 
ATOM   180 H  "H4'"  . DA  A 1 6  ? 6.728   4.657   -4.080  1.00 27.13 ? 6   DA  B "H4'"  1 
ATOM   181 H  "H3'"  . DA  A 1 6  ? 5.398   6.951   -3.505  1.00 24.44 ? 6   DA  B "H3'"  1 
ATOM   182 H  "H2'"  . DA  A 1 6  ? 3.819   6.070   -2.238  1.00 21.66 ? 6   DA  B "H2'"  1 
ATOM   183 H  "H2''" . DA  A 1 6  ? 3.201   5.581   -3.608  1.00 21.66 ? 6   DA  B "H2''" 1 
ATOM   184 H  "H1'"  . DA  A 1 6  ? 4.077   3.539   -3.425  1.00 23.79 ? 6   DA  B "H1'"  1 
ATOM   185 H  H8     . DA  A 1 6  ? 4.139   4.937   -0.035  1.00 19.82 ? 6   DA  B H8     1 
ATOM   186 H  H61    . DA  A 1 6  ? 1.169   0.170   1.822   1.00 23.35 ? 6   DA  B H61    1 
ATOM   187 H  H62    . DA  A 1 6  ? 1.758   1.471   2.247   1.00 23.35 ? 6   DA  B H62    1 
ATOM   188 H  H2     . DA  A 1 6  ? 1.988   -0.251  -2.422  1.00 22.77 ? 6   DA  B H2     1 
ATOM   189 P  P      . DT  A 1 7  ? 4.094   6.750   -6.050  1.00 21.94 ? 7   DT  B P      1 
ATOM   190 O  OP1    . DT  A 1 7  ? 4.686   6.817   -7.399  1.00 26.26 ? 7   DT  B OP1    1 
ATOM   191 O  OP2    . DT  A 1 7  ? 3.626   7.936   -5.286  1.00 22.91 ? 7   DT  B OP2    1 
ATOM   192 O  "O5'"  . DT  A 1 7  ? 2.860   5.755   -6.133  1.00 19.26 ? 7   DT  B "O5'"  1 
ATOM   193 C  "C5'"  . DT  A 1 7  ? 3.072   4.478   -6.650  1.00 21.38 ? 7   DT  B "C5'"  1 
ATOM   194 C  "C4'"  . DT  A 1 7  ? 1.860   3.608   -6.425  1.00 18.81 ? 7   DT  B "C4'"  1 
ATOM   195 O  "O4'"  . DT  A 1 7  ? 1.667   3.406   -5.025  1.00 19.19 ? 7   DT  B "O4'"  1 
ATOM   196 C  "C3'"  . DT  A 1 7  ? 0.537   4.181   -6.959  1.00 21.70 ? 7   DT  B "C3'"  1 
ATOM   197 O  "O3'"  . DT  A 1 7  ? 0.131   3.410   -8.104  1.00 25.26 ? 7   DT  B "O3'"  1 
ATOM   198 C  "C2'"  . DT  A 1 7  ? -0.431  4.081   -5.759  1.00 20.17 ? 7   DT  B "C2'"  1 
ATOM   199 C  "C1'"  . DT  A 1 7  ? 0.298   3.131   -4.816  1.00 19.67 ? 7   DT  B "C1'"  1 
ATOM   200 N  N1     . DT  A 1 7  ? 0.035   3.280   -3.378  1.00 17.94 ? 7   DT  B N1     1 
ATOM   201 C  C2     . DT  A 1 7  ? -0.542  2.236   -2.699  1.00 20.05 ? 7   DT  B C2     1 
ATOM   202 O  O2     . DT  A 1 7  ? -0.884  1.209   -3.239  1.00 18.86 ? 7   DT  B O2     1 
ATOM   203 N  N3     . DT  A 1 7  ? -0.721  2.448   -1.357  1.00 17.46 ? 7   DT  B N3     1 
ATOM   204 C  C4     . DT  A 1 7  ? -0.374  3.561   -0.634  1.00 15.84 ? 7   DT  B C4     1 
ATOM   205 O  O4     . DT  A 1 7  ? -0.563  3.647   0.583   1.00 19.39 ? 7   DT  B O4     1 
ATOM   206 C  C5     . DT  A 1 7  ? 0.224   4.631   -1.407  1.00 15.29 ? 7   DT  B C5     1 
ATOM   207 C  C7     . DT  A 1 7  ? 0.627   5.901   -0.739  1.00 17.72 ? 7   DT  B C7     1 
ATOM   208 C  C6     . DT  A 1 7  ? 0.403   4.432   -2.728  1.00 16.44 ? 7   DT  B C6     1 
ATOM   209 H  "H5'"  . DT  A 1 7  ? 3.840   4.079   -6.212  1.00 25.62 ? 7   DT  B "H5'"  1 
ATOM   210 H  "H5''" . DT  A 1 7  ? 3.249   4.543   -7.602  1.00 25.62 ? 7   DT  B "H5''" 1 
ATOM   211 H  "H4'"  . DT  A 1 7  ? 2.013   2.745   -6.841  1.00 22.54 ? 7   DT  B "H4'"  1 
ATOM   212 H  "H3'"  . DT  A 1 7  ? 0.621   5.120   -7.188  1.00 26.02 ? 7   DT  B "H3'"  1 
ATOM   213 H  "H2'"  . DT  A 1 7  ? -0.570  4.948   -5.346  1.00 24.17 ? 7   DT  B "H2'"  1 
ATOM   214 H  "H2''" . DT  A 1 7  ? -1.289  3.719   -6.029  1.00 24.17 ? 7   DT  B "H2''" 1 
ATOM   215 H  "H1'"  . DT  A 1 7  ? 0.054   2.224   -5.059  1.00 23.57 ? 7   DT  B "H1'"  1 
ATOM   216 H  H3     . DT  A 1 7  ? -1.091  1.808   -0.918  1.00 20.93 ? 7   DT  B H3     1 
ATOM   217 H  H71    . DT  A 1 7  ? 0.690   5.750   0.216   1.00 21.24 ? 7   DT  B H71    1 
ATOM   218 H  H72    . DT  A 1 7  ? 1.488   6.182   -1.087  1.00 21.24 ? 7   DT  B H72    1 
ATOM   219 H  H73    . DT  A 1 7  ? -0.042  6.580   -0.923  1.00 21.24 ? 7   DT  B H73    1 
ATOM   220 H  H6     . DT  A 1 7  ? 0.796   5.112   -3.226  1.00 19.70 ? 7   DT  B H6     1 
ATOM   221 P  P      . DT  A 1 8  ? -1.123  3.819   -9.009  1.00 25.81 ? 8   DT  B P      1 
ATOM   222 O  OP1    . DT  A 1 8  ? -0.889  3.251   -10.348 1.00 26.44 ? 8   DT  B OP1    1 
ATOM   223 O  OP2    . DT  A 1 8  ? -1.451  5.255   -8.802  1.00 27.79 ? 8   DT  B OP2    1 
ATOM   224 O  "O5'"  . DT  A 1 8  ? -2.318  2.993   -8.363  1.00 26.68 ? 8   DT  B "O5'"  1 
ATOM   225 C  "C5'"  . DT  A 1 8  ? -2.174  1.599   -8.259  1.00 25.28 ? 8   DT  B "C5'"  1 
ATOM   226 C  "C4'"  . DT  A 1 8  ? -3.243  1.002   -7.375  1.00 23.85 ? 8   DT  B "C4'"  1 
ATOM   227 O  "O4'"  . DT  A 1 8  ? -3.051  1.459   -6.034  1.00 22.65 ? 8   DT  B "O4'"  1 
ATOM   228 C  "C3'"  . DT  A 1 8  ? -4.682  1.378   -7.737  1.00 30.73 ? 8   DT  B "C3'"  1 
ATOM   229 O  "O3'"  . DT  A 1 8  ? -5.336  0.221   -8.223  1.00 26.27 ? 8   DT  B "O3'"  1 
ATOM   230 C  "C2'"  . DT  A 1 8  ? -5.289  1.928   -6.427  1.00 27.13 ? 8   DT  B "C2'"  1 
ATOM   231 C  "C1'"  . DT  A 1 8  ? -4.294  1.460   -5.379  1.00 20.95 ? 8   DT  B "C1'"  1 
ATOM   232 N  N1     . DT  A 1 8  ? -4.156  2.317   -4.164  1.00 18.09 ? 8   DT  B N1     1 
ATOM   233 C  C2     . DT  A 1 8  ? -4.459  1.792   -2.942  1.00 19.94 ? 8   DT  B C2     1 
ATOM   234 O  O2     . DT  A 1 8  ? -4.913  0.677   -2.797  1.00 21.35 ? 8   DT  B O2     1 
ATOM   235 N  N3     . DT  A 1 8  ? -4.255  2.631   -1.889  1.00 19.43 ? 8   DT  B N3     1 
ATOM   236 C  C4     . DT  A 1 8  ? -3.780  3.935   -1.934  1.00 15.65 ? 8   DT  B C4     1 
ATOM   237 O  O4     . DT  A 1 8  ? -3.606  4.604   -0.930  1.00 19.25 ? 8   DT  B O4     1 
ATOM   238 C  C5     . DT  A 1 8  ? -3.457  4.423   -3.242  1.00 16.98 ? 8   DT  B C5     1 
ATOM   239 C  C7     . DT  A 1 8  ? -2.916  5.811   -3.412  1.00 19.82 ? 8   DT  B C7     1 
ATOM   240 C  C6     . DT  A 1 8  ? -3.660  3.610   -4.287  1.00 17.88 ? 8   DT  B C6     1 
ATOM   241 H  "H5'"  . DT  A 1 8  ? -1.302  1.396   -7.884  1.00 30.30 ? 8   DT  B "H5'"  1 
ATOM   242 H  "H5''" . DT  A 1 8  ? -2.237  1.206   -9.143  1.00 30.30 ? 8   DT  B "H5''" 1 
ATOM   243 H  "H4'"  . DT  A 1 8  ? -3.165  0.037   -7.396  1.00 28.59 ? 8   DT  B "H4'"  1 
ATOM   244 H  "H3'"  . DT  A 1 8  ? -4.703  2.097   -8.389  1.00 36.84 ? 8   DT  B "H3'"  1 
ATOM   245 H  "H2'"  . DT  A 1 8  ? -5.349  2.896   -6.446  1.00 32.53 ? 8   DT  B "H2'"  1 
ATOM   246 H  "H2''" . DT  A 1 8  ? -6.170  1.559   -6.265  1.00 32.53 ? 8   DT  B "H2''" 1 
ATOM   247 H  "H1'"  . DT  A 1 8  ? -4.557  0.572   -5.087  1.00 25.11 ? 8   DT  B "H1'"  1 
ATOM   248 H  H3     . DT  A 1 8  ? -4.441  2.319   -1.110  1.00 23.28 ? 8   DT  B H3     1 
ATOM   249 H  H71    . DT  A 1 8  ? -2.010  5.757   -3.755  1.00 23.75 ? 8   DT  B H71    1 
ATOM   250 H  H72    . DT  A 1 8  ? -3.477  6.295   -4.037  1.00 23.75 ? 8   DT  B H72    1 
ATOM   251 H  H73    . DT  A 1 8  ? -2.917  6.258   -2.552  1.00 23.75 ? 8   DT  B H73    1 
ATOM   252 H  H6     . DT  A 1 8  ? -3.460  3.926   -5.139  1.00 21.43 ? 8   DT  B H6     1 
ATOM   253 P  P      . DC  A 1 9  ? -6.865  0.262   -8.713  1.00 29.29 ? 9   DC  B P      1 
ATOM   254 O  OP1    . DC  A 1 9  ? -6.968  -0.788  -9.748  1.00 32.65 ? 9   DC  B OP1    1 
ATOM   255 O  OP2    . DC  A 1 9  ? -7.311  1.654   -8.945  1.00 27.62 ? 9   DC  B OP2    1 
ATOM   256 O  "O5'"  . DC  A 1 9  ? -7.664  -0.185  -7.416  1.00 27.33 ? 9   DC  B "O5'"  1 
ATOM   257 C  "C5'"  . DC  A 1 9  ? -7.259  -1.363  -6.753  1.00 27.62 ? 9   DC  B "C5'"  1 
ATOM   258 C  "C4'"  . DC  A 1 9  ? -8.064  -1.562  -5.498  1.00 27.36 ? 9   DC  B "C4'"  1 
ATOM   259 O  "O4'"  . DC  A 1 9  ? -7.699  -0.565  -4.527  1.00 24.76 ? 9   DC  B "O4'"  1 
ATOM   260 C  "C3'"  . DC  A 1 9  ? -9.571  -1.451  -5.682  1.00 30.87 ? 9   DC  B "C3'"  1 
ATOM   261 O  "O3'"  . DC  A 1 9  ? -10.153 -2.654  -5.227  1.00 33.25 ? 9   DC  B "O3'"  1 
ATOM   262 C  "C2'"  . DC  A 1 9  ? -9.985  -0.224  -4.847  1.00 25.80 ? 9   DC  B "C2'"  1 
ATOM   263 C  "C1'"  . DC  A 1 9  ? -8.855  -0.128  -3.839  1.00 25.56 ? 9   DC  B "C1'"  1 
ATOM   264 N  N1     . DC  A 1 9  ? -8.518  1.207   -3.335  1.00 21.51 ? 9   DC  B N1     1 
ATOM   265 C  C2     . DC  A 1 9  ? -8.510  1.463   -1.952  1.00 22.10 ? 9   DC  B C2     1 
ATOM   266 O  O2     . DC  A 1 9  ? -8.951  0.608   -1.168  1.00 21.40 ? 9   DC  B O2     1 
ATOM   267 N  N3     . DC  A 1 9  ? -8.079  2.681   -1.517  1.00 18.33 ? 9   DC  B N3     1 
ATOM   268 C  C4     . DC  A 1 9  ? -7.633  3.578   -2.396  1.00 19.61 ? 9   DC  B C4     1 
ATOM   269 N  N4     . DC  A 1 9  ? -7.201  4.757   -1.935  1.00 18.06 ? 9   DC  B N4     1 
ATOM   270 C  C5     . DC  A 1 9  ? -7.591  3.310   -3.785  1.00 19.81 ? 9   DC  B C5     1 
ATOM   271 C  C6     . DC  A 1 9  ? -8.012  2.123   -4.202  1.00 21.29 ? 9   DC  B C6     1 
ATOM   272 H  "H5'"  . DC  A 1 9  ? -6.318  -1.298  -6.524  1.00 33.11 ? 9   DC  B "H5'"  1 
ATOM   273 H  "H5''" . DC  A 1 9  ? -7.388  -2.124  -7.341  1.00 33.11 ? 9   DC  B "H5''" 1 
ATOM   274 H  "H4'"  . DC  A 1 9  ? -7.863  -2.434  -5.123  1.00 32.81 ? 9   DC  B "H4'"  1 
ATOM   275 H  "H3'"  . DC  A 1 9  ? -9.800  -1.263  -6.605  1.00 37.01 ? 9   DC  B "H3'"  1 
ATOM   276 H  "H2'"  . DC  A 1 9  ? -10.040 0.576   -5.394  1.00 30.93 ? 9   DC  B "H2'"  1 
ATOM   277 H  "H2''" . DC  A 1 9  ? -10.839 -0.364  -4.409  1.00 30.93 ? 9   DC  B "H2''" 1 
ATOM   278 H  "H1'"  . DC  A 1 9  ? -9.104  -0.692  -3.090  1.00 30.64 ? 9   DC  B "H1'"  1 
ATOM   279 H  H41    . DC  A 1 9  ? -6.909  5.352   -2.483  1.00 21.64 ? 9   DC  B H41    1 
ATOM   280 H  H42    . DC  A 1 9  ? -7.216  4.920   -1.091  1.00 21.64 ? 9   DC  B H42    1 
ATOM   281 H  H5     . DC  A 1 9  ? -7.278  3.945   -4.387  1.00 23.75 ? 9   DC  B H5     1 
ATOM   282 H  H6     . DC  A 1 9  ? -7.960  1.914   -5.106  1.00 25.53 ? 9   DC  B H6     1 
ATOM   283 P  P      . DG  A 1 10 ? -11.597 -3.117  -5.732  1.00 35.54 ? 10  DG  B P      1 
ATOM   284 O  OP1    . DG  A 1 10 ? -11.570 -4.593  -5.673  1.00 40.04 ? 10  DG  B OP1    1 
ATOM   285 O  OP2    . DG  A 1 10 ? -12.003 -2.323  -6.924  1.00 34.00 ? 10  DG  B OP2    1 
ATOM   286 O  "O5'"  . DG  A 1 10 ? -12.565 -2.551  -4.605  1.00 31.63 ? 10  DG  B "O5'"  1 
ATOM   287 C  "C5'"  . DG  A 1 10 ? -12.394 -2.973  -3.303  1.00 27.22 ? 10  DG  B "C5'"  1 
ATOM   288 C  "C4'"  . DG  A 1 10 ? -13.139 -2.065  -2.357  1.00 32.89 ? 10  DG  B "C4'"  1 
ATOM   289 O  "O4'"  . DG  A 1 10 ? -12.418 -0.815  -2.222  1.00 28.64 ? 10  DG  B "O4'"  1 
ATOM   290 C  "C3'"  . DG  A 1 10 ? -14.554 -1.668  -2.786  1.00 33.25 ? 10  DG  B "C3'"  1 
ATOM   291 O  "O3'"  . DG  A 1 10 ? -15.330 -1.624  -1.633  1.00 34.05 ? 10  DG  B "O3'"  1 
ATOM   292 C  "C2'"  . DG  A 1 10 ? -14.330 -0.280  -3.377  1.00 29.69 ? 10  DG  B "C2'"  1 
ATOM   293 C  "C1'"  . DG  A 1 10 ? -13.336 0.236   -2.366  1.00 25.01 ? 10  DG  B "C1'"  1 
ATOM   294 N  N9     . DG  A 1 10 ? -12.620 1.457   -2.722  1.00 25.52 ? 10  DG  B N9     1 
ATOM   295 C  C8     . DG  A 1 10 ? -12.282 1.932   -3.972  1.00 25.37 ? 10  DG  B C8     1 
ATOM   296 N  N7     . DG  A 1 10 ? -11.623 3.071   -3.931  1.00 23.47 ? 10  DG  B N7     1 
ATOM   297 C  C5     . DG  A 1 10 ? -11.510 3.344   -2.566  1.00 19.51 ? 10  DG  B C5     1 
ATOM   298 C  C6     . DG  A 1 10 ? -10.906 4.437   -1.892  1.00 18.35 ? 10  DG  B C6     1 
ATOM   299 O  O6     . DG  A 1 10 ? -10.308 5.418   -2.392  1.00 20.03 ? 10  DG  B O6     1 
ATOM   300 N  N1     . DG  A 1 10 ? -11.027 4.308   -0.501  1.00 19.82 ? 10  DG  B N1     1 
ATOM   301 C  C2     . DG  A 1 10 ? -11.669 3.254   0.141   1.00 22.91 ? 10  DG  B C2     1 
ATOM   302 N  N2     . DG  A 1 10 ? -11.702 3.275   1.480   1.00 21.28 ? 10  DG  B N2     1 
ATOM   303 N  N3     . DG  A 1 10 ? -12.233 2.245   -0.489  1.00 23.35 ? 10  DG  B N3     1 
ATOM   304 C  C4     . DG  A 1 10 ? -12.118 2.357   -1.824  1.00 22.05 ? 10  DG  B C4     1 
ATOM   305 H  "H5'"  . DG  A 1 10 ? -11.450 -2.962  -3.082  1.00 32.63 ? 10  DG  B "H5'"  1 
ATOM   306 H  "H5''" . DG  A 1 10 ? -12.731 -3.878  -3.212  1.00 32.63 ? 10  DG  B "H5''" 1 
ATOM   307 H  "H4'"  . DG  A 1 10 ? -13.192 -2.503  -1.493  1.00 39.44 ? 10  DG  B "H4'"  1 
ATOM   308 H  "H3'"  . DG  A 1 10 ? -14.930 -2.257  -3.460  1.00 39.87 ? 10  DG  B "H3'"  1 
ATOM   309 H  "H2'"  . DG  A 1 10 ? -13.959 -0.318  -4.272  1.00 35.60 ? 10  DG  B "H2'"  1 
ATOM   310 H  "H2''" . DG  A 1 10 ? -15.144 0.247   -3.394  1.00 35.60 ? 10  DG  B "H2''" 1 
ATOM   311 H  "H1'"  . DG  A 1 10 ? -13.796 0.426   -1.533  1.00 29.99 ? 10  DG  B "H1'"  1 
ATOM   312 H  H8     . DG  A 1 10 ? -12.498 1.493   -4.763  1.00 30.42 ? 10  DG  B H8     1 
ATOM   313 H  H1     . DG  A 1 10 ? -10.679 4.923   -0.011  1.00 23.76 ? 10  DG  B H1     1 
ATOM   314 H  H21    . DG  A 1 10 ? -12.086 2.637   1.911   1.00 25.51 ? 10  DG  B H21    1 
ATOM   315 H  H22    . DG  A 1 10 ? -11.340 3.925   1.910   1.00 25.51 ? 10  DG  B H22    1 
ATOM   316 P  P      . DC  A 1 11 ? -16.639 -2.535  -1.448  1.00 34.16 ? 11  DC  B P      1 
ATOM   317 O  OP1    . DC  A 1 11 ? -16.200 -3.901  -1.843  1.00 34.01 ? 11  DC  B OP1    1 
ATOM   318 O  OP2    . DC  A 1 11 ? -17.817 -1.879  -2.063  1.00 35.75 ? 11  DC  B OP2    1 
ATOM   319 O  "O5'"  . DC  A 1 11 ? -16.840 -2.432  0.131   1.00 34.14 ? 11  DC  B "O5'"  1 
ATOM   320 C  "C5'"  . DC  A 1 11 ? -15.785 -2.851  0.961   1.00 27.77 ? 11  DC  B "C5'"  1 
ATOM   321 C  "C4'"  . DC  A 1 11 ? -15.531 -1.854  2.079   1.00 28.08 ? 11  DC  B "C4'"  1 
ATOM   322 O  "O4'"  . DC  A 1 11 ? -15.042 -0.635  1.526   1.00 27.11 ? 11  DC  B "O4'"  1 
ATOM   323 C  "C3'"  . DC  A 1 11 ? -16.710 -1.484  2.949   1.00 30.24 ? 11  DC  B "C3'"  1 
ATOM   324 O  "O3'"  . DC  A 1 11 ? -16.303 -1.637  4.305   1.00 32.82 ? 11  DC  B "O3'"  1 
ATOM   325 C  "C2'"  . DC  A 1 11 ? -17.037 -0.025  2.602   1.00 33.79 ? 11  DC  B "C2'"  1 
ATOM   326 C  "C1'"  . DC  A 1 11 ? -15.706 0.488   2.082   1.00 22.38 ? 11  DC  B "C1'"  1 
ATOM   327 N  N1     . DC  A 1 11 ? -15.725 1.485   1.020   1.00 27.05 ? 11  DC  B N1     1 
ATOM   328 C  C2     . DC  A 1 11 ? -15.156 2.733   1.258   1.00 25.20 ? 11  DC  B C2     1 
ATOM   329 O  O2     . DC  A 1 11 ? -14.737 2.995   2.397   1.00 22.34 ? 11  DC  B O2     1 
ATOM   330 N  N3     . DC  A 1 11 ? -15.076 3.615   0.243   1.00 22.02 ? 11  DC  B N3     1 
ATOM   331 C  C4     . DC  A 1 11 ? -15.500 3.283   -0.967  1.00 26.43 ? 11  DC  B C4     1 
ATOM   332 N  N4     . DC  A 1 11 ? -15.389 4.184   -1.936  1.00 28.84 ? 11  DC  B N4     1 
ATOM   333 C  C5     . DC  A 1 11 ? -16.083 2.008   -1.237  1.00 28.81 ? 11  DC  B C5     1 
ATOM   334 C  C6     . DC  A 1 11 ? -16.143 1.139   -0.228  1.00 36.50 ? 11  DC  B C6     1 
ATOM   335 H  "H5'"  . DC  A 1 11 ? -14.980 -2.944  0.428   1.00 33.30 ? 11  DC  B "H5'"  1 
ATOM   336 H  "H5''" . DC  A 1 11 ? -16.009 -3.712  1.348   1.00 33.30 ? 11  DC  B "H5''" 1 
ATOM   337 H  "H4'"  . DC  A 1 11 ? -14.855 -2.229  2.664   1.00 33.67 ? 11  DC  B "H4'"  1 
ATOM   338 H  "H3'"  . DC  A 1 11 ? -17.486 -2.020  2.724   1.00 36.26 ? 11  DC  B "H3'"  1 
ATOM   339 H  "H2'"  . DC  A 1 11 ? -17.728 0.031   1.923   1.00 40.52 ? 11  DC  B "H2'"  1 
ATOM   340 H  "H2''" . DC  A 1 11 ? -17.325 0.470   3.386   1.00 40.52 ? 11  DC  B "H2''" 1 
ATOM   341 H  "H1'"  . DC  A 1 11 ? -15.253 0.865   2.852   1.00 26.83 ? 11  DC  B "H1'"  1 
ATOM   342 H  H41    . DC  A 1 11 ? -15.656 3.995   -2.731  1.00 34.58 ? 11  DC  B H41    1 
ATOM   343 H  H42    . DC  A 1 11 ? -15.049 4.956   -1.768  1.00 34.58 ? 11  DC  B H42    1 
ATOM   344 H  H5     . DC  A 1 11 ? -16.407 1.794   -2.081  1.00 34.54 ? 11  DC  B H5     1 
ATOM   345 H  H6     . DC  A 1 11 ? -16.476 0.283   -0.379  1.00 43.77 ? 11  DC  B H6     1 
ATOM   346 P  P      . DG  A 1 12 ? -17.403 -1.676  5.470   1.00 42.46 ? 12  DG  B P      1 
ATOM   347 O  OP1    . DG  A 1 12 ? -16.643 -2.174  6.641   1.00 44.53 ? 12  DG  B OP1    1 
ATOM   348 O  OP2    . DG  A 1 12 ? -18.640 -2.336  5.002   1.00 46.53 ? 12  DG  B OP2    1 
ATOM   349 O  "O5'"  . DG  A 1 12 ? -17.790 -0.157  5.734   1.00 36.17 ? 12  DG  B "O5'"  1 
ATOM   350 C  "C5'"  . DG  A 1 12 ? -16.921 0.707   6.443   1.00 33.18 ? 12  DG  B "C5'"  1 
ATOM   351 C  "C4'"  . DG  A 1 12 ? -17.548 2.090   6.556   1.00 24.15 ? 12  DG  B "C4'"  1 
ATOM   352 O  "O4'"  . DG  A 1 12 ? -17.388 2.827   5.348   1.00 27.39 ? 12  DG  B "O4'"  1 
ATOM   353 C  "C3'"  . DG  A 1 12 ? -19.042 2.088   6.867   1.00 25.29 ? 12  DG  B "C3'"  1 
ATOM   354 O  "O3'"  . DG  A 1 12 ? -19.257 2.455   8.214   1.00 28.77 ? 12  DG  B "O3'"  1 
ATOM   355 C  "C2'"  . DG  A 1 12 ? -19.679 3.081   5.892   1.00 26.05 ? 12  DG  B "C2'"  1 
ATOM   356 C  "C1'"  . DG  A 1 12 ? -18.510 3.665   5.110   1.00 23.60 ? 12  DG  B "C1'"  1 
ATOM   357 N  N9     . DG  A 1 12 ? -18.650 3.771   3.674   1.00 25.61 ? 12  DG  B N9     1 
ATOM   358 C  C8     . DG  A 1 12 ? -18.973 2.779   2.771   1.00 30.84 ? 12  DG  B C8     1 
ATOM   359 N  N7     . DG  A 1 12 ? -18.839 3.155   1.525   1.00 29.69 ? 12  DG  B N7     1 
ATOM   360 C  C5     . DG  A 1 12 ? -18.305 4.435   1.618   1.00 24.01 ? 12  DG  B C5     1 
ATOM   361 C  C6     . DG  A 1 12 ? -17.911 5.351   0.603   1.00 24.15 ? 12  DG  B C6     1 
ATOM   362 O  O6     . DG  A 1 12 ? -17.995 5.224   -0.627  1.00 27.43 ? 12  DG  B O6     1 
ATOM   363 N  N1     . DG  A 1 12 ? -17.417 6.538   1.141   1.00 24.10 ? 12  DG  B N1     1 
ATOM   364 C  C2     . DG  A 1 12 ? -17.299 6.802   2.486   1.00 21.21 ? 12  DG  B C2     1 
ATOM   365 N  N2     . DG  A 1 12 ? -16.807 8.001   2.815   1.00 20.10 ? 12  DG  B N2     1 
ATOM   366 N  N3     . DG  A 1 12 ? -17.665 5.953   3.442   1.00 19.75 ? 12  DG  B N3     1 
ATOM   367 C  C4     . DG  A 1 12 ? -18.156 4.801   2.935   1.00 22.75 ? 12  DG  B C4     1 
ATOM   368 H  "H5'"  . DG  A 1 12 ? -16.076 0.771   5.972   1.00 39.79 ? 12  DG  B "H5'"  1 
ATOM   369 H  "H5''" . DG  A 1 12 ? -16.763 0.348   7.330   1.00 39.79 ? 12  DG  B "H5''" 1 
ATOM   370 H  "H4'"  . DG  A 1 12 ? -17.082 2.583   7.249   1.00 28.95 ? 12  DG  B "H4'"  1 
ATOM   371 H  "H3'"  . DG  A 1 12 ? -19.398 1.207   6.675   1.00 30.31 ? 12  DG  B "H3'"  1 
ATOM   372 H  "HO3'" . DG  A 1 12 ? -19.609 1.910   8.746   1.00 34.50 ? 12  DG  B "HO3'" 1 
ATOM   373 H  "H2'"  . DG  A 1 12 ? -20.298 2.631   5.297   1.00 31.23 ? 12  DG  B "H2'"  1 
ATOM   374 H  "H2''" . DG  A 1 12 ? -20.153 3.779   6.371   1.00 31.23 ? 12  DG  B "H2''" 1 
ATOM   375 H  "H1'"  . DG  A 1 12 ? -18.376 4.557   5.469   1.00 28.29 ? 12  DG  B "H1'"  1 
ATOM   376 H  H8     . DG  A 1 12 ? -19.255 1.929   3.022   1.00 36.98 ? 12  DG  B H8     1 
ATOM   377 H  H1     . DG  A 1 12 ? -17.168 7.151   0.591   1.00 28.89 ? 12  DG  B H1     1 
ATOM   378 H  H21    . DG  A 1 12 ? -16.727 8.221   3.642   1.00 24.10 ? 12  DG  B H21    1 
ATOM   379 H  H22    . DG  A 1 12 ? -16.569 8.553   2.199   1.00 24.10 ? 12  DG  B H22    1 
ATOM   380 O  "O5'"  . DC  B 1 1  ? -15.596 13.400  -4.023  1.00 47.88 ? 13  DC  C "O5'"  1 
ATOM   381 C  "C5'"  . DC  B 1 1  ? -16.305 14.284  -3.172  1.00 31.09 ? 13  DC  C "C5'"  1 
ATOM   382 C  "C4'"  . DC  B 1 1  ? -15.893 14.093  -1.721  1.00 28.37 ? 13  DC  C "C4'"  1 
ATOM   383 O  "O4'"  . DC  B 1 1  ? -16.345 12.787  -1.252  1.00 25.96 ? 13  DC  C "O4'"  1 
ATOM   384 C  "C3'"  . DC  B 1 1  ? -14.395 14.141  -1.470  1.00 33.83 ? 13  DC  C "C3'"  1 
ATOM   385 O  "O3'"  . DC  B 1 1  ? -14.136 14.858  -0.271  1.00 33.42 ? 13  DC  C "O3'"  1 
ATOM   386 C  "C2'"  . DC  B 1 1  ? -13.989 12.661  -1.387  1.00 25.13 ? 13  DC  C "C2'"  1 
ATOM   387 C  "C1'"  . DC  B 1 1  ? -15.256 12.003  -0.809  1.00 26.10 ? 13  DC  C "C1'"  1 
ATOM   388 N  N1     . DC  B 1 1  ? -15.547 10.615  -1.278  1.00 24.81 ? 13  DC  C N1     1 
ATOM   389 C  C2     . DC  B 1 1  ? -15.969 9.621   -0.364  1.00 21.29 ? 13  DC  C C2     1 
ATOM   390 O  O2     . DC  B 1 1  ? -16.011 9.875   0.829   1.00 25.83 ? 13  DC  C O2     1 
ATOM   391 N  N3     . DC  B 1 1  ? -16.284 8.405   -0.826  1.00 25.19 ? 13  DC  C N3     1 
ATOM   392 C  C4     . DC  B 1 1  ? -16.208 8.148   -2.130  1.00 34.53 ? 13  DC  C C4     1 
ATOM   393 N  N4     . DC  B 1 1  ? -16.518 6.919   -2.541  1.00 25.37 ? 13  DC  C N4     1 
ATOM   394 C  C5     . DC  B 1 1  ? -15.815 9.140   -3.075  1.00 35.75 ? 13  DC  C C5     1 
ATOM   395 C  C6     . DC  B 1 1  ? -15.520 10.351  -2.611  1.00 33.13 ? 13  DC  C C6     1 
ATOM   396 H  "H5'"  . DC  B 1 1  ? -17.256 14.114  -3.257  1.00 37.28 ? 13  DC  C "H5'"  1 
ATOM   397 H  "H5''" . DC  B 1 1  ? -16.121 15.198  -3.438  1.00 37.28 ? 13  DC  C "H5''" 1 
ATOM   398 H  "H4'"  . DC  B 1 1  ? -16.319 14.775  -1.178  1.00 34.02 ? 13  DC  C "H4'"  1 
ATOM   399 H  "H3'"  . DC  B 1 1  ? -13.934 14.550  -2.218  1.00 40.57 ? 13  DC  C "H3'"  1 
ATOM   400 H  "H2'"  . DC  B 1 1  ? -13.773 12.305  -2.262  1.00 30.13 ? 13  DC  C "H2'"  1 
ATOM   401 H  "H2''" . DC  B 1 1  ? -13.227 12.537  -0.799  1.00 30.13 ? 13  DC  C "H2''" 1 
ATOM   402 H  "H1'"  . DC  B 1 1  ? -15.161 12.006  0.156   1.00 31.29 ? 13  DC  C "H1'"  1 
ATOM   403 H  H41    . DC  B 1 1  ? -16.478 6.723   -3.378  1.00 30.41 ? 13  DC  C H41    1 
ATOM   404 H  H42    . DC  B 1 1  ? -16.759 6.323   -1.970  1.00 30.41 ? 13  DC  C H42    1 
ATOM   405 H  H5     . DC  B 1 1  ? -15.766 8.948   -3.984  1.00 42.87 ? 13  DC  C H5     1 
ATOM   406 H  H6     . DC  B 1 1  ? -15.292 11.026  -3.207  1.00 39.73 ? 13  DC  C H6     1 
ATOM   407 H  "HO5'" . DC  B 1 1  ? -16.018 12.864  -4.514  1.00 57.43 ? 13  DC  C "HO5'" 1 
ATOM   408 P  P      . DG  B 1 2  ? -12.638 15.318  0.091   1.00 35.10 ? 14  DG  C P      1 
ATOM   409 O  OP1    . DG  B 1 2  ? -12.733 16.657  0.734   1.00 46.10 ? 14  DG  C OP1    1 
ATOM   410 O  OP2    . DG  B 1 2  ? -11.840 15.070  -1.121  1.00 37.23 ? 14  DG  C OP2    1 
ATOM   411 O  "O5'"  . DG  B 1 2  ? -12.197 14.221  1.164   1.00 28.32 ? 14  DG  C "O5'"  1 
ATOM   412 C  "C5'"  . DG  B 1 2  ? -12.998 14.104  2.304   1.00 26.21 ? 14  DG  C "C5'"  1 
ATOM   413 C  "C4'"  . DG  B 1 2  ? -12.652 12.896  3.115   1.00 22.67 ? 14  DG  C "C4'"  1 
ATOM   414 O  "O4'"  . DG  B 1 2  ? -13.150 11.731  2.414   1.00 24.08 ? 14  DG  C "O4'"  1 
ATOM   415 C  "C3'"  . DG  B 1 2  ? -11.162 12.670  3.347   1.00 19.04 ? 14  DG  C "C3'"  1 
ATOM   416 O  "O3'"  . DG  B 1 2  ? -10.923 12.636  4.728   1.00 20.69 ? 14  DG  C "O3'"  1 
ATOM   417 C  "C2'"  . DG  B 1 2  ? -10.856 11.328  2.657   1.00 24.22 ? 14  DG  C "C2'"  1 
ATOM   418 C  "C1'"  . DG  B 1 2  ? -12.231 10.676  2.527   1.00 23.91 ? 14  DG  C "C1'"  1 
ATOM   419 N  N9     . DG  B 1 2  ? -12.390 9.808   1.363   1.00 17.60 ? 14  DG  C N9     1 
ATOM   420 C  C8     . DG  B 1 2  ? -12.079 10.104  0.060   1.00 25.96 ? 14  DG  C C8     1 
ATOM   421 N  N7     . DG  B 1 2  ? -12.336 9.136   -0.772  1.00 24.14 ? 14  DG  C N7     1 
ATOM   422 C  C5     . DG  B 1 2  ? -12.862 8.136   0.025   1.00 18.48 ? 14  DG  C C5     1 
ATOM   423 C  C6     . DG  B 1 2  ? -13.309 6.834   -0.326  1.00 20.19 ? 14  DG  C C6     1 
ATOM   424 O  O6     . DG  B 1 2  ? -13.344 6.326   -1.443  1.00 21.47 ? 14  DG  C O6     1 
ATOM   425 N  N1     . DG  B 1 2  ? -13.744 6.121   0.774   1.00 18.93 ? 14  DG  C N1     1 
ATOM   426 C  C2     . DG  B 1 2  ? -13.768 6.595   2.059   1.00 18.09 ? 14  DG  C C2     1 
ATOM   427 N  N2     . DG  B 1 2  ? -14.235 5.741   2.985   1.00 18.50 ? 14  DG  C N2     1 
ATOM   428 N  N3     . DG  B 1 2  ? -13.343 7.826   2.417   1.00 17.40 ? 14  DG  C N3     1 
ATOM   429 C  C4     . DG  B 1 2  ? -12.899 8.524   1.347   1.00 17.91 ? 14  DG  C C4     1 
ATOM   430 H  "H5'"  . DG  B 1 2  ? -13.927 14.044  2.031   1.00 31.42 ? 14  DG  C "H5'"  1 
ATOM   431 H  "H5''" . DG  B 1 2  ? -12.881 14.894  2.853   1.00 31.42 ? 14  DG  C "H5''" 1 
ATOM   432 H  "H4'"  . DG  B 1 2  ? -13.074 12.946  3.987   1.00 27.18 ? 14  DG  C "H4'"  1 
ATOM   433 H  "H3'"  . DG  B 1 2  ? -10.640 13.360  2.909   1.00 22.82 ? 14  DG  C "H3'"  1 
ATOM   434 H  "H2'"  . DG  B 1 2  ? -10.451 11.467  1.786   1.00 29.04 ? 14  DG  C "H2'"  1 
ATOM   435 H  "H2''" . DG  B 1 2  ? -10.262 10.786  3.199   1.00 29.04 ? 14  DG  C "H2''" 1 
ATOM   436 H  "H1'"  . DG  B 1 2  ? -12.406 10.158  3.328   1.00 28.66 ? 14  DG  C "H1'"  1 
ATOM   437 H  H8     . DG  B 1 2  ? -11.718 10.920  -0.206  1.00 31.12 ? 14  DG  C H8     1 
ATOM   438 H  H1     . DG  B 1 2  ? -14.023 5.318   0.642   1.00 22.69 ? 14  DG  C H1     1 
ATOM   439 H  H21    . DG  B 1 2  ? -14.264 5.977   3.811   1.00 22.17 ? 14  DG  C H21    1 
ATOM   440 H  H22    . DG  B 1 2  ? -14.504 4.959   2.750   1.00 22.17 ? 14  DG  C H22    1 
ATOM   441 P  P      . DC  B 1 3  ? -9.434  12.478  5.311   1.00 23.88 ? 15  DC  C P      1 
ATOM   442 O  OP1    . DC  B 1 3  ? -9.458  13.276  6.565   1.00 26.69 ? 15  DC  C OP1    1 
ATOM   443 O  OP2    . DC  B 1 3  ? -8.417  12.752  4.263   1.00 26.88 ? 15  DC  C OP2    1 
ATOM   444 O  "O5'"  . DC  B 1 3  ? -9.347  10.953  5.710   1.00 20.76 ? 15  DC  C "O5'"  1 
ATOM   445 C  "C5'"  . DC  B 1 3  ? -10.324 10.407  6.585   1.00 22.76 ? 15  DC  C "C5'"  1 
ATOM   446 C  "C4'"  . DC  B 1 3  ? -10.421 8.914   6.408   1.00 19.84 ? 15  DC  C "C4'"  1 
ATOM   447 O  "O4'"  . DC  B 1 3  ? -10.789 8.628   5.058   1.00 19.65 ? 15  DC  C "O4'"  1 
ATOM   448 C  "C3'"  . DC  B 1 3  ? -9.114  8.179   6.606   1.00 19.88 ? 15  DC  C "C3'"  1 
ATOM   449 O  "O3'"  . DC  B 1 3  ? -8.939  7.834   7.957   1.00 23.78 ? 15  DC  C "O3'"  1 
ATOM   450 C  "C2'"  . DC  B 1 3  ? -9.244  6.948   5.711   1.00 25.01 ? 15  DC  C "C2'"  1 
ATOM   451 C  "C1'"  . DC  B 1 3  ? -10.352 7.308   4.736   1.00 17.06 ? 15  DC  C "C1'"  1 
ATOM   452 N  N1     . DC  B 1 3  ? -9.936  7.328   3.318   1.00 18.93 ? 15  DC  C N1     1 
ATOM   453 C  C2     . DC  B 1 3  ? -10.294 6.281   2.477   1.00 16.67 ? 15  DC  C C2     1 
ATOM   454 O  O2     . DC  B 1 3  ? -10.911 5.316   2.950   1.00 18.99 ? 15  DC  C O2     1 
ATOM   455 N  N3     . DC  B 1 3  ? -9.966  6.354   1.167   1.00 16.80 ? 15  DC  C N3     1 
ATOM   456 C  C4     . DC  B 1 3  ? -9.288  7.403   0.707   1.00 21.16 ? 15  DC  C C4     1 
ATOM   457 N  N4     . DC  B 1 3  ? -8.982  7.436   -0.588  1.00 20.61 ? 15  DC  C N4     1 
ATOM   458 C  C5     . DC  B 1 3  ? -8.900  8.470   1.555   1.00 20.61 ? 15  DC  C C5     1 
ATOM   459 C  C6     . DC  B 1 3  ? -9.251  8.396   2.838   1.00 20.32 ? 15  DC  C C6     1 
ATOM   460 H  "H5'"  . DC  B 1 3  ? -11.186 10.808  6.393   1.00 27.28 ? 15  DC  C "H5'"  1 
ATOM   461 H  "H5''" . DC  B 1 3  ? -10.079 10.606  7.502   1.00 27.28 ? 15  DC  C "H5''" 1 
ATOM   462 H  "H4'"  . DC  B 1 3  ? -11.093 8.563   7.014   1.00 23.78 ? 15  DC  C "H4'"  1 
ATOM   463 H  "H3'"  . DC  B 1 3  ? -8.380  8.733   6.296   1.00 23.83 ? 15  DC  C "H3'"  1 
ATOM   464 H  "H2'"  . DC  B 1 3  ? -8.413  6.774   5.240   1.00 29.99 ? 15  DC  C "H2'"  1 
ATOM   465 H  "H2''" . DC  B 1 3  ? -9.482  6.165   6.231   1.00 29.99 ? 15  DC  C "H2''" 1 
ATOM   466 H  "H1'"  . DC  B 1 3  ? -11.076 6.675   4.863   1.00 20.44 ? 15  DC  C "H1'"  1 
ATOM   467 H  H41    . DC  B 1 3  ? -8.545  8.103   -0.909  1.00 24.70 ? 15  DC  C H41    1 
ATOM   468 H  H42    . DC  B 1 3  ? -9.223  6.791   -1.102  1.00 24.70 ? 15  DC  C H42    1 
ATOM   469 H  H5     . DC  B 1 3  ? -8.419  9.195   1.227   1.00 24.71 ? 15  DC  C H5     1 
ATOM   470 H  H6     . DC  B 1 3  ? -9.023  9.089   3.414   1.00 24.36 ? 15  DC  C H6     1 
ATOM   471 P  P      . DG  B 1 4  ? -7.523  7.259   8.455   1.00 27.49 ? 16  DG  C P      1 
ATOM   472 O  OP1    . DG  B 1 4  ? -7.438  7.577   9.894   1.00 34.66 ? 16  DG  C OP1    1 
ATOM   473 O  OP2    . DG  B 1 4  ? -6.452  7.660   7.522   1.00 29.17 ? 16  DG  C OP2    1 
ATOM   474 O  "O5'"  . DG  B 1 4  ? -7.656  5.686   8.293   1.00 22.93 ? 16  DG  C "O5'"  1 
ATOM   475 C  "C5'"  . DG  B 1 4  ? -8.665  4.977   8.961   1.00 25.08 ? 16  DG  C "C5'"  1 
ATOM   476 C  "C4'"  . DG  B 1 4  ? -8.732  3.551   8.456   1.00 26.88 ? 16  DG  C "C4'"  1 
ATOM   477 O  "O4'"  . DG  B 1 4  ? -8.928  3.568   7.016   1.00 25.02 ? 16  DG  C "O4'"  1 
ATOM   478 C  "C3'"  . DG  B 1 4  ? -7.488  2.687   8.678   1.00 27.77 ? 16  DG  C "C3'"  1 
ATOM   479 O  "O3'"  . DG  B 1 4  ? -7.902  1.369   8.903   1.00 28.59 ? 16  DG  C "O3'"  1 
ATOM   480 C  "C2'"  . DG  B 1 4  ? -6.708  2.863   7.389   1.00 26.39 ? 16  DG  C "C2'"  1 
ATOM   481 C  "C1'"  . DG  B 1 4  ? -7.822  2.949   6.360   1.00 25.46 ? 16  DG  C "C1'"  1 
ATOM   482 N  N9     . DG  B 1 4  ? -7.457  3.724   5.169   1.00 21.07 ? 16  DG  C N9     1 
ATOM   483 C  C8     . DG  B 1 4  ? -6.708  4.874   5.103   1.00 18.25 ? 16  DG  C C8     1 
ATOM   484 N  N7     . DG  B 1 4  ? -6.552  5.327   3.894   1.00 20.33 ? 16  DG  C N7     1 
ATOM   485 C  C5     . DG  B 1 4  ? -7.195  4.396   3.103   1.00 18.46 ? 16  DG  C C5     1 
ATOM   486 C  C6     . DG  B 1 4  ? -7.345  4.343   1.701   1.00 17.08 ? 16  DG  C C6     1 
ATOM   487 O  O6     . DG  B 1 4  ? -6.904  5.127   0.847   1.00 18.73 ? 16  DG  C O6     1 
ATOM   488 N  N1     . DG  B 1 4  ? -8.070  3.222   1.314   1.00 18.07 ? 16  DG  C N1     1 
ATOM   489 C  C2     . DG  B 1 4  ? -8.607  2.289   2.174   1.00 21.15 ? 16  DG  C C2     1 
ATOM   490 N  N2     . DG  B 1 4  ? -9.261  1.286   1.613   1.00 19.64 ? 16  DG  C N2     1 
ATOM   491 N  N3     . DG  B 1 4  ? -8.484  2.330   3.484   1.00 19.39 ? 16  DG  C N3     1 
ATOM   492 C  C4     . DG  B 1 4  ? -7.757  3.403   3.874   1.00 21.42 ? 16  DG  C C4     1 
ATOM   493 H  "H5'"  . DG  B 1 4  ? -9.519  5.412   8.809   1.00 30.06 ? 16  DG  C "H5'"  1 
ATOM   494 H  "H5''" . DG  B 1 4  ? -8.480  4.973   9.913   1.00 30.06 ? 16  DG  C "H5''" 1 
ATOM   495 H  "H4'"  . DG  B 1 4  ? -9.480  3.111   8.890   1.00 32.23 ? 16  DG  C "H4'"  1 
ATOM   496 H  "H3'"  . DG  B 1 4  ? -6.945  3.011   9.413   1.00 33.29 ? 16  DG  C "H3'"  1 
ATOM   497 H  "H2'"  . DG  B 1 4  ? -6.174  3.673   7.403   1.00 31.64 ? 16  DG  C "H2'"  1 
ATOM   498 H  "H2''" . DG  B 1 4  ? -6.126  2.105   7.219   1.00 31.64 ? 16  DG  C "H2''" 1 
ATOM   499 H  "H1'"  . DG  B 1 4  ? -8.088  2.058   6.083   1.00 30.53 ? 16  DG  C "H1'"  1 
ATOM   500 H  H8     . DG  B 1 4  ? -6.346  5.289   5.852   1.00 21.88 ? 16  DG  C H8     1 
ATOM   501 H  H1     . DG  B 1 4  ? -8.194  3.102   0.472   1.00 21.65 ? 16  DG  C H1     1 
ATOM   502 H  H21    . DG  B 1 4  ? -9.602  0.667   2.104   1.00 23.54 ? 16  DG  C H21    1 
ATOM   503 H  H22    . DG  B 1 4  ? -9.345  1.251   0.758   1.00 23.54 ? 16  DG  C H22    1 
ATOM   504 P  P      . DA  B 1 5  ? -6.898  0.118   8.856   1.00 30.45 ? 17  DA  C P      1 
ATOM   505 O  OP1    . DA  B 1 5  ? -7.414  -0.833  9.867   1.00 30.75 ? 17  DA  C OP1    1 
ATOM   506 O  OP2    . DA  B 1 5  ? -5.472  0.522   8.822   1.00 32.66 ? 17  DA  C OP2    1 
ATOM   507 O  "O5'"  . DA  B 1 5  ? -7.257  -0.568  7.471   1.00 28.53 ? 17  DA  C "O5'"  1 
ATOM   508 C  "C5'"  . DA  B 1 5  ? -8.584  -0.849  7.171   1.00 30.10 ? 17  DA  C "C5'"  1 
ATOM   509 C  "C4'"  . DA  B 1 5  ? -8.667  -1.601  5.870   1.00 28.08 ? 17  DA  C "C4'"  1 
ATOM   510 O  "O4'"  . DA  B 1 5  ? -8.184  -0.768  4.787   1.00 27.98 ? 17  DA  C "O4'"  1 
ATOM   511 C  "C3'"  . DA  B 1 5  ? -7.834  -2.864  5.826   1.00 29.60 ? 17  DA  C "C3'"  1 
ATOM   512 O  "O3'"  . DA  B 1 5  ? -8.551  -3.865  5.127   1.00 31.84 ? 17  DA  C "O3'"  1 
ATOM   513 C  "C2'"  . DA  B 1 5  ? -6.542  -2.414  5.129   1.00 25.56 ? 17  DA  C "C2'"  1 
ATOM   514 C  "C1'"  . DA  B 1 5  ? -7.047  -1.365  4.156   1.00 24.10 ? 17  DA  C "C1'"  1 
ATOM   515 N  N9     . DA  B 1 5  ? -6.155  -0.243  3.853   1.00 20.08 ? 17  DA  C N9     1 
ATOM   516 C  C8     . DA  B 1 5  ? -5.528  0.563   4.744   1.00 17.74 ? 17  DA  C C8     1 
ATOM   517 N  N7     . DA  B 1 5  ? -4.878  1.564   4.198   1.00 19.50 ? 17  DA  C N7     1 
ATOM   518 C  C5     . DA  B 1 5  ? -5.130  1.416   2.849   1.00 18.73 ? 17  DA  C C5     1 
ATOM   519 C  C6     . DA  B 1 5  ? -4.723  2.159   1.728   1.00 16.13 ? 17  DA  C C6     1 
ATOM   520 N  N6     . DA  B 1 5  ? -3.955  3.261   1.809   1.00 18.45 ? 17  DA  C N6     1 
ATOM   521 N  N1     . DA  B 1 5  ? -5.125  1.725   0.510   1.00 17.32 ? 17  DA  C N1     1 
ATOM   522 C  C2     . DA  B 1 5  ? -5.911  0.640   0.441   1.00 18.27 ? 17  DA  C C2     1 
ATOM   523 N  N3     . DA  B 1 5  ? -6.357  -0.141  1.429   1.00 21.46 ? 17  DA  C N3     1 
ATOM   524 C  C4     . DA  B 1 5  ? -5.923  0.314   2.620   1.00 19.99 ? 17  DA  C C4     1 
ATOM   525 H  "H5'"  . DA  B 1 5  ? -9.081  -0.020  7.097   1.00 36.09 ? 17  DA  C "H5'"  1 
ATOM   526 H  "H5''" . DA  B 1 5  ? -8.970  -1.386  7.880   1.00 36.09 ? 17  DA  C "H5''" 1 
ATOM   527 H  "H4'"  . DA  B 1 5  ? -9.593  -1.824  5.689   1.00 33.67 ? 17  DA  C "H4'"  1 
ATOM   528 H  "H3'"  . DA  B 1 5  ? -7.605  -3.174  6.716   1.00 35.49 ? 17  DA  C "H3'"  1 
ATOM   529 H  "H2'"  . DA  B 1 5  ? -5.913  -2.034  5.762   1.00 30.65 ? 17  DA  C "H2'"  1 
ATOM   530 H  "H2''" . DA  B 1 5  ? -6.117  -3.151  4.664   1.00 30.65 ? 17  DA  C "H2''" 1 
ATOM   531 H  "H1'"  . DA  B 1 5  ? -7.257  -1.834  3.333   1.00 28.89 ? 17  DA  C "H1'"  1 
ATOM   532 H  H8     . DA  B 1 5  ? -5.554  0.419   5.662   1.00 21.26 ? 17  DA  C H8     1 
ATOM   533 H  H61    . DA  B 1 5  ? -3.726  3.680   1.094   1.00 22.12 ? 17  DA  C H61    1 
ATOM   534 H  H62    . DA  B 1 5  ? -3.693  3.546   2.577   1.00 22.12 ? 17  DA  C H62    1 
ATOM   535 H  H2     . DA  B 1 5  ? -6.183  0.398   -0.414  1.00 21.90 ? 17  DA  C H2     1 
ATOM   536 P  P      . DA  B 1 6  ? -7.939  -5.339  4.991   1.00 35.91 ? 18  DA  C P      1 
ATOM   537 O  OP1    . DA  B 1 6  ? -9.108  -6.245  4.881   1.00 37.14 ? 18  DA  C OP1    1 
ATOM   538 O  OP2    . DA  B 1 6  ? -6.895  -5.467  6.046   1.00 31.20 ? 18  DA  C OP2    1 
ATOM   539 O  "O5'"  . DA  B 1 6  ? -7.134  -5.252  3.616   1.00 30.21 ? 18  DA  C "O5'"  1 
ATOM   540 C  "C5'"  . DA  B 1 6  ? -7.829  -4.993  2.425   1.00 29.37 ? 18  DA  C "C5'"  1 
ATOM   541 C  "C4'"  . DA  B 1 6  ? -6.881  -4.916  1.241   1.00 27.65 ? 18  DA  C "C4'"  1 
ATOM   542 O  "O4'"  . DA  B 1 6  ? -6.138  -3.681  1.298   1.00 31.96 ? 18  DA  C "O4'"  1 
ATOM   543 C  "C3'"  . DA  B 1 6  ? -5.853  -6.037  1.170   1.00 37.88 ? 18  DA  C "C3'"  1 
ATOM   544 O  "O3'"  . DA  B 1 6  ? -6.056  -6.760  -0.048  1.00 41.11 ? 18  DA  C "O3'"  1 
ATOM   545 C  "C2'"  . DA  B 1 6  ? -4.485  -5.317  1.259   1.00 29.02 ? 18  DA  C "C2'"  1 
ATOM   546 C  "C1'"  . DA  B 1 6  ? -4.814  -3.887  0.857   1.00 24.02 ? 18  DA  C "C1'"  1 
ATOM   547 N  N9     . DA  B 1 6  ? -3.982  -2.818  1.444   1.00 22.61 ? 18  DA  C N9     1 
ATOM   548 C  C8     . DA  B 1 6  ? -3.713  -2.595  2.770   1.00 17.70 ? 18  DA  C C8     1 
ATOM   549 N  N7     . DA  B 1 6  ? -2.983  -1.519  2.996   1.00 19.58 ? 18  DA  C N7     1 
ATOM   550 C  C5     . DA  B 1 6  ? -2.775  -0.984  1.736   1.00 20.82 ? 18  DA  C C5     1 
ATOM   551 C  C6     . DA  B 1 6  ? -2.072  0.176   1.294   1.00 20.17 ? 18  DA  C C6     1 
ATOM   552 N  N6     . DA  B 1 6  ? -1.449  1.016   2.117   1.00 18.70 ? 18  DA  C N6     1 
ATOM   553 N  N1     . DA  B 1 6  ? -2.040  0.420   -0.035  1.00 18.76 ? 18  DA  C N1     1 
ATOM   554 C  C2     . DA  B 1 6  ? -2.665  -0.426  -0.855  1.00 17.79 ? 18  DA  C C2     1 
ATOM   555 N  N3     . DA  B 1 6  ? -3.372  -1.543  -0.563  1.00 20.67 ? 18  DA  C N3     1 
ATOM   556 C  C4     . DA  B 1 6  ? -3.381  -1.764  0.768   1.00 22.49 ? 18  DA  C C4     1 
ATOM   557 H  "H5'"  . DA  B 1 6  ? -8.302  -4.149  2.509   1.00 35.21 ? 18  DA  C "H5'"  1 
ATOM   558 H  "H5''" . DA  B 1 6  ? -8.474  -5.701  2.271   1.00 35.21 ? 18  DA  C "H5''" 1 
ATOM   559 H  "H4'"  . DA  B 1 6  ? -7.394  -4.920  0.419   1.00 33.15 ? 18  DA  C "H4'"  1 
ATOM   560 H  "H3'"  . DA  B 1 6  ? -5.916  -6.627  1.938   1.00 45.43 ? 18  DA  C "H3'"  1 
ATOM   561 H  "H2'"  . DA  B 1 6  ? -4.128  -5.353  2.159   1.00 34.79 ? 18  DA  C "H2'"  1 
ATOM   562 H  "H2''" . DA  B 1 6  ? -3.842  -5.712  0.648   1.00 34.79 ? 18  DA  C "H2''" 1 
ATOM   563 H  "H1'"  . DA  B 1 6  ? -4.733  -3.825  -0.108  1.00 28.79 ? 18  DA  C "H1'"  1 
ATOM   564 H  H8     . DA  B 1 6  ? -4.016  -3.153  3.449   1.00 21.21 ? 18  DA  C H8     1 
ATOM   565 H  H61    . DA  B 1 6  ? -1.034  1.699   1.800   1.00 22.41 ? 18  DA  C H61    1 
ATOM   566 H  H62    . DA  B 1 6  ? -1.460  0.875   2.965   1.00 22.41 ? 18  DA  C H62    1 
ATOM   567 H  H2     . DA  B 1 6  ? -2.608  -0.219  -1.760  1.00 21.32 ? 18  DA  C H2     1 
ATOM   568 P  P      . DT  B 1 7  ? -5.141  -8.022  -0.444  1.00 39.08 ? 19  DT  C P      1 
ATOM   569 O  OP1    . DT  B 1 7  ? -5.962  -8.848  -1.348  1.00 42.71 ? 19  DT  C OP1    1 
ATOM   570 O  OP2    . DT  B 1 7  ? -4.487  -8.578  0.760   1.00 39.88 ? 19  DT  C OP2    1 
ATOM   571 O  "O5'"  . DT  B 1 7  ? -3.997  -7.353  -1.321  1.00 28.56 ? 19  DT  C "O5'"  1 
ATOM   572 C  "C5'"  . DT  B 1 7  ? -4.387  -6.608  -2.447  1.00 34.91 ? 19  DT  C "C5'"  1 
ATOM   573 C  "C4'"  . DT  B 1 7  ? -3.222  -5.848  -3.030  1.00 28.05 ? 19  DT  C "C4'"  1 
ATOM   574 O  "O4'"  . DT  B 1 7  ? -2.766  -4.866  -2.092  1.00 23.69 ? 19  DT  C "O4'"  1 
ATOM   575 C  "C3'"  . DT  B 1 7  ? -1.995  -6.703  -3.378  1.00 24.92 ? 19  DT  C "C3'"  1 
ATOM   576 O  "O3'"  . DT  B 1 7  ? -1.914  -6.772  -4.782  1.00 28.11 ? 19  DT  C "O3'"  1 
ATOM   577 C  "C2'"  . DT  B 1 7  ? -0.812  -5.972  -2.717  1.00 27.04 ? 19  DT  C "C2'"  1 
ATOM   578 C  "C1'"  . DT  B 1 7  ? -1.410  -4.612  -2.362  1.00 19.73 ? 19  DT  C "C1'"  1 
ATOM   579 N  N1     . DT  B 1 7  ? -0.827  -3.942  -1.172  1.00 22.35 ? 19  DT  C N1     1 
ATOM   580 C  C2     . DT  B 1 7  ? -0.188  -2.732  -1.329  1.00 19.02 ? 19  DT  C C2     1 
ATOM   581 O  O2     . DT  B 1 7  ? -0.036  -2.199  -2.402  1.00 23.71 ? 19  DT  C O2     1 
ATOM   582 N  N3     . DT  B 1 7  ? 0.266   -2.167  -0.179  1.00 22.09 ? 19  DT  C N3     1 
ATOM   583 C  C4     . DT  B 1 7  ? 0.152   -2.671  1.099   1.00 19.84 ? 19  DT  C C4     1 
ATOM   584 O  O4     . DT  B 1 7  ? 0.596   -2.072  2.071   1.00 18.53 ? 19  DT  C O4     1 
ATOM   585 C  C5     . DT  B 1 7  ? -0.544  -3.935  1.202   1.00 21.24 ? 19  DT  C C5     1 
ATOM   586 C  C7     . DT  B 1 7  ? -0.747  -4.583  2.539   1.00 25.10 ? 19  DT  C C7     1 
ATOM   587 C  C6     . DT  B 1 7  ? -1.005  -4.497  0.074   1.00 22.24 ? 19  DT  C C6     1 
ATOM   588 H  "H5'"  . DT  B 1 7  ? -5.080  -5.980  -2.188  1.00 41.87 ? 19  DT  C "H5'"  1 
ATOM   589 H  "H5''" . DT  B 1 7  ? -4.743  -7.210  -3.119  1.00 41.87 ? 19  DT  C "H5''" 1 
ATOM   590 H  "H4'"  . DT  B 1 7  ? -3.517  -5.389  -3.832  1.00 33.63 ? 19  DT  C "H4'"  1 
ATOM   591 H  "H3'"  . DT  B 1 7  ? -2.041  -7.586  -2.979  1.00 29.87 ? 19  DT  C "H3'"  1 
ATOM   592 H  "H2'"  . DT  B 1 7  ? -0.509  -6.439  -1.923  1.00 32.42 ? 19  DT  C "H2'"  1 
ATOM   593 H  "H2''" . DT  B 1 7  ? -0.068  -5.879  -3.333  1.00 32.42 ? 19  DT  C "H2''" 1 
ATOM   594 H  "H1'"  . DT  B 1 7  ? -1.302  -4.020  -3.124  1.00 23.64 ? 19  DT  C "H1'"  1 
ATOM   595 H  H3     . DT  B 1 7  ? 0.670   -1.412  -0.259  1.00 26.48 ? 19  DT  C H3     1 
ATOM   596 H  H71    . DT  B 1 7  ? -1.695  -4.589  2.747   1.00 30.09 ? 19  DT  C H71    1 
ATOM   597 H  H72    . DT  B 1 7  ? -0.410  -5.492  2.505   1.00 30.09 ? 19  DT  C H72    1 
ATOM   598 H  H73    . DT  B 1 7  ? -0.265  -4.078  3.212   1.00 30.09 ? 19  DT  C H73    1 
ATOM   599 H  H6     . DT  B 1 7  ? -1.468  -5.301  0.138   1.00 26.67 ? 19  DT  C H6     1 
ATOM   600 P  P      . DT  B 1 8  ? -0.830  -7.674  -5.543  1.00 30.94 ? 20  DT  C P      1 
ATOM   601 O  OP1    . DT  B 1 8  ? -1.488  -8.006  -6.845  1.00 30.80 ? 20  DT  C OP1    1 
ATOM   602 O  OP2    . DT  B 1 8  ? -0.333  -8.757  -4.662  1.00 32.14 ? 20  DT  C OP2    1 
ATOM   603 O  "O5'"  . DT  B 1 8  ? 0.354   -6.655  -5.785  1.00 31.41 ? 20  DT  C "O5'"  1 
ATOM   604 C  "C5'"  . DT  B 1 8  ? 0.088   -5.448  -6.449  1.00 28.54 ? 20  DT  C "C5'"  1 
ATOM   605 C  "C4'"  . DT  B 1 8  ? 1.267   -4.512  -6.339  1.00 26.70 ? 20  DT  C "C4'"  1 
ATOM   606 O  "O4'"  . DT  B 1 8  ? 1.446   -4.132  -4.972  1.00 23.85 ? 20  DT  C "O4'"  1 
ATOM   607 C  "C3'"  . DT  B 1 8  ? 2.607   -5.093  -6.794  1.00 27.91 ? 20  DT  C "C3'"  1 
ATOM   608 O  "O3'"  . DT  B 1 8  ? 3.031   -4.371  -7.926  1.00 29.68 ? 20  DT  C "O3'"  1 
ATOM   609 C  "C2'"  . DT  B 1 8  ? 3.534   -4.924  -5.572  1.00 26.49 ? 20  DT  C "C2'"  1 
ATOM   610 C  "C1'"  . DT  B 1 8  ? 2.802   -3.872  -4.755  1.00 26.31 ? 20  DT  C "C1'"  1 
ATOM   611 N  N1     . DT  B 1 8  ? 3.006   -3.902  -3.298  1.00 21.45 ? 20  DT  C N1     1 
ATOM   612 C  C2     . DT  B 1 8  ? 3.562   -2.810  -2.687  1.00 18.25 ? 20  DT  C C2     1 
ATOM   613 O  O2     . DT  B 1 8  ? 3.985   -1.862  -3.296  1.00 20.88 ? 20  DT  C O2     1 
ATOM   614 N  N3     . DT  B 1 8  ? 3.669   -2.910  -1.329  1.00 20.46 ? 20  DT  C N3     1 
ATOM   615 C  C4     . DT  B 1 8  ? 3.231   -3.942  -0.532  1.00 20.62 ? 20  DT  C C4     1 
ATOM   616 O  O4     . DT  B 1 8  ? 3.344   -3.918  0.690   1.00 24.85 ? 20  DT  C O4     1 
ATOM   617 C  C5     . DT  B 1 8  ? 2.639   -5.064  -1.237  1.00 20.19 ? 20  DT  C C5     1 
ATOM   618 C  C7     . DT  B 1 8  ? 2.145   -6.254  -0.487  1.00 25.69 ? 20  DT  C C7     1 
ATOM   619 C  C6     . DT  B 1 8  ? 2.536   -4.977  -2.571  1.00 23.46 ? 20  DT  C C6     1 
ATOM   620 H  "H5'"  . DT  B 1 8  ? -0.692  -5.030  -6.053  1.00 34.21 ? 20  DT  C "H5'"  1 
ATOM   621 H  "H5''" . DT  B 1 8  ? -0.091  -5.631  -7.385  1.00 34.21 ? 20  DT  C "H5''" 1 
ATOM   622 H  "H4'"  . DT  B 1 8  ? 1.085   -3.715  -6.863  1.00 32.01 ? 20  DT  C "H4'"  1 
ATOM   623 H  "H3'"  . DT  B 1 8  ? 2.541   -6.043  -6.980  1.00 33.46 ? 20  DT  C "H3'"  1 
ATOM   624 H  "H2'"  . DT  B 1 8  ? 3.625   -5.754  -5.078  1.00 31.76 ? 20  DT  C "H2'"  1 
ATOM   625 H  "H2''" . DT  B 1 8  ? 4.415   -4.616  -5.836  1.00 31.76 ? 20  DT  C "H2''" 1 
ATOM   626 H  "H1'"  . DT  B 1 8  ? 3.079   -3.000  -5.078  1.00 31.55 ? 20  DT  C "H1'"  1 
ATOM   627 H  H3     . DT  B 1 8  ? 4.054   -2.254  -0.926  1.00 24.52 ? 20  DT  C H3     1 
ATOM   628 H  H71    . DT  B 1 8  ? 1.177   -6.214  -0.434  1.00 30.80 ? 20  DT  C H71    1 
ATOM   629 H  H72    . DT  B 1 8  ? 2.417   -7.058  -0.955  1.00 30.80 ? 20  DT  C H72    1 
ATOM   630 H  H73    . DT  B 1 8  ? 2.526   -6.246  0.405   1.00 30.80 ? 20  DT  C H73    1 
ATOM   631 H  H6     . DT  B 1 8  ? 2.129   -5.675  -3.029  1.00 28.13 ? 20  DT  C H6     1 
ATOM   632 P  P      . DC  B 1 9  ? 4.344   -4.782  -8.750  1.00 35.18 ? 21  DC  C P      1 
ATOM   633 O  OP1    . DC  B 1 9  ? 4.076   -4.170  -10.070 1.00 36.54 ? 21  DC  C OP1    1 
ATOM   634 O  OP2    . DC  B 1 9  ? 4.680   -6.211  -8.621  1.00 35.71 ? 21  DC  C OP2    1 
ATOM   635 O  "O5'"  . DC  B 1 9  ? 5.500   -3.956  -8.051  1.00 29.48 ? 21  DC  C "O5'"  1 
ATOM   636 C  "C5'"  . DC  B 1 9  ? 5.389   -2.576  -7.944  1.00 25.37 ? 21  DC  C "C5'"  1 
ATOM   637 C  "C4'"  . DC  B 1 9  ? 6.531   -1.999  -7.136  1.00 23.25 ? 21  DC  C "C4'"  1 
ATOM   638 O  "O4'"  . DC  B 1 9  ? 6.345   -2.307  -5.739  1.00 25.11 ? 21  DC  C "O4'"  1 
ATOM   639 C  "C3'"  . DC  B 1 9  ? 7.908   -2.537  -7.504  1.00 27.59 ? 21  DC  C "C3'"  1 
ATOM   640 O  "O3'"  . DC  B 1 9  ? 8.711   -1.474  -7.958  1.00 28.48 ? 21  DC  C "O3'"  1 
ATOM   641 C  "C2'"  . DC  B 1 9  ? 8.445   -3.188  -6.205  1.00 25.49 ? 21  DC  C "C2'"  1 
ATOM   642 C  "C1'"  . DC  B 1 9  ? 7.600   -2.535  -5.136  1.00 24.57 ? 21  DC  C "C1'"  1 
ATOM   643 N  N1     . DC  B 1 9  ? 7.326   -3.318  -3.915  1.00 21.46 ? 21  DC  C N1     1 
ATOM   644 C  C2     . DC  B 1 9  ? 7.632   -2.771  -2.660  1.00 18.09 ? 21  DC  C C2     1 
ATOM   645 O  O2     . DC  B 1 9  ? 8.222   -1.694  -2.594  1.00 21.94 ? 21  DC  C O2     1 
ATOM   646 N  N3     . DC  B 1 9  ? 7.298   -3.463  -1.554  1.00 20.15 ? 21  DC  C N3     1 
ATOM   647 C  C4     . DC  B 1 9  ? 6.662   -4.633  -1.660  1.00 19.08 ? 21  DC  C C4     1 
ATOM   648 N  N4     . DC  B 1 9  ? 6.346   -5.269  -0.536  1.00 22.64 ? 21  DC  C N4     1 
ATOM   649 C  C5     . DC  B 1 9  ? 6.326   -5.199  -2.920  1.00 20.78 ? 21  DC  C C5     1 
ATOM   650 C  C6     . DC  B 1 9  ? 6.673   -4.513  -4.012  1.00 19.21 ? 21  DC  C C6     1 
ATOM   651 H  "H5'"  . DC  B 1 9  ? 4.549   -2.357  -7.511  1.00 30.41 ? 21  DC  C "H5'"  1 
ATOM   652 H  "H5''" . DC  B 1 9  ? 5.398   -2.186  -8.832  1.00 30.41 ? 21  DC  C "H5''" 1 
ATOM   653 H  "H4'"  . DC  B 1 9  ? 6.533   -1.033  -7.236  1.00 27.88 ? 21  DC  C "H4'"  1 
ATOM   654 H  "H3'"  . DC  B 1 9  ? 7.827   -3.233  -8.176  1.00 33.08 ? 21  DC  C "H3'"  1 
ATOM   655 H  "H2'"  . DC  B 1 9  ? 8.319   -4.150  -6.214  1.00 30.56 ? 21  DC  C "H2'"  1 
ATOM   656 H  "H2''" . DC  B 1 9  ? 9.386   -2.994  -6.076  1.00 30.56 ? 21  DC  C "H2''" 1 
ATOM   657 H  "H1'"  . DC  B 1 9  ? 8.056   -1.720  -4.876  1.00 29.45 ? 21  DC  C "H1'"  1 
ATOM   658 H  H41    . DC  B 1 9  ? 5.935   -6.025  -0.570  1.00 27.14 ? 21  DC  C H41    1 
ATOM   659 H  H42    . DC  B 1 9  ? 6.549   -4.925  0.225   1.00 27.14 ? 21  DC  C H42    1 
ATOM   660 H  H5     . DC  B 1 9  ? 5.881   -6.015  -2.982  1.00 24.90 ? 21  DC  C H5     1 
ATOM   661 H  H6     . DC  B 1 9  ? 6.465   -4.853  -4.852  1.00 23.02 ? 21  DC  C H6     1 
ATOM   662 P  P      . DG  B 1 10 ? 10.028  -1.778  -8.821  1.00 30.15 ? 22  DG  C P      1 
ATOM   663 O  OP1    . DG  B 1 10 ? 10.247  -0.645  -9.726  1.00 28.75 ? 22  DG  C OP1    1 
ATOM   664 O  OP2    . DG  B 1 10 ? 9.989   -3.167  -9.314  1.00 26.98 ? 22  DG  C OP2    1 
ATOM   665 O  "O5'"  . DG  B 1 10 ? 11.178  -1.770  -7.719  1.00 28.50 ? 22  DG  C "O5'"  1 
ATOM   666 C  "C5'"  . DG  B 1 10 ? 11.424  -0.626  -6.958  1.00 29.20 ? 22  DG  C "C5'"  1 
ATOM   667 C  "C4'"  . DG  B 1 10 ? 12.334  -0.963  -5.794  1.00 23.03 ? 22  DG  C "C4'"  1 
ATOM   668 O  "O4'"  . DG  B 1 10 ? 11.586  -1.684  -4.770  1.00 23.58 ? 22  DG  C "O4'"  1 
ATOM   669 C  "C3'"  . DG  B 1 10 ? 13.509  -1.888  -6.137  1.00 26.26 ? 22  DG  C "C3'"  1 
ATOM   670 O  "O3'"  . DG  B 1 10 ? 14.640  -1.557  -5.387  1.00 26.27 ? 22  DG  C "O3'"  1 
ATOM   671 C  "C2'"  . DG  B 1 10 ? 13.001  -3.235  -5.707  1.00 26.87 ? 22  DG  C "C2'"  1 
ATOM   672 C  "C1'"  . DG  B 1 10 ? 12.355  -2.813  -4.406  1.00 24.49 ? 22  DG  C "C1'"  1 
ATOM   673 N  N9     . DG  B 1 10 ? 11.532  -3.810  -3.760  1.00 20.81 ? 22  DG  C N9     1 
ATOM   674 C  C8     . DG  B 1 10 ? 10.850  -4.842  -4.347  1.00 23.42 ? 22  DG  C C8     1 
ATOM   675 N  N7     . DG  B 1 10 ? 10.196  -5.573  -3.500  1.00 22.92 ? 22  DG  C N7     1 
ATOM   676 C  C5     . DG  B 1 10 ? 10.455  -4.977  -2.274  1.00 19.13 ? 22  DG  C C5     1 
ATOM   677 C  C6     . DG  B 1 10 ? 9.990   -5.313  -0.994  1.00 16.48 ? 22  DG  C C6     1 
ATOM   678 O  O6     . DG  B 1 10 ? 9.256   -6.249  -0.672  1.00 20.82 ? 22  DG  C O6     1 
ATOM   679 N  N1     . DG  B 1 10 ? 10.485  -4.450  -0.026  1.00 17.22 ? 22  DG  C N1     1 
ATOM   680 C  C2     . DG  B 1 10 ? 11.320  -3.391  -0.265  1.00 16.18 ? 22  DG  C C2     1 
ATOM   681 N  N2     . DG  B 1 10 ? 11.686  -2.675  0.808   1.00 18.43 ? 22  DG  C N2     1 
ATOM   682 N  N3     . DG  B 1 10 ? 11.738  -3.039  -1.469  1.00 19.04 ? 22  DG  C N3     1 
ATOM   683 C  C4     . DG  B 1 10 ? 11.267  -3.888  -2.422  1.00 18.10 ? 22  DG  C C4     1 
ATOM   684 H  "H5'"  . DG  B 1 10 ? 10.586  -0.275  -6.623  1.00 35.02 ? 22  DG  C "H5'"  1 
ATOM   685 H  "H5''" . DG  B 1 10 ? 11.849  0.046   -7.515  1.00 35.02 ? 22  DG  C "H5''" 1 
ATOM   686 H  "H4'"  . DG  B 1 10 ? 12.668  -0.134  -5.419  1.00 27.60 ? 22  DG  C "H4'"  1 
ATOM   687 H  "H3'"  . DG  B 1 10 ? 13.687  -1.846  -7.089  1.00 31.48 ? 22  DG  C "H3'"  1 
ATOM   688 H  "H2'"  . DG  B 1 10 ? 12.360  -3.606  -6.334  1.00 32.21 ? 22  DG  C "H2'"  1 
ATOM   689 H  "H2''" . DG  B 1 10 ? 13.718  -3.875  -5.572  1.00 32.21 ? 22  DG  C "H2''" 1 
ATOM   690 H  "H1'"  . DG  B 1 10 ? 13.030  -2.570  -3.752  1.00 29.36 ? 22  DG  C "H1'"  1 
ATOM   691 H  H8     . DG  B 1 10 ? 10.857  -5.003  -5.263  1.00 28.08 ? 22  DG  C H8     1 
ATOM   692 H  H1     . DG  B 1 10 ? 10.248  -4.592  0.789   1.00 20.64 ? 22  DG  C H1     1 
ATOM   693 H  H21    . DG  B 1 10 ? 12.193  -1.986  0.713   1.00 22.08 ? 22  DG  C H21    1 
ATOM   694 H  H22    . DG  B 1 10 ? 11.414  -2.904  1.591   1.00 22.08 ? 22  DG  C H22    1 
ATOM   695 P  P      . DC  B 1 11 ? 16.105  -1.511  -6.034  1.00 33.82 ? 23  DC  C P      1 
ATOM   696 O  OP1    . DC  B 1 11 ? 16.219  -0.393  -7.005  1.00 31.25 ? 23  DC  C OP1    1 
ATOM   697 O  OP2    . DC  B 1 11 ? 16.411  -2.909  -6.411  1.00 34.15 ? 23  DC  C OP2    1 
ATOM   698 O  "O5'"  . DC  B 1 11 ? 16.986  -1.080  -4.778  1.00 30.78 ? 23  DC  C "O5'"  1 
ATOM   699 C  "C5'"  . DC  B 1 11 ? 16.704  0.128   -4.080  1.00 28.92 ? 23  DC  C "C5'"  1 
ATOM   700 C  "C4'"  . DC  B 1 11 ? 16.744  -0.096  -2.588  1.00 23.91 ? 23  DC  C "C4'"  1 
ATOM   701 O  "O4'"  . DC  B 1 11 ? 15.582  -0.878  -2.182  1.00 21.47 ? 23  DC  C "O4'"  1 
ATOM   702 C  "C3'"  . DC  B 1 11 ? 17.967  -0.917  -2.167  1.00 29.48 ? 23  DC  C "C3'"  1 
ATOM   703 O  "O3'"  . DC  B 1 11 ? 18.985  -0.146  -1.635  1.00 27.63 ? 23  DC  C "O3'"  1 
ATOM   704 C  "C2'"  . DC  B 1 11 ? 17.478  -1.896  -1.145  1.00 32.75 ? 23  DC  C "C2'"  1 
ATOM   705 C  "C1'"  . DC  B 1 11 ? 15.979  -1.774  -1.146  1.00 34.42 ? 23  DC  C "C1'"  1 
ATOM   706 N  N1     . DC  B 1 11 ? 15.387  -3.082  -1.403  1.00 24.85 ? 23  DC  C N1     1 
ATOM   707 C  C2     . DC  B 1 11 ? 14.875  -3.829  -0.353  1.00 17.85 ? 23  DC  C C2     1 
ATOM   708 O  O2     . DC  B 1 11 ? 14.939  -3.377  0.799   1.00 20.46 ? 23  DC  C O2     1 
ATOM   709 N  N3     . DC  B 1 11 ? 14.353  -5.050  -0.623  1.00 17.02 ? 23  DC  C N3     1 
ATOM   710 C  C4     . DC  B 1 11 ? 14.314  -5.495  -1.877  1.00 18.07 ? 23  DC  C C4     1 
ATOM   711 N  N4     . DC  B 1 11 ? 13.778  -6.691  -2.102  1.00 19.33 ? 23  DC  C N4     1 
ATOM   712 C  C5     . DC  B 1 11 ? 14.854  -4.751  -2.954  1.00 22.51 ? 23  DC  C C5     1 
ATOM   713 C  C6     . DC  B 1 11 ? 15.376  -3.562  -2.676  1.00 21.61 ? 23  DC  C C6     1 
ATOM   714 H  "H5'"  . DC  B 1 11 ? 15.824  0.446   -4.333  1.00 34.68 ? 23  DC  C "H5'"  1 
ATOM   715 H  "H5''" . DC  B 1 11 ? 17.363  0.798   -4.321  1.00 34.68 ? 23  DC  C "H5''" 1 
ATOM   716 H  "H4'"  . DC  B 1 11 ? 16.713  0.747   -2.109  1.00 28.66 ? 23  DC  C "H4'"  1 
ATOM   717 H  "H3'"  . DC  B 1 11 ? 18.259  -1.376  -2.969  1.00 35.35 ? 23  DC  C "H3'"  1 
ATOM   718 H  "H2'"  . DC  B 1 11 ? 17.745  -2.798  -1.384  1.00 39.27 ? 23  DC  C "H2'"  1 
ATOM   719 H  "H2''" . DC  B 1 11 ? 17.836  -1.682  -0.270  1.00 39.27 ? 23  DC  C "H2''" 1 
ATOM   720 H  "H1'"  . DC  B 1 11 ? 15.670  -1.377  -0.317  1.00 41.27 ? 23  DC  C "H1'"  1 
ATOM   721 H  H41    . DC  B 1 11 ? 13.741  -7.002  -2.902  1.00 23.16 ? 23  DC  C H41    1 
ATOM   722 H  H42    . DC  B 1 11 ? 13.470  -7.154  -1.446  1.00 23.16 ? 23  DC  C H42    1 
ATOM   723 H  H5     . DC  B 1 11 ? 14.844  -5.083  -3.823  1.00 26.99 ? 23  DC  C H5     1 
ATOM   724 H  H6     . DC  B 1 11 ? 15.740  -3.049  -3.362  1.00 25.90 ? 23  DC  C H6     1 
ATOM   725 P  P      . DG  B 1 12 ? 20.407  -0.852  -1.380  1.00 28.79 ? 24  DG  C P      1 
ATOM   726 O  OP1    . DG  B 1 12 ? 21.403  0.238   -1.382  1.00 31.49 ? 24  DG  C OP1    1 
ATOM   727 O  OP2    . DG  B 1 12 ? 20.523  -2.001  -2.301  1.00 25.47 ? 24  DG  C OP2    1 
ATOM   728 O  "O5'"  . DG  B 1 12 ? 20.255  -1.517  0.066   1.00 25.70 ? 24  DG  C "O5'"  1 
ATOM   729 C  "C5'"  . DG  B 1 12 ? 20.067  -0.697  1.206   1.00 22.72 ? 24  DG  C "C5'"  1 
ATOM   730 C  "C4'"  . DG  B 1 12 ? 19.871  -1.562  2.426   1.00 22.22 ? 24  DG  C "C4'"  1 
ATOM   731 O  "O4'"  . DG  B 1 12 ? 18.595  -2.259  2.269   1.00 20.60 ? 24  DG  C "O4'"  1 
ATOM   732 C  "C3'"  . DG  B 1 12 ? 20.906  -2.666  2.563   1.00 22.98 ? 24  DG  C "C3'"  1 
ATOM   733 O  "O3'"  . DG  B 1 12 ? 22.007  -2.247  3.380   1.00 22.88 ? 24  DG  C "O3'"  1 
ATOM   734 C  "C2'"  . DG  B 1 12 ? 20.143  -3.816  3.202   1.00 21.27 ? 24  DG  C "C2'"  1 
ATOM   735 C  "C1'"  . DG  B 1 12 ? 18.705  -3.585  2.800   1.00 20.87 ? 24  DG  C "C1'"  1 
ATOM   736 N  N9     . DG  B 1 12 ? 18.284  -4.490  1.743   1.00 19.97 ? 24  DG  C N9     1 
ATOM   737 C  C8     . DG  B 1 12 ? 18.640  -4.410  0.421   1.00 17.52 ? 24  DG  C C8     1 
ATOM   738 N  N7     . DG  B 1 12 ? 18.136  -5.349  -0.317  1.00 18.37 ? 24  DG  C N7     1 
ATOM   739 C  C5     . DG  B 1 12 ? 17.444  -6.141  0.582   1.00 17.24 ? 24  DG  C C5     1 
ATOM   740 C  C6     . DG  B 1 12 ? 16.689  -7.299  0.354   1.00 17.24 ? 24  DG  C C6     1 
ATOM   741 O  O6     . DG  B 1 12 ? 16.502  -7.882  -0.725  1.00 19.74 ? 24  DG  C O6     1 
ATOM   742 N  N1     . DG  B 1 12 ? 16.162  -7.803  1.537   1.00 18.30 ? 24  DG  C N1     1 
ATOM   743 C  C2     . DG  B 1 12 ? 16.340  -7.248  2.777   1.00 19.30 ? 24  DG  C C2     1 
ATOM   744 N  N2     . DG  B 1 12 ? 15.768  -7.883  3.800   1.00 20.05 ? 24  DG  C N2     1 
ATOM   745 N  N3     . DG  B 1 12 ? 17.030  -6.130  3.003   1.00 17.12 ? 24  DG  C N3     1 
ATOM   746 C  C4     . DG  B 1 12 ? 17.552  -5.646  1.864   1.00 17.17 ? 24  DG  C C4     1 
ATOM   747 H  "H5'"  . DG  B 1 12 ? 19.286  -0.136  1.077   1.00 27.24 ? 24  DG  C "H5'"  1 
ATOM   748 H  "H5''" . DG  B 1 12 ? 20.846  -0.132  1.329   1.00 27.24 ? 24  DG  C "H5''" 1 
ATOM   749 H  "H4'"  . DG  B 1 12 ? 19.863  -1.024  3.233   1.00 26.64 ? 24  DG  C "H4'"  1 
ATOM   750 H  "H3'"  . DG  B 1 12 ? 21.213  -2.919  1.679   1.00 27.55 ? 24  DG  C "H3'"  1 
ATOM   751 H  "HO3'" . DG  B 1 12 ? 22.248  -2.717  4.034   1.00 27.42 ? 24  DG  C "HO3'" 1 
ATOM   752 H  "H2'"  . DG  B 1 12 ? 20.461  -4.670  2.868   1.00 25.50 ? 24  DG  C "H2'"  1 
ATOM   753 H  "H2''" . DG  B 1 12 ? 20.238  -3.800  4.167   1.00 25.50 ? 24  DG  C "H2''" 1 
ATOM   754 H  "H1'"  . DG  B 1 12 ? 18.145  -3.657  3.589   1.00 25.02 ? 24  DG  C "H1'"  1 
ATOM   755 H  H8     . DG  B 1 12 ? 19.193  -3.743  0.083   1.00 20.99 ? 24  DG  C H8     1 
ATOM   756 H  H1     . DG  B 1 12 ? 15.687  -8.518  1.486   1.00 21.94 ? 24  DG  C H1     1 
ATOM   757 H  H21    . DG  B 1 12 ? 15.846  -7.570  4.597   1.00 24.03 ? 24  DG  C H21    1 
ATOM   758 H  H22    . DG  B 1 12 ? 15.321  -8.605  3.663   1.00 24.03 ? 24  DG  C H22    1 
HETATM 759 MG MG     . MG  C 2 .  ? 8.901   -10.342 -1.523  1.00 21.20 ? 101 MG  B MG     1 
HETATM 760 C  C4     . WFB D 3 .  ? 0.798   -0.733  -5.518  1.00 26.96 ? 101 WFB C C4     1 
HETATM 761 C  C14    . WFB D 3 .  ? -8.489  -3.103  -1.215  1.00 38.81 ? 101 WFB C C14    1 
HETATM 762 C  C5     . WFB D 3 .  ? -0.027  -1.280  -6.496  1.00 32.36 ? 101 WFB C C5     1 
HETATM 763 C  C6     . WFB D 3 .  ? -1.320  -1.925  -6.144  1.00 27.68 ? 101 WFB C C6     1 
HETATM 764 C  C11    . WFB D 3 .  ? -6.256  -2.986  -2.916  1.00 35.49 ? 101 WFB C C11    1 
HETATM 765 C  C7     . WFB D 3 .  ? -1.964  -2.819  -7.030  1.00 34.35 ? 101 WFB C C7     1 
HETATM 766 C  C8     . WFB D 3 .  ? -3.175  -3.404  -6.744  1.00 35.51 ? 101 WFB C C8     1 
HETATM 767 C  C9     . WFB D 3 .  ? -3.806  -3.080  -5.542  1.00 38.16 ? 101 WFB C C9     1 
HETATM 768 C  C10    . WFB D 3 .  ? -5.115  -2.884  -3.831  1.00 31.92 ? 101 WFB C C10    1 
HETATM 769 C  C12    . WFB D 3 .  ? -6.492  -1.987  -1.975  1.00 31.80 ? 101 WFB C C12    1 
HETATM 770 C  C13    . WFB D 3 .  ? -7.593  -2.043  -1.136  1.00 30.06 ? 101 WFB C C13    1 
HETATM 771 N  N1     . WFB D 3 .  ? 4.559   0.880   -6.585  1.00 31.84 ? 101 WFB C N1     1 
HETATM 772 N  N2     . WFB D 3 .  ? 3.827   1.253   -8.695  1.00 53.12 ? 101 WFB C N2     1 
HETATM 773 C  C3     . WFB D 3 .  ? 1.983   -0.100  -5.842  1.00 38.92 ? 101 WFB C C3     1 
HETATM 774 N  N3     . WFB D 3 .  ? -5.016  -3.513  -5.005  1.00 38.81 ? 101 WFB C N3     1 
HETATM 775 C  C1     . WFB D 3 .  ? 3.645   0.728   -7.508  1.00 36.32 ? 101 WFB C C1     1 
HETATM 776 C  C15    . WFB D 3 .  ? -9.678  -3.156  -0.321  1.00 46.51 ? 101 WFB C C15    1 
HETATM 777 C  C16    . WFB D 3 .  ? -8.271  -4.090  -2.170  1.00 37.89 ? 101 WFB C C16    1 
HETATM 778 C  C17    . WFB D 3 .  ? -7.175  -4.030  -3.014  1.00 34.23 ? 101 WFB C C17    1 
HETATM 779 C  C18    . WFB D 3 .  ? -3.193  -2.184  -4.665  1.00 31.73 ? 101 WFB C C18    1 
HETATM 780 C  C19    . WFB D 3 .  ? -1.974  -1.598  -4.956  1.00 31.21 ? 101 WFB C C19    1 
HETATM 781 C  C2     . WFB D 3 .  ? 2.372   0.040   -7.170  1.00 27.46 ? 101 WFB C C2     1 
HETATM 782 C  C20    . WFB D 3 .  ? 0.365   -1.119  -7.825  1.00 30.05 ? 101 WFB C C20    1 
HETATM 783 C  C21    . WFB D 3 .  ? 1.545   -0.481  -8.159  1.00 36.97 ? 101 WFB C C21    1 
HETATM 784 N  N4     . WFB D 3 .  ? -10.234 -2.042  0.110   1.00 46.51 ? 101 WFB C N4     1 
HETATM 785 N  N5     . WFB D 3 .  ? -10.173 -4.308  0.053   1.00 55.91 ? 101 WFB C N5     1 
HETATM 786 N  N6     . WFB D 3 .  ? -4.051  -2.076  -3.587  1.00 36.20 ? 101 WFB C N6     1 
HETATM 787 H  H6     . WFB D 3 .  ? 0.543   -0.796  -4.612  1.00 32.32 ? 101 WFB C H6     1 
HETATM 788 H  H7     . WFB D 3 .  ? -1.546  -3.025  -7.850  1.00 41.19 ? 101 WFB C H7     1 
HETATM 789 H  H8     . WFB D 3 .  ? -3.572  -4.009  -7.345  1.00 42.58 ? 101 WFB C H8     1 
HETATM 790 H  H9     . WFB D 3 .  ? -5.895  -1.264  -1.908  1.00 38.14 ? 101 WFB C H9     1 
HETATM 791 H  H10    . WFB D 3 .  ? -7.732  -1.355  -0.509  1.00 36.04 ? 101 WFB C H10    1 
HETATM 792 H  H1     . WFB D 3 .  ? 4.440   0.527   -5.779  1.00 38.18 ? 101 WFB C H1     1 
HETATM 793 H  H2     . WFB D 3 .  ? 5.298   1.336   -6.761  1.00 38.18 ? 101 WFB C H2     1 
HETATM 794 H  H4     . WFB D 3 .  ? 3.217   1.154   -9.319  1.00 63.71 ? 101 WFB C H4     1 
HETATM 795 H  H5     . WFB D 3 .  ? 2.531   0.239   -5.157  1.00 46.67 ? 101 WFB C H5     1 
HETATM 796 H  H15    . WFB D 3 .  ? -8.873  -4.808  -2.248  1.00 45.44 ? 101 WFB C H15    1 
HETATM 797 H  H16    . WFB D 3 .  ? -7.047  -4.701  -3.660  1.00 41.05 ? 101 WFB C H16    1 
HETATM 798 H  H18    . WFB D 3 .  ? -1.584  -0.985  -4.365  1.00 37.43 ? 101 WFB C H18    1 
HETATM 799 H  H19    . WFB D 3 .  ? -0.188  -1.455  -8.513  1.00 36.03 ? 101 WFB C H19    1 
HETATM 800 H  H20    . WFB D 3 .  ? 1.789   -0.400  -9.064  1.00 44.34 ? 101 WFB C H20    1 
HETATM 801 H  H11    . WFB D 3 .  ? -10.939 -2.077  0.648   1.00 55.78 ? 101 WFB C H11    1 
HETATM 802 H  H12    . WFB D 3 .  ? -9.907  -1.255  -0.137  1.00 55.78 ? 101 WFB C H12    1 
HETATM 803 H  H13    . WFB D 3 .  ? -10.871 -4.336  0.586   1.00 67.06 ? 101 WFB C H13    1 
HETATM 804 H  H17    . WFB D 3 .  ? -3.929  -1.577  -2.876  1.00 43.41 ? 101 WFB C H17    1 
HETATM 805 O  O      . HOH E 4 .  ? -12.735 -0.007  -6.710  1.00 42.29 ? 201 HOH B O      1 
HETATM 806 O  O      . HOH E 4 .  ? -2.917  6.425   -7.140  1.00 35.46 ? 202 HOH B O      1 
HETATM 807 O  O      . HOH E 4 .  ? 1.078   1.863   -11.061 1.00 40.70 ? 203 HOH B O      1 
HETATM 808 O  O      . HOH E 4 .  ? -0.330  5.296   2.577   1.00 28.47 ? 204 HOH B O      1 
HETATM 809 O  O      . HOH E 4 .  ? -3.032  6.985   -0.031  1.00 28.87 ? 205 HOH B O      1 
HETATM 810 O  O      . HOH E 4 .  ? 8.067   -11.490 4.737   1.00 31.27 ? 206 HOH B O      1 
HETATM 811 O  O      . HOH E 4 .  ? 14.740  -16.185 -0.165  1.00 26.48 ? 207 HOH B O      1 
HETATM 812 O  O      . HOH E 4 .  ? 2.367   3.978   3.133   1.00 41.58 ? 208 HOH B O      1 
HETATM 813 O  O      . HOH E 4 .  ? 5.395   -3.952  5.714   1.00 40.24 ? 209 HOH B O      1 
HETATM 814 O  O      . HOH E 4 .  ? 10.602  10.120  -1.005  1.00 40.99 ? 210 HOH B O      1 
HETATM 815 O  O      . HOH E 4 .  ? 4.718   9.426   -3.385  1.00 23.33 ? 211 HOH B O      1 
HETATM 816 O  O      . HOH E 4 .  ? 4.881   -5.325  3.414   1.00 34.66 ? 212 HOH B O      1 
HETATM 817 O  O      . HOH E 4 .  ? 11.211  -9.652  11.926  1.00 39.17 ? 213 HOH B O      1 
HETATM 818 O  O      . HOH E 4 .  ? 10.693  -9.351  -1.627  1.00 20.62 ? 214 HOH B O      1 
HETATM 819 O  O      . HOH E 4 .  ? 7.329   9.650   2.568   1.00 41.22 ? 215 HOH B O      1 
HETATM 820 O  O      . HOH E 4 .  ? 8.143   1.835   -2.270  1.00 40.67 ? 216 HOH B O      1 
HETATM 821 O  O      . HOH E 4 .  ? -9.215  6.786   -4.443  1.00 30.49 ? 217 HOH B O      1 
HETATM 822 O  O      . HOH E 4 .  ? -10.472 4.156   -6.135  1.00 36.84 ? 218 HOH B O      1 
HETATM 823 O  O      . HOH E 4 .  ? -12.414 -0.195  0.957   1.00 27.46 ? 219 HOH B O      1 
HETATM 824 O  O      . HOH E 4 .  ? 7.651   9.344   -3.561  1.00 24.03 ? 220 HOH B O      1 
HETATM 825 O  O      . HOH E 4 .  ? 10.924  1.468   1.826   1.00 28.88 ? 221 HOH B O      1 
HETATM 826 O  O      . HOH E 4 .  ? 4.054   0.279   5.260   1.00 36.72 ? 222 HOH B O      1 
HETATM 827 O  O      . HOH E 4 .  ? 9.126   -10.536 0.520   1.00 21.92 ? 223 HOH B O      1 
HETATM 828 O  O      . HOH E 4 .  ? -18.417 0.243   9.749   1.00 35.68 ? 224 HOH B O      1 
HETATM 829 O  O      . HOH E 4 .  ? 6.429   9.038   -7.435  1.00 23.33 ? 225 HOH B O      1 
HETATM 830 O  O      . HOH E 4 .  ? -16.041 3.142   -4.499  1.00 41.41 ? 226 HOH B O      1 
HETATM 831 O  O      . HOH E 4 .  ? 6.993   5.236   -7.943  1.00 32.33 ? 227 HOH B O      1 
HETATM 832 O  O      . HOH E 4 .  ? 1.103   7.547   -4.016  1.00 24.08 ? 228 HOH B O      1 
HETATM 833 O  O      . HOH E 4 .  ? -6.457  6.712   -3.971  1.00 22.90 ? 229 HOH B O      1 
HETATM 834 O  O      . HOH E 4 .  ? 11.307  6.629   -2.285  1.00 31.42 ? 230 HOH B O      1 
HETATM 835 O  O      . HOH E 4 .  ? 6.002   -8.316  3.140   1.00 33.86 ? 231 HOH B O      1 
HETATM 836 O  O      . HOH E 4 .  ? 6.361   10.719  -1.371  1.00 23.42 ? 232 HOH B O      1 
HETATM 837 O  O      . HOH E 4 .  ? 12.547  -10.097 -3.651  1.00 29.31 ? 233 HOH B O      1 
HETATM 838 O  O      . HOH E 4 .  ? 1.666   2.137   4.454   1.00 30.57 ? 234 HOH B O      1 
HETATM 839 O  O      . HOH E 4 .  ? 5.190   -0.175  7.961   1.00 40.75 ? 235 HOH B O      1 
HETATM 840 O  O      . HOH E 4 .  ? -8.396  4.131   -7.335  1.00 48.58 ? 236 HOH B O      1 
HETATM 841 O  O      . HOH E 4 .  ? 2.991   -1.978  5.045   1.00 37.74 ? 237 HOH B O      1 
HETATM 842 O  O      . HOH E 4 .  ? -13.440 -2.849  6.140   1.00 42.40 ? 238 HOH B O      1 
HETATM 843 O  O      . HOH E 4 .  ? -15.229 -5.420  -4.786  1.00 47.00 ? 239 HOH B O      1 
HETATM 844 O  O      . HOH E 4 .  ? 10.464  8.300   2.683   1.00 46.09 ? 240 HOH B O      1 
HETATM 845 O  O      . HOH E 4 .  ? 12.329  3.208   3.602   1.00 35.62 ? 241 HOH B O      1 
HETATM 846 O  O      . HOH E 4 .  ? -12.968 5.632   -6.347  1.00 47.89 ? 242 HOH B O      1 
HETATM 847 O  O      . HOH E 4 .  ? 9.292   -16.998 4.011   1.00 45.97 ? 243 HOH B O      1 
HETATM 848 O  O      . HOH E 4 .  ? -5.358  5.613   -6.496  1.00 31.16 ? 244 HOH B O      1 
HETATM 849 O  O      . HOH E 4 .  ? 9.357   5.606   -6.028  1.00 36.25 ? 245 HOH B O      1 
HETATM 850 O  O      . HOH E 4 .  ? 13.858  2.726   5.953   1.00 35.96 ? 246 HOH B O      1 
HETATM 851 O  O      . HOH E 4 .  ? 8.713   8.333   -5.997  1.00 25.74 ? 247 HOH B O      1 
HETATM 852 O  O      . HOH E 4 .  ? 9.827   11.953  0.822   1.00 34.20 ? 248 HOH B O      1 
HETATM 853 O  O      . HOH E 4 .  ? 13.870  -13.896 -3.088  1.00 34.60 ? 249 HOH B O      1 
HETATM 854 O  O      . HOH E 4 .  ? 6.069   -9.737  5.427   1.00 35.66 ? 250 HOH B O      1 
HETATM 855 O  O      . HOH E 4 .  ? -0.269  8.016   2.095   1.00 48.26 ? 251 HOH B O      1 
HETATM 856 O  O      . HOH E 4 .  ? 4.532   -9.349  1.197   1.00 31.82 ? 252 HOH B O      1 
HETATM 857 O  O      . HOH E 4 .  ? -5.208  8.864   -3.028  1.00 35.17 ? 253 HOH B O      1 
HETATM 858 O  O      . HOH E 4 .  ? -14.239 -5.643  9.003   1.00 49.45 ? 254 HOH B O      1 
HETATM 859 O  O      . HOH E 4 .  ? 11.607  -13.012 -3.676  1.00 28.04 ? 255 HOH B O      1 
HETATM 860 O  O      . HOH E 4 .  ? 7.009   9.027   9.275   1.00 47.44 ? 256 HOH B O      1 
HETATM 861 O  O      . HOH E 4 .  ? 8.776   12.330  4.414   1.00 51.60 ? 257 HOH B O      1 
HETATM 862 O  O      . HOH E 4 .  ? 14.968  8.013   -3.514  1.00 40.90 ? 258 HOH B O      1 
HETATM 863 O  O      . HOH E 4 .  ? 15.679  -14.950 -4.678  1.00 32.48 ? 259 HOH B O      1 
HETATM 864 O  O      . HOH E 4 .  ? 9.594   -13.814 -5.586  1.00 29.74 ? 260 HOH B O      1 
HETATM 865 O  O      . HOH F 4 .  ? 6.100   -7.054  -7.438  1.00 50.33 ? 201 HOH C O      1 
HETATM 866 O  O      . HOH F 4 .  ? -10.622 13.174  -1.223  1.00 38.41 ? 202 HOH C O      1 
HETATM 867 O  O      . HOH F 4 .  ? 17.634  -8.004  -2.927  1.00 38.40 ? 203 HOH C O      1 
HETATM 868 O  O      . HOH F 4 .  ? 17.664  -4.712  -5.176  1.00 36.99 ? 204 HOH C O      1 
HETATM 869 O  O      . HOH F 4 .  ? 22.702  -0.285  4.870   1.00 35.53 ? 205 HOH C O      1 
HETATM 870 O  O      . HOH F 4 .  ? -11.632 14.320  7.423   1.00 29.60 ? 206 HOH C O      1 
HETATM 871 O  O      . HOH F 4 .  ? 0.466   -2.271  4.656   1.00 33.99 ? 207 HOH C O      1 
HETATM 872 O  O      . HOH F 4 .  ? -2.033  -0.976  5.352   1.00 31.51 ? 208 HOH C O      1 
HETATM 873 O  O      . HOH F 4 .  ? -11.496 9.048   -3.240  1.00 40.72 ? 209 HOH C O      1 
HETATM 874 O  O      . HOH F 4 .  ? 22.606  2.047   0.078   1.00 38.52 ? 210 HOH C O      1 
HETATM 875 O  O      . HOH F 4 .  ? -3.105  2.940   5.546   1.00 34.29 ? 211 HOH C O      1 
HETATM 876 O  O      . HOH F 4 .  ? -15.243 17.465  0.658   1.00 43.19 ? 212 HOH C O      1 
HETATM 877 O  O      . HOH F 4 .  ? -3.807  -1.260  7.717   1.00 34.48 ? 213 HOH C O      1 
HETATM 878 O  O      . HOH F 4 .  ? -5.476  7.396   0.882   1.00 33.24 ? 214 HOH C O      1 
HETATM 879 O  O      . HOH F 4 .  ? 2.700   -5.463  2.791   1.00 34.58 ? 215 HOH C O      1 
HETATM 880 O  O      . HOH F 4 .  ? 5.497   0.836   -4.068  1.00 38.42 ? 216 HOH C O      1 
HETATM 881 O  O      . HOH F 4 .  ? 7.991   -8.505  -1.474  1.00 22.26 ? 217 HOH C O      1 
HETATM 882 O  O      . HOH F 4 .  ? 10.691  -5.257  -7.714  1.00 37.97 ? 218 HOH C O      1 
HETATM 883 O  O      . HOH F 4 .  ? 8.935   -7.721  -4.675  1.00 26.73 ? 219 HOH C O      1 
HETATM 884 O  O      . HOH F 4 .  ? 9.770   0.414   -3.507  1.00 31.20 ? 220 HOH C O      1 
HETATM 885 O  O      . HOH F 4 .  ? -12.851 7.059   -4.141  1.00 35.99 ? 221 HOH C O      1 
HETATM 886 O  O      . HOH F 4 .  ? 2.225   -8.276  -3.518  1.00 40.48 ? 222 HOH C O      1 
HETATM 887 O  O      . HOH F 4 .  ? 19.168  -4.733  -2.897  1.00 28.96 ? 223 HOH C O      1 
HETATM 888 O  O      . HOH F 4 .  ? 12.348  -0.268  -1.794  1.00 31.17 ? 224 HOH C O      1 
HETATM 889 O  O      . HOH F 4 .  ? -6.546  10.650  3.774   1.00 31.45 ? 225 HOH C O      1 
HETATM 890 O  O      . HOH F 4 .  ? 15.197  -4.647  -8.372  1.00 37.77 ? 226 HOH C O      1 
HETATM 891 O  O      . HOH F 4 .  ? -7.210  9.575   -1.387  1.00 44.65 ? 227 HOH C O      1 
HETATM 892 O  O      . HOH F 4 .  ? 12.951  0.299   -10.497 1.00 46.44 ? 228 HOH C O      1 
HETATM 893 O  O      . HOH F 4 .  ? 5.346   -8.049  -0.995  1.00 21.47 ? 229 HOH C O      1 
HETATM 894 O  O      . HOH F 4 .  ? 6.831   2.483   -7.713  1.00 41.10 ? 230 HOH C O      1 
HETATM 895 O  O      . HOH F 4 .  ? 7.212   1.638   -5.304  1.00 43.87 ? 231 HOH C O      1 
HETATM 896 O  O      . HOH F 4 .  ? 13.769  -7.521  -5.069  1.00 27.99 ? 232 HOH C O      1 
HETATM 897 O  O      . HOH F 4 .  ? -1.428  -7.891  0.654   1.00 37.10 ? 233 HOH C O      1 
HETATM 898 O  O      . HOH F 4 .  ? -0.774  1.581   5.152   1.00 35.01 ? 234 HOH C O      1 
HETATM 899 O  O      . HOH F 4 .  ? -17.141 6.454   -5.616  1.00 47.43 ? 235 HOH C O      1 
HETATM 900 O  O      . HOH F 4 .  ? 10.630  -0.865  -12.874 1.00 45.71 ? 236 HOH C O      1 
HETATM 901 O  O      . HOH F 4 .  ? -2.730  5.249   3.971   1.00 34.54 ? 237 HOH C O      1 
HETATM 902 O  O      . HOH F 4 .  ? 17.450  -10.706 -2.061  1.00 41.41 ? 238 HOH C O      1 
HETATM 903 O  O      . HOH F 4 .  ? -7.755  -4.113  9.332   1.00 46.76 ? 239 HOH C O      1 
HETATM 904 O  O      . HOH F 4 .  ? -11.259 13.021  9.907   1.00 36.81 ? 240 HOH C O      1 
HETATM 905 O  O      . HOH F 4 .  ? -7.519  11.220  11.166  1.00 49.83 ? 241 HOH C O      1 
HETATM 906 O  O      . HOH F 4 .  ? -16.001 17.988  -2.372  1.00 42.23 ? 242 HOH C O      1 
HETATM 907 O  O      . HOH F 4 .  ? -9.399  15.179  10.318  1.00 38.84 ? 243 HOH C O      1 
HETATM 908 O  O      . HOH F 4 .  ? 10.084  1.396   -13.871 1.00 47.29 ? 244 HOH C O      1 
HETATM 909 O  O      . HOH F 4 .  ? 13.273  -6.283  -7.483  1.00 42.10 ? 245 HOH C O      1 
HETATM 910 O  O      . HOH F 4 .  ? 0.811   -7.782  2.454   1.00 41.85 ? 246 HOH C O      1 
HETATM 911 O  O      . HOH F 4 .  ? 1.968   -9.862  1.398   1.00 38.66 ? 247 HOH C O      1 
HETATM 912 O  O      . HOH F 4 .  ? 17.515  5.223   -4.652  1.00 47.44 ? 248 HOH C O      1 
HETATM 913 O  O      . HOH F 4 .  ? 12.395  2.779   -15.574 1.00 47.03 ? 249 HOH C O      1 
# 
loop_
_atom_site_anisotrop.id 
_atom_site_anisotrop.type_symbol 
_atom_site_anisotrop.pdbx_label_atom_id 
_atom_site_anisotrop.pdbx_label_alt_id 
_atom_site_anisotrop.pdbx_label_comp_id 
_atom_site_anisotrop.pdbx_label_asym_id 
_atom_site_anisotrop.pdbx_label_seq_id 
_atom_site_anisotrop.pdbx_PDB_ins_code 
_atom_site_anisotrop.U[1][1] 
_atom_site_anisotrop.U[2][2] 
_atom_site_anisotrop.U[3][3] 
_atom_site_anisotrop.U[1][2] 
_atom_site_anisotrop.U[1][3] 
_atom_site_anisotrop.U[2][3] 
_atom_site_anisotrop.pdbx_auth_seq_id 
_atom_site_anisotrop.pdbx_auth_comp_id 
_atom_site_anisotrop.pdbx_auth_asym_id 
_atom_site_anisotrop.pdbx_auth_atom_id 
1   O  "O5'" . DC  A 1  ? 0.6872 0.6283 0.6856 0.0498  0.0430  -0.0118 1   DC  B "O5'" 
2   C  "C5'" . DC  A 1  ? 0.3666 0.2935 0.3695 0.0497  0.0513  -0.0026 1   DC  B "C5'" 
3   C  "C4'" . DC  A 1  ? 0.3505 0.2750 0.3318 0.0524  0.0526  0.0071  1   DC  B "C4'" 
4   O  "O4'" . DC  A 1  ? 0.3218 0.2605 0.2898 0.0502  0.0438  0.0036  1   DC  B "O4'" 
5   C  "C3'" . DC  A 1  ? 0.3995 0.3188 0.3816 0.0504  0.0573  0.0136  1   DC  B "C3'" 
6   O  "O3'" . DC  A 1  ? 0.4213 0.3315 0.3875 0.0580  0.0622  0.0240  1   DC  B "O3'" 
7   C  "C2'" . DC  A 1  ? 0.3502 0.2830 0.3268 0.0441  0.0491  0.0083  1   DC  B "C2'" 
8   C  "C1'" . DC  A 1  ? 0.2882 0.2301 0.2511 0.0463  0.0421  0.0063  1   DC  B "C1'" 
9   N  N1    . DC  A 1  ? 0.2590 0.2181 0.2222 0.0413  0.0342  0.0002  1   DC  B N1    
10  C  C2    . DC  A 1  ? 0.2568 0.2242 0.2088 0.0412  0.0284  0.0032  1   DC  B C2    
11  O  O2    . DC  A 1  ? 0.3018 0.2613 0.2435 0.0454  0.0283  0.0085  1   DC  B O2    
12  N  N3    . DC  A 1  ? 0.2512 0.2355 0.2055 0.0378  0.0229  0.0004  1   DC  B N3    
13  C  C4    . DC  A 1  ? 0.2931 0.2867 0.2565 0.0357  0.0226  -0.0062 1   DC  B C4    
14  N  N4    . DC  A 1  ? 0.3097 0.3217 0.2733 0.0345  0.0181  -0.0073 1   DC  B N4    
15  C  C5    . DC  A 1  ? 0.2449 0.2298 0.2194 0.0361  0.0265  -0.0120 1   DC  B C5    
16  C  C6    . DC  A 1  ? 0.2661 0.2337 0.2421 0.0382  0.0325  -0.0079 1   DC  B C6    
29  P  P     . DG  A 2  ? 0.4731 0.3758 0.4384 0.0602  0.0698  0.0331  2   DG  B P     
30  O  OP1   . DG  A 2  ? 0.5067 0.3981 0.4634 0.0719  0.0790  0.0444  2   DG  B OP1   
31  O  OP2   . DG  A 2  ? 0.4316 0.3356 0.4197 0.0522  0.0722  0.0297  2   DG  B OP2   
32  O  "O5'" . DG  A 2  ? 0.4035 0.3134 0.3502 0.0597  0.0616  0.0317  2   DG  B "O5'" 
33  C  "C5'" . DG  A 2  ? 0.4189 0.3302 0.3468 0.0660  0.0557  0.0319  2   DG  B "C5'" 
34  C  "C4'" . DG  A 2  ? 0.4151 0.3329 0.3342 0.0634  0.0470  0.0294  2   DG  B "C4'" 
35  O  "O4'" . DG  A 2  ? 0.3929 0.3233 0.3203 0.0535  0.0393  0.0224  2   DG  B "O4'" 
36  C  "C3'" . DG  A 2  ? 0.3886 0.3030 0.3087 0.0629  0.0512  0.0332  2   DG  B "C3'" 
37  O  "O3'" . DG  A 2  ? 0.5139 0.4257 0.4167 0.0716  0.0472  0.0354  2   DG  B "O3'" 
38  C  "C2'" . DG  A 2  ? 0.3798 0.3042 0.3118 0.0510  0.0458  0.0271  2   DG  B "C2'" 
39  C  "C1'" . DG  A 2  ? 0.3198 0.2545 0.2503 0.0478  0.0367  0.0217  2   DG  B "C1'" 
40  N  N9    . DG  A 2  ? 0.3100 0.2562 0.2525 0.0393  0.0337  0.0160  2   DG  B N9    
41  C  C8    . DG  A 2  ? 0.3126 0.2601 0.2692 0.0359  0.0378  0.0120  2   DG  B C8    
42  N  N7    . DG  A 2  ? 0.2607 0.2220 0.2233 0.0310  0.0326  0.0059  2   DG  B N7    
43  C  C5    . DG  A 2  ? 0.2429 0.2122 0.1964 0.0307  0.0260  0.0084  2   DG  B C5    
44  C  C6    . DG  A 2  ? 0.2326 0.2182 0.1881 0.0273  0.0201  0.0068  2   DG  B C6    
45  O  O6    . DG  A 2  ? 0.2579 0.2558 0.2201 0.0256  0.0191  0.0021  2   DG  B O6    
46  N  N1    . DG  A 2  ? 0.2446 0.2330 0.1948 0.0275  0.0146  0.0117  2   DG  B N1    
47  C  C2    . DG  A 2  ? 0.2373 0.2142 0.1796 0.0314  0.0134  0.0148  2   DG  B C2    
48  N  N2    . DG  A 2  ? 0.2397 0.2213 0.1821 0.0311  0.0060  0.0173  2   DG  B N2    
49  N  N3    . DG  A 2  ? 0.2464 0.2087 0.1825 0.0363  0.0188  0.0156  2   DG  B N3    
50  C  C4    . DG  A 2  ? 0.2687 0.2282 0.2116 0.0352  0.0258  0.0135  2   DG  B C4    
62  P  P     . DC  A 3  ? 0.5032 0.4112 0.4005 0.0758  0.0505  0.0397  3   DC  B P     
63  O  OP1   . DC  A 3  ? 0.5426 0.4437 0.4212 0.0922  0.0533  0.0449  3   DC  B OP1   
64  O  OP2   . DC  A 3  ? 0.5440 0.4514 0.4580 0.0685  0.0590  0.0423  3   DC  B OP2   
65  O  "O5'" . DC  A 3  ? 0.4584 0.3739 0.3545 0.0695  0.0377  0.0329  3   DC  B "O5'" 
66  C  "C5'" . DC  A 3  ? 0.4237 0.3427 0.3120 0.0726  0.0260  0.0282  3   DC  B "C5'" 
67  C  "C4'" . DC  A 3  ? 0.2870 0.2155 0.1858 0.0615  0.0161  0.0234  3   DC  B "C4'" 
68  O  "O4'" . DC  A 3  ? 0.2967 0.2330 0.2089 0.0511  0.0189  0.0225  3   DC  B "O4'" 
69  C  "C3'" . DC  A 3  ? 0.3758 0.3045 0.2768 0.0584  0.0146  0.0234  3   DC  B "C3'" 
70  O  "O3'" . DC  A 3  ? 0.4580 0.3845 0.3509 0.0654  0.0050  0.0207  3   DC  B "O3'" 
71  C  "C2'" . DC  A 3  ? 0.3797 0.3194 0.2959 0.0451  0.0112  0.0216  3   DC  B "C2'" 
72  C  "C1'" . DC  A 3  ? 0.3698 0.3147 0.2913 0.0419  0.0139  0.0209  3   DC  B "C1'" 
73  N  N1    . DC  A 3  ? 0.2994 0.2493 0.2317 0.0349  0.0201  0.0200  3   DC  B N1    
74  C  C2    . DC  A 3  ? 0.2378 0.2013 0.1793 0.0275  0.0160  0.0179  3   DC  B C2    
75  O  O2    . DC  A 3  ? 0.2547 0.2255 0.1975 0.0257  0.0084  0.0189  3   DC  B O2    
76  N  N3    . DC  A 3  ? 0.2791 0.2480 0.2295 0.0234  0.0203  0.0147  3   DC  B N3    
77  C  C4    . DC  A 3  ? 0.2745 0.2347 0.2286 0.0249  0.0279  0.0139  3   DC  B C4    
78  N  N4    . DC  A 3  ? 0.2969 0.2628 0.2632 0.0213  0.0299  0.0087  3   DC  B N4    
79  C  C5    . DC  A 3  ? 0.3418 0.2881 0.2892 0.0314  0.0337  0.0185  3   DC  B C5    
80  C  C6    . DC  A 3  ? 0.3357 0.2780 0.2703 0.0370  0.0297  0.0214  3   DC  B C6    
92  P  P     . DG  A 4  ? 0.4947 0.4192 0.3862 0.0664  0.0026  0.0202  4   DG  B P     
93  O  OP1   . DG  A 4  ? 0.5680 0.4872 0.4454 0.0807  -0.0053 0.0165  4   DG  B OP1   
94  O  OP2   . DG  A 4  ? 0.5177 0.4401 0.4117 0.0636  0.0153  0.0251  4   DG  B OP2   
95  O  "O5'" . DG  A 4  ? 0.3921 0.3256 0.2996 0.0536  -0.0062 0.0179  4   DG  B "O5'" 
96  C  "C5'" . DG  A 4  ? 0.4148 0.3532 0.3298 0.0516  -0.0176 0.0150  4   DG  B "C5'" 
97  C  "C4'" . DG  A 4  ? 0.4199 0.3682 0.3521 0.0394  -0.0215 0.0167  4   DG  B "C4'" 
98  O  "O4'" . DG  A 4  ? 0.4034 0.3591 0.3404 0.0317  -0.0123 0.0199  4   DG  B "O4'" 
99  C  "C3'" . DG  A 4  ? 0.4447 0.3909 0.3790 0.0379  -0.0239 0.0165  4   DG  B "C3'" 
100 O  "O3'" . DG  A 4  ? 0.4797 0.4324 0.4303 0.0315  -0.0340 0.0172  4   DG  B "O3'" 
101 C  "C2'" . DG  A 4  ? 0.4175 0.3664 0.3520 0.0320  -0.0123 0.0196  4   DG  B "C2'" 
102 C  "C1'" . DG  A 4  ? 0.4051 0.3631 0.3463 0.0262  -0.0087 0.0211  4   DG  B "C1'" 
103 N  N9    . DG  A 4  ? 0.3099 0.2680 0.2499 0.0246  0.0021  0.0213  4   DG  B N9    
104 C  C8    . DG  A 4  ? 0.3080 0.2566 0.2409 0.0300  0.0107  0.0217  4   DG  B C8    
105 N  N7    . DG  A 4  ? 0.3457 0.2966 0.2851 0.0264  0.0182  0.0212  4   DG  B N7    
106 C  C5    . DG  A 4  ? 0.2523 0.2159 0.2002 0.0196  0.0141  0.0194  4   DG  B C5    
107 C  C6    . DG  A 4  ? 0.2331 0.2053 0.1896 0.0153  0.0172  0.0164  4   DG  B C6    
108 O  O6    . DG  A 4  ? 0.2952 0.2643 0.2573 0.0155  0.0236  0.0136  4   DG  B O6    
109 N  N1    . DG  A 4  ? 0.2478 0.2346 0.2087 0.0116  0.0116  0.0165  4   DG  B N1    
110 C  C2    . DG  A 4  ? 0.2323 0.2234 0.1932 0.0106  0.0049  0.0207  4   DG  B C2    
111 N  N2    . DG  A 4  ? 0.2756 0.2825 0.2432 0.0078  0.0021  0.0231  4   DG  B N2    
112 N  N3    . DG  A 4  ? 0.3014 0.2832 0.2580 0.0133  0.0006  0.0225  4   DG  B N3    
113 C  C4    . DG  A 4  ? 0.2977 0.2662 0.2459 0.0183  0.0053  0.0209  4   DG  B C4    
125 P  P     . DA  A 5  ? 0.4448 0.3977 0.4029 0.0277  -0.0381 0.0177  5   DA  B P     
126 O  OP1   . DA  A 5  ? 0.5464 0.4983 0.5179 0.0290  -0.0524 0.0152  5   DA  B OP1   
127 O  OP2   . DA  A 5  ? 0.4576 0.4030 0.4015 0.0327  -0.0311 0.0161  5   DA  B OP2   
128 O  "O5'" . DA  A 5  ? 0.3501 0.3160 0.3203 0.0165  -0.0327 0.0242  5   DA  B "O5'" 
129 C  "C5'" . DA  A 5  ? 0.3257 0.3023 0.3086 0.0118  -0.0348 0.0286  5   DA  B "C5'" 
130 C  "C4'" . DA  A 5  ? 0.3631 0.3536 0.3530 0.0047  -0.0287 0.0345  5   DA  B "C4'" 
131 O  "O4'" . DA  A 5  ? 0.3187 0.3098 0.2970 0.0053  -0.0187 0.0317  5   DA  B "O4'" 
132 C  "C3'" . DA  A 5  ? 0.3578 0.3508 0.3543 0.0009  -0.0302 0.0375  5   DA  B "C3'" 
133 O  "O3'" . DA  A 5  ? 0.3186 0.3271 0.3292 -0.0040 -0.0299 0.0460  5   DA  B "O3'" 
134 C  "C2'" . DA  A 5  ? 0.3042 0.2939 0.2879 0.0017  -0.0218 0.0333  5   DA  B "C2'" 
135 C  "C1'" . DA  A 5  ? 0.3297 0.3235 0.3074 0.0026  -0.0146 0.0315  5   DA  B "C1'" 
136 N  N9    . DA  A 5  ? 0.2788 0.2641 0.2462 0.0056  -0.0072 0.0264  5   DA  B N9    
137 C  C8    . DA  A 5  ? 0.2909 0.2623 0.2489 0.0112  -0.0058 0.0238  5   DA  B C8    
138 N  N7    . DA  A 5  ? 0.2951 0.2622 0.2490 0.0128  0.0028  0.0219  5   DA  B N7    
139 C  C5    . DA  A 5  ? 0.2594 0.2375 0.2206 0.0080  0.0057  0.0208  5   DA  B C5    
140 C  C6    . DA  A 5  ? 0.2334 0.2130 0.1985 0.0072  0.0126  0.0172  5   DA  B C6    
141 N  N6    . DA  A 5  ? 0.2730 0.2423 0.2375 0.0101  0.0198  0.0163  5   DA  B N6    
142 N  N1    . DA  A 5  ? 0.2655 0.2585 0.2370 0.0042  0.0117  0.0147  5   DA  B N1    
143 C  C2    . DA  A 5  ? 0.2446 0.2494 0.2174 0.0024  0.0063  0.0182  5   DA  B C2    
144 N  N3    . DA  A 5  ? 0.2899 0.2945 0.2626 0.0017  0.0007  0.0238  5   DA  B N3    
145 C  C4    . DA  A 5  ? 0.2341 0.2243 0.2014 0.0044  -0.0002 0.0237  5   DA  B C4    
157 P  P     . DA  A 6  ? 0.3403 0.3558 0.3611 -0.0078 -0.0313 0.0523  6   DA  B P     
158 O  OP1   . DA  A 6  ? 0.2787 0.3081 0.3190 -0.0107 -0.0334 0.0636  6   DA  B OP1   
159 O  OP2   . DA  A 6  ? 0.3637 0.3655 0.3829 -0.0066 -0.0369 0.0475  6   DA  B OP2   
160 O  "O5'" . DA  A 6  ? 0.2703 0.2943 0.2802 -0.0080 -0.0222 0.0503  6   DA  B "O5'" 
161 C  "C5'" . DA  A 6  ? 0.2949 0.3332 0.3033 -0.0072 -0.0168 0.0525  6   DA  B "C5'" 
162 C  "C4'" . DA  A 6  ? 0.2718 0.3162 0.2718 -0.0061 -0.0111 0.0473  6   DA  B "C4'" 
163 O  "O4'" . DA  A 6  ? 0.2618 0.2927 0.2517 -0.0048 -0.0081 0.0374  6   DA  B "O4'" 
164 C  "C3'" . DA  A 6  ? 0.2415 0.2889 0.2445 -0.0074 -0.0123 0.0496  6   DA  B "C3'" 
165 O  "O3'" . DA  A 6  ? 0.2588 0.3258 0.2625 -0.0051 -0.0093 0.0532  6   DA  B "O3'" 
166 C  "C2'" . DA  A 6  ? 0.2195 0.2532 0.2140 -0.0073 -0.0104 0.0397  6   DA  B "C2'" 
167 C  "C1'" . DA  A 6  ? 0.2455 0.2750 0.2335 -0.0053 -0.0061 0.0329  6   DA  B "C1'" 
168 N  N9    . DA  A 6  ? 0.2204 0.2331 0.2024 -0.0042 -0.0036 0.0270  6   DA  B N9    
169 C  C8    . DA  A 6  ? 0.2169 0.2160 0.1956 -0.0028 -0.0064 0.0276  6   DA  B C8    
170 N  N7    . DA  A 6  ? 0.2515 0.2392 0.2237 0.0002  -0.0015 0.0234  6   DA  B N7    
171 C  C5    . DA  A 6  ? 0.2100 0.2032 0.1850 -0.0009 0.0043  0.0196  6   DA  B C5    
172 C  C6    . DA  A 6  ? 0.2195 0.2059 0.1954 0.0006  0.0116  0.0154  6   DA  B C6    
173 N  N6    . DA  A 6  ? 0.2651 0.2387 0.2364 0.0045  0.0158  0.0166  6   DA  B N6    
174 N  N1    . DA  A 6  ? 0.2503 0.2446 0.2336 -0.0008 0.0140  0.0102  6   DA  B N1    
175 C  C2    . DA  A 6  ? 0.2422 0.2516 0.2279 -0.0020 0.0099  0.0094  6   DA  B C2    
176 N  N3    . DA  A 6  ? 0.2475 0.2655 0.2308 -0.0028 0.0048  0.0151  6   DA  B N3    
177 C  C4    . DA  A 6  ? 0.2088 0.2174 0.1886 -0.0030 0.0022  0.0203  6   DA  B C4    
189 P  P     . DT  A 7  ? 0.2505 0.3267 0.2563 -0.0044 -0.0096 0.0564  7   DT  B P     
190 O  OP1   . DT  A 7  ? 0.2969 0.3959 0.3050 0.0003  -0.0070 0.0650  7   DT  B OP1   
191 O  OP2   . DT  A 7  ? 0.2649 0.3285 0.2772 -0.0082 -0.0142 0.0596  7   DT  B OP2   
192 O  "O5'" . DT  A 7  ? 0.2205 0.2938 0.2175 -0.0028 -0.0071 0.0428  7   DT  B "O5'" 
193 C  "C5'" . DT  A 7  ? 0.2464 0.3272 0.2386 0.0011  -0.0044 0.0352  7   DT  B "C5'" 
194 C  "C4'" . DT  A 7  ? 0.2170 0.2900 0.2076 0.0010  -0.0032 0.0220  7   DT  B "C4'" 
195 O  "O4'" . DT  A 7  ? 0.2287 0.2814 0.2190 -0.0029 -0.0019 0.0198  7   DT  B "O4'" 
196 C  "C3'" . DT  A 7  ? 0.2515 0.3293 0.2440 0.0015  -0.0048 0.0194  7   DT  B "C3'" 
197 O  "O3'" . DT  A 7  ? 0.2915 0.3846 0.2836 0.0075  -0.0054 0.0103  7   DT  B "O3'" 
198 C  "C2'" . DT  A 7  ? 0.2377 0.2961 0.2324 -0.0028 -0.0036 0.0143  7   DT  B "C2'" 
199 C  "C1'" . DT  A 7  ? 0.2359 0.2823 0.2291 -0.0038 -0.0006 0.0123  7   DT  B "C1'" 
200 N  N1    . DT  A 7  ? 0.2208 0.2485 0.2123 -0.0059 0.0013  0.0135  7   DT  B N1    
201 C  C2    . DT  A 7  ? 0.2501 0.2677 0.2442 -0.0057 0.0063  0.0076  7   DT  B C2    
202 O  O2    . DT  A 7  ? 0.2313 0.2534 0.2320 -0.0050 0.0082  0.0003  7   DT  B O2    
203 N  N3    . DT  A 7  ? 0.2236 0.2261 0.2138 -0.0052 0.0086  0.0106  7   DT  B N3    
204 C  C4    . DT  A 7  ? 0.2072 0.2036 0.1912 -0.0046 0.0048  0.0163  7   DT  B C4    
205 O  O4    . DT  A 7  ? 0.2579 0.2420 0.2367 -0.0016 0.0066  0.0174  7   DT  B O4    
206 C  C5    . DT  A 7  ? 0.1965 0.2027 0.1818 -0.0063 -0.0017 0.0211  7   DT  B C5    
207 C  C7    . DT  A 7  ? 0.2297 0.2296 0.2140 -0.0061 -0.0078 0.0263  7   DT  B C7    
208 C  C6    . DT  A 7  ? 0.2047 0.2262 0.1937 -0.0070 -0.0021 0.0208  7   DT  B C6    
221 P  P     . DT  A 8  ? 0.2943 0.3987 0.2878 0.0112  -0.0082 0.0054  8   DT  B P     
222 O  OP1   . DT  A 8  ? 0.2965 0.4222 0.2861 0.0209  -0.0101 -0.0003 8   DT  B OP1   
223 O  OP2   . DT  A 8  ? 0.3202 0.4217 0.3140 0.0082  -0.0090 0.0162  8   DT  B OP2   
224 O  "O5'" . DT  A 8  ? 0.3071 0.3978 0.3087 0.0079  -0.0077 -0.0079 8   DT  B "O5'" 
225 C  "C5'" . DT  A 8  ? 0.2887 0.3761 0.2955 0.0088  -0.0068 -0.0184 8   DT  B "C5'" 
226 C  "C4'" . DT  A 8  ? 0.2718 0.3435 0.2906 0.0041  -0.0043 -0.0256 8   DT  B "C4'" 
227 O  "O4'" . DT  A 8  ? 0.2635 0.3180 0.2790 -0.0013 0.0000  -0.0161 8   DT  B "O4'" 
228 C  "C3'" . DT  A 8  ? 0.3551 0.4304 0.3820 0.0043  -0.0070 -0.0318 8   DT  B "C3'" 
229 O  "O3'" . DT  A 8  ? 0.2923 0.3716 0.3342 0.0069  -0.0095 -0.0469 8   DT  B "O3'" 
230 C  "C2'" . DT  A 8  ? 0.3147 0.3724 0.3438 -0.0019 -0.0023 -0.0249 8   DT  B "C2'" 
231 C  "C1'" . DT  A 8  ? 0.2423 0.2869 0.2669 -0.0042 0.0026  -0.0188 8   DT  B "C1'" 
232 N  N1    . DT  A 8  ? 0.2131 0.2442 0.2300 -0.0069 0.0054  -0.0086 8   DT  B N1    
233 C  C2    . DT  A 8  ? 0.2404 0.2565 0.2608 -0.0080 0.0115  -0.0073 8   DT  B C2    
234 O  O2    . DT  A 8  ? 0.2554 0.2680 0.2879 -0.0081 0.0156  -0.0128 8   DT  B O2    
235 N  N3    . DT  A 8  ? 0.2406 0.2464 0.2510 -0.0077 0.0124  0.0007  8   DT  B N3    
236 C  C4    . DT  A 8  ? 0.1952 0.2029 0.1965 -0.0078 0.0070  0.0066  8   DT  B C4    
237 O  O4    . DT  A 8  ? 0.2463 0.2441 0.2409 -0.0066 0.0064  0.0115  8   DT  B O4    
238 C  C5    . DT  A 8  ? 0.2070 0.2297 0.2086 -0.0082 0.0017  0.0069  8   DT  B C5    
239 C  C7    . DT  A 8  ? 0.2433 0.2692 0.2405 -0.0086 -0.0037 0.0153  8   DT  B C7    
240 C  C6    . DT  A 8  ? 0.2126 0.2469 0.2199 -0.0070 0.0016  -0.0002 8   DT  B C6    
253 P  P     . DC  A 9  ? 0.3240 0.4086 0.3804 0.0081  -0.0137 -0.0578 9   DC  B P     
254 O  OP1   . DC  A 9  ? 0.3588 0.4560 0.4255 0.0150  -0.0204 -0.0744 9   DC  B OP1   
255 O  OP2   . DC  A 9  ? 0.3043 0.3944 0.3506 0.0084  -0.0150 -0.0501 9   DC  B OP2   
256 O  "O5'" . DC  A 9  ? 0.3000 0.3654 0.3729 0.0007  -0.0069 -0.0565 9   DC  B "O5'" 
257 C  "C5'" . DC  A 9  ? 0.3038 0.3582 0.3873 -0.0015 -0.0023 -0.0581 9   DC  B "C5'" 
258 C  "C4'" . DC  A 9  ? 0.3013 0.3397 0.3987 -0.0068 0.0060  -0.0526 9   DC  B "C4'" 
259 O  "O4'" . DC  A 9  ? 0.2775 0.3069 0.3562 -0.0088 0.0110  -0.0382 9   DC  B "O4'" 
260 C  "C3'" . DC  A 9  ? 0.3383 0.3793 0.4553 -0.0081 0.0046  -0.0592 9   DC  B "C3'" 
261 O  "O3'" . DC  A 9  ? 0.3615 0.3947 0.5070 -0.0104 0.0091  -0.0638 9   DC  B "O3'" 
262 C  "C2'" . DC  A 9  ? 0.2804 0.3149 0.3847 -0.0104 0.0094  -0.0468 9   DC  B "C2'" 
263 C  "C1'" . DC  A 9  ? 0.2872 0.3101 0.3739 -0.0109 0.0155  -0.0347 9   DC  B "C1'" 
264 N  N1    . DC  A 9  ? 0.2441 0.2639 0.3094 -0.0108 0.0154  -0.0242 9   DC  B N1    
265 C  C2    . DC  A 9  ? 0.2581 0.2643 0.3170 -0.0105 0.0224  -0.0143 9   DC  B C2    
266 O  O2    . DC  A 9  ? 0.2478 0.2458 0.3194 -0.0105 0.0304  -0.0126 9   DC  B O2    
267 N  N3    . DC  A 9  ? 0.2176 0.2208 0.2580 -0.0094 0.0201  -0.0070 9   DC  B N3    
268 C  C4    . DC  A 9  ? 0.2339 0.2462 0.2650 -0.0096 0.0123  -0.0071 9   DC  B C4    
269 N  N4    . DC  A 9  ? 0.2199 0.2282 0.2380 -0.0089 0.0094  0.0001  9   DC  B N4    
270 C  C5    . DC  A 9  ? 0.2299 0.2568 0.2660 -0.0094 0.0071  -0.0143 9   DC  B C5    
271 C  C6    . DC  A 9  ? 0.2425 0.2727 0.2939 -0.0093 0.0082  -0.0236 9   DC  B C6    
283 P  P     . DG  A 10 ? 0.3776 0.4164 0.5564 -0.0111 0.0052  -0.0768 10  DG  B P     
284 O  OP1   . DG  A 10 ? 0.4266 0.4603 0.6344 -0.0119 0.0060  -0.0843 10  DG  B OP1   
285 O  OP2   . DG  A 10 ? 0.3556 0.4106 0.5258 -0.0068 -0.0056 -0.0864 10  DG  B OP2   
286 O  "O5'" . DG  A 10 ? 0.3292 0.3585 0.5139 -0.0150 0.0150  -0.0646 10  DG  B "O5'" 
287 C  "C5'" . DG  A 10 ? 0.2770 0.2918 0.4653 -0.0171 0.0273  -0.0514 10  DG  B "C5'" 
288 C  "C4'" . DG  A 10 ? 0.3527 0.3625 0.5345 -0.0176 0.0350  -0.0394 10  DG  B "C4'" 
289 O  "O4'" . DG  A 10 ? 0.3108 0.3208 0.4568 -0.0156 0.0325  -0.0326 10  DG  B "O4'" 
290 C  "C3'" . DG  A 10 ? 0.3483 0.3659 0.5493 -0.0188 0.0319  -0.0458 10  DG  B "C3'" 
291 O  "O3'" . DG  A 10 ? 0.3574 0.3673 0.5691 -0.0192 0.0439  -0.0339 10  DG  B "O3'" 
292 C  "C2'" . DG  A 10 ? 0.3105 0.3360 0.4817 -0.0167 0.0238  -0.0467 10  DG  B "C2'" 
293 C  "C1'" . DG  A 10 ? 0.2641 0.2792 0.4071 -0.0155 0.0299  -0.0326 10  DG  B "C1'" 
294 N  N9    . DG  A 10 ? 0.2791 0.2980 0.3925 -0.0138 0.0231  -0.0300 10  DG  B N9    
295 C  C8    . DG  A 10 ? 0.2761 0.3074 0.3803 -0.0126 0.0129  -0.0373 10  DG  B C8    
296 N  N7    . DG  A 10 ? 0.2599 0.2911 0.3406 -0.0114 0.0102  -0.0298 10  DG  B N7    
297 C  C5    . DG  A 10 ? 0.2168 0.2345 0.2899 -0.0115 0.0174  -0.0195 10  DG  B C5    
298 C  C6    . DG  A 10 ? 0.2111 0.2225 0.2637 -0.0100 0.0166  -0.0105 10  DG  B C6    
299 O  O6    . DG  A 10 ? 0.2353 0.2510 0.2747 -0.0096 0.0098  -0.0081 10  DG  B O6    
300 N  N1    . DG  A 10 ? 0.2347 0.2340 0.2846 -0.0078 0.0245  -0.0035 10  DG  B N1    
301 C  C2    . DG  A 10 ? 0.2699 0.2646 0.3361 -0.0073 0.0341  -0.0026 10  DG  B C2    
302 N  N2    . DG  A 10 ? 0.2548 0.2397 0.3141 -0.0026 0.0421  0.0061  10  DG  B N2    
303 N  N3    . DG  A 10 ? 0.2661 0.2659 0.3553 -0.0102 0.0355  -0.0096 10  DG  B N3    
304 C  C4    . DG  A 10 ? 0.2452 0.2562 0.3363 -0.0122 0.0260  -0.0190 10  DG  B C4    
316 P  P     . DC  A 11 ? 0.3432 0.3534 0.6012 -0.0219 0.0501  -0.0357 11  DC  B P     
317 O  OP1   . DC  A 11 ? 0.3338 0.3421 0.6163 -0.0236 0.0481  -0.0434 11  DC  B OP1   
318 O  OP2   . DC  A 11 ? 0.3561 0.3765 0.6257 -0.0227 0.0438  -0.0440 11  DC  B OP2   
319 O  "O5'" . DC  A 11 ? 0.3478 0.3478 0.6016 -0.0193 0.0669  -0.0153 11  DC  B "O5'" 
320 C  "C5'" . DC  A 11 ? 0.2758 0.2660 0.5133 -0.0164 0.0745  -0.0044 11  DC  B "C5'" 
321 C  "C4'" . DC  A 11 ? 0.2927 0.2777 0.4964 -0.0103 0.0813  0.0096  11  DC  B "C4'" 
322 O  "O4'" . DC  A 11 ? 0.2896 0.2785 0.4619 -0.0100 0.0697  0.0033  11  DC  B "O4'" 
323 C  "C3'" . DC  A 11 ? 0.3166 0.3022 0.5301 -0.0067 0.0922  0.0203  11  DC  B "C3'" 
324 O  "O3'" . DC  A 11 ? 0.3568 0.3344 0.5557 0.0013  0.1052  0.0367  11  DC  B "O3'" 
325 C  "C2'" . DC  A 11 ? 0.3674 0.3585 0.5578 -0.0058 0.0831  0.0151  11  DC  B "C2'" 
326 C  "C1'" . DC  A 11 ? 0.2339 0.2236 0.3928 -0.0063 0.0717  0.0091  11  DC  B "C1'" 
327 N  N1    . DC  A 11 ? 0.2945 0.2920 0.4411 -0.0089 0.0582  -0.0015 11  DC  B N1    
328 C  C2    . DC  A 11 ? 0.2824 0.2779 0.3973 -0.0057 0.0530  0.0016  11  DC  B C2    
329 O  O2    . DC  A 11 ? 0.2546 0.2420 0.3522 0.0000  0.0588  0.0114  11  DC  B O2    
330 N  N3    . DC  A 11 ? 0.2428 0.2456 0.3481 -0.0078 0.0413  -0.0059 11  DC  B N3    
331 C  C4    . DC  A 11 ? 0.2899 0.3026 0.4117 -0.0115 0.0348  -0.0169 11  DC  B C4    
332 N  N4    . DC  A 11 ? 0.3216 0.3426 0.4316 -0.0117 0.0244  -0.0223 11  DC  B N4    
333 C  C5    . DC  A 11 ? 0.3087 0.3240 0.4621 -0.0142 0.0382  -0.0228 11  DC  B C5    
334 C  C6    . DC  A 11 ? 0.4046 0.4114 0.5709 -0.0135 0.0499  -0.0145 11  DC  B C6    
346 P  P     . DG  A 12 ? 0.4741 0.4524 0.6869 0.0083  0.1219  0.0529  12  DG  B P     
347 O  OP1   . DG  A 12 ? 0.5079 0.4784 0.7058 0.0173  0.1337  0.0678  12  DG  B OP1   
348 O  OP2   . DG  A 12 ? 0.5080 0.4922 0.7678 0.0021  0.1257  0.0507  12  DG  B OP2   
349 O  "O5'" . DG  A 12 ? 0.4029 0.3847 0.5867 0.0136  0.1173  0.0524  12  DG  B "O5'" 
350 C  "C5'" . DG  A 12 ? 0.3805 0.3575 0.5228 0.0221  0.1146  0.0560  12  DG  B "C5'" 
351 C  "C4'" . DG  A 12 ? 0.2705 0.2515 0.3954 0.0261  0.1092  0.0535  12  DG  B "C4'" 
352 O  "O4'" . DG  A 12 ? 0.3122 0.2966 0.4318 0.0178  0.0930  0.0392  12  DG  B "O4'" 
353 C  "C3'" . DG  A 12 ? 0.2745 0.2625 0.4237 0.0283  0.1193  0.0599  12  DG  B "C3'" 
354 O  "O3'" . DG  A 12 ? 0.3248 0.3120 0.4564 0.0426  0.1303  0.0732  12  DG  B "O3'" 
355 C  "C2'" . DG  A 12 ? 0.2818 0.2761 0.4318 0.0221  0.1064  0.0472  12  DG  B "C2'" 
356 C  "C1'" . DG  A 12 ? 0.2602 0.2513 0.3853 0.0175  0.0905  0.0361  12  DG  B "C1'" 
357 N  N9    . DG  A 12 ? 0.2796 0.2767 0.4167 0.0076  0.0782  0.0223  12  DG  B N9    
358 C  C8    . DG  A 12 ? 0.3339 0.3358 0.5020 -0.0001 0.0770  0.0149  12  DG  B C8    
359 N  N7    . DG  A 12 ? 0.3179 0.3260 0.4842 -0.0053 0.0636  0.0021  12  DG  B N7    
360 C  C5    . DG  A 12 ? 0.2575 0.2636 0.3910 -0.0021 0.0566  0.0031  12  DG  B C5    
361 C  C6    . DG  A 12 ? 0.2629 0.2739 0.3809 -0.0043 0.0431  -0.0049 12  DG  B C6    
362 O  O6    . DG  A 12 ? 0.2986 0.3181 0.4256 -0.0083 0.0348  -0.0151 12  DG  B O6    
363 N  N1    . DG  A 12 ? 0.2731 0.2788 0.3637 0.0001  0.0396  0.0001  12  DG  B N1    
364 C  C2    . DG  A 12 ? 0.2438 0.2412 0.3208 0.0072  0.0466  0.0092  12  DG  B C2    
365 N  N2    . DG  A 12 ? 0.2390 0.2323 0.2927 0.0114  0.0396  0.0105  12  DG  B N2    
366 N  N3    . DG  A 12 ? 0.2230 0.2173 0.3103 0.0112  0.0596  0.0168  12  DG  B N3    
367 C  C4    . DG  A 12 ? 0.2498 0.2485 0.3662 0.0055  0.0645  0.0143  12  DG  B C4    
380 O  "O5'" . DC  B 1  ? 0.5840 0.6200 0.6153 -0.0013 -0.0206 -0.0011 13  DC  C "O5'" 
381 C  "C5'" . DC  B 1  ? 0.3745 0.4024 0.4043 0.0009  -0.0214 0.0002  13  DC  C "C5'" 
382 C  "C4'" . DC  B 1  ? 0.3469 0.3607 0.3704 0.0025  -0.0174 0.0023  13  DC  C "C4'" 
383 O  "O4'" . DC  B 1  ? 0.3140 0.3277 0.3446 0.0021  -0.0081 -0.0013 13  DC  C "O4'" 
384 C  "C3'" . DC  B 1  ? 0.4206 0.4282 0.4365 0.0017  -0.0201 0.0072  13  DC  C "C3'" 
385 O  "O3'" . DC  B 1  ? 0.4221 0.4173 0.4304 0.0060  -0.0228 0.0092  13  DC  C "O3'" 
386 C  "C2'" . DC  B 1  ? 0.3094 0.3179 0.3274 -0.0003 -0.0126 0.0049  13  DC  C "C2'" 
387 C  "C1'" . DC  B 1  ? 0.3192 0.3273 0.3451 0.0014  -0.0047 0.0010  13  DC  C "C1'" 
388 N  N1    . DC  B 1  ? 0.2964 0.3110 0.3353 -0.0017 0.0014  -0.0038 13  DC  C N1    
389 C  C2    . DC  B 1  ? 0.2510 0.2605 0.2977 -0.0005 0.0113  -0.0032 13  DC  C C2    
390 O  O2    . DC  B 1  ? 0.3139 0.3147 0.3527 0.0044  0.0155  0.0017  13  DC  C O2    
391 N  N3    . DC  B 1  ? 0.2928 0.3077 0.3567 -0.0036 0.0156  -0.0080 13  DC  C N3    
392 C  C4    . DC  B 1  ? 0.4053 0.4307 0.4759 -0.0065 0.0097  -0.0150 13  DC  C C4    
393 N  N4    . DC  B 1  ? 0.2813 0.3115 0.3710 -0.0087 0.0125  -0.0217 13  DC  C N4    
394 C  C5    . DC  B 1  ? 0.4221 0.4545 0.4815 -0.0062 0.0003  -0.0154 13  DC  C C5    
395 C  C6    . DC  B 1  ? 0.3957 0.4221 0.4411 -0.0043 -0.0030 -0.0087 13  DC  C C6    
408 P  P     . DG  B 2  ? 0.4477 0.4351 0.4507 0.0062  -0.0291 0.0134  14  DG  C P     
409 O  OP1   . DG  B 2  ? 0.5903 0.5693 0.5917 0.0108  -0.0377 0.0135  14  DG  C OP1   
410 O  OP2   . DG  B 2  ? 0.4700 0.4668 0.4776 0.0009  -0.0302 0.0171  14  DG  C OP2   
411 O  "O5'" . DG  B 2  ? 0.3664 0.3471 0.3624 0.0092  -0.0220 0.0118  14  DG  C "O5'" 
412 C  "C5'" . DG  B 2  ? 0.3434 0.3183 0.3341 0.0161  -0.0173 0.0096  14  DG  C "C5'" 
413 C  "C4'" . DG  B 2  ? 0.3016 0.2727 0.2873 0.0191  -0.0082 0.0103  14  DG  C "C4'" 
414 O  "O4'" . DG  B 2  ? 0.3131 0.2922 0.3097 0.0135  0.0005  0.0098  14  DG  C "O4'" 
415 C  "C3'" . DG  B 2  ? 0.2593 0.2254 0.2389 0.0189  -0.0118 0.0117  14  DG  C "C3'" 
416 O  "O3'" . DG  B 2  ? 0.2870 0.2444 0.2547 0.0289  -0.0107 0.0113  14  DG  C "O3'" 
417 C  "C2'" . DG  B 2  ? 0.3208 0.2928 0.3068 0.0127  -0.0042 0.0126  14  DG  C "C2'" 
418 C  "C1'" . DG  B 2  ? 0.3120 0.2892 0.3074 0.0120  0.0048  0.0112  14  DG  C "C1'" 
419 N  N9    . DG  B 2  ? 0.2247 0.2112 0.2329 0.0049  0.0075  0.0086  14  DG  C N9    
420 C  C8    . DG  B 2  ? 0.3263 0.3217 0.3382 -0.0003 0.0009  0.0068  14  DG  C C8    
421 N  N7    . DG  B 2  ? 0.2970 0.3007 0.3197 -0.0037 0.0040  0.0026  14  DG  C N7    
422 C  C5    . DG  B 2  ? 0.2244 0.2235 0.2544 -0.0023 0.0133  0.0022  14  DG  C C5    
423 C  C6    . DG  B 2  ? 0.2389 0.2422 0.2859 -0.0049 0.0192  -0.0021 14  DG  C C6    
424 O  O6    . DG  B 2  ? 0.2487 0.2612 0.3057 -0.0081 0.0158  -0.0088 14  DG  C O6    
425 N  N1    . DG  B 2  ? 0.2233 0.2194 0.2766 -0.0021 0.0294  0.0018  14  DG  C N1    
426 C  C2    . DG  B 2  ? 0.2196 0.2071 0.2606 0.0043  0.0338  0.0088  14  DG  C C2    
427 N  N2    . DG  B 2  ? 0.2233 0.2069 0.2727 0.0079  0.0455  0.0141  14  DG  C N2    
428 N  N3    . DG  B 2  ? 0.2183 0.2019 0.2411 0.0078  0.0267  0.0106  14  DG  C N3    
429 C  C4    . DG  B 2  ? 0.2237 0.2127 0.2439 0.0033  0.0166  0.0071  14  DG  C C4    
441 P  P     . DC  B 3  ? 0.3323 0.2831 0.2918 0.0321  -0.0154 0.0113  15  DC  C P     
442 O  OP1   . DC  B 3  ? 0.3744 0.3174 0.3223 0.0447  -0.0216 0.0078  15  DC  C OP1   
443 O  OP2   . DC  B 3  ? 0.3665 0.3205 0.3344 0.0230  -0.0227 0.0126  15  DC  C OP2   
444 O  "O5'" . DC  B 3  ? 0.2938 0.2448 0.2504 0.0336  -0.0025 0.0142  15  DC  C "O5'" 
445 C  "C5'" . DC  B 3  ? 0.3205 0.2710 0.2734 0.0416  0.0085  0.0166  15  DC  C "C5'" 
446 C  "C4'" . DC  B 3  ? 0.2799 0.2332 0.2408 0.0378  0.0212  0.0206  15  DC  C "C4'" 
447 O  "O4'" . DC  B 3  ? 0.2696 0.2304 0.2467 0.0260  0.0213  0.0187  15  DC  C "O4'" 
448 C  "C3'" . DC  B 3  ? 0.2835 0.2330 0.2388 0.0380  0.0215  0.0218  15  DC  C "C3'" 
449 O  "O3'" . DC  B 3  ? 0.3392 0.2832 0.2810 0.0510  0.0272  0.0253  15  DC  C "O3'" 
450 C  "C2'" . DC  B 3  ? 0.3415 0.2962 0.3126 0.0285  0.0293  0.0229  15  DC  C "C2'" 
451 C  "C1'" . DC  B 3  ? 0.2336 0.1959 0.2187 0.0216  0.0282  0.0200  15  DC  C "C1'" 
452 N  N1    . DC  B 3  ? 0.2522 0.2217 0.2456 0.0117  0.0215  0.0158  15  DC  C N1    
453 C  C2    . DC  B 3  ? 0.2162 0.1921 0.2252 0.0057  0.0261  0.0131  15  DC  C C2    
454 O  O2    . DC  B 3  ? 0.2426 0.2169 0.2620 0.0073  0.0362  0.0150  15  DC  C O2    
455 N  N3    . DC  B 3  ? 0.2132 0.1978 0.2273 -0.0004 0.0196  0.0087  15  DC  C N3    
456 C  C4    . DC  B 3  ? 0.2706 0.2575 0.2760 -0.0014 0.0105  0.0096  15  DC  C C4    
457 N  N4    . DC  B 3  ? 0.2587 0.2560 0.2683 -0.0054 0.0056  0.0071  15  DC  C N4    
458 C  C5    . DC  B 3  ? 0.2702 0.2493 0.2638 0.0030  0.0056  0.0130  15  DC  C C5    
459 C  C6    . DC  B 3  ? 0.2715 0.2420 0.2587 0.0097  0.0105  0.0147  15  DC  C C6    
471 P  P     . DG  B 4  ? 0.3915 0.3302 0.3228 0.0551  0.0257  0.0259  16  DG  C P     
472 O  OP1   . DG  B 4  ? 0.4902 0.4241 0.4026 0.0722  0.0256  0.0267  16  DG  C OP1   
473 O  OP2   . DG  B 4  ? 0.4111 0.3507 0.3466 0.0454  0.0142  0.0215  16  DG  C OP2   
474 O  "O5'" . DG  B 4  ? 0.3297 0.2700 0.2716 0.0513  0.0399  0.0320  16  DG  C "O5'" 
475 C  "C5'" . DG  B 4  ? 0.3551 0.2961 0.3016 0.0578  0.0543  0.0394  16  DG  C "C5'" 
476 C  "C4'" . DG  B 4  ? 0.3712 0.3137 0.3365 0.0502  0.0648  0.0434  16  DG  C "C4'" 
477 O  "O4'" . DG  B 4  ? 0.3401 0.2881 0.3223 0.0358  0.0589  0.0365  16  DG  C "O4'" 
478 C  "C3'" . DG  B 4  ? 0.3859 0.3239 0.3453 0.0516  0.0660  0.0451  16  DG  C "C3'" 
479 O  "O3'" . DG  B 4  ? 0.3914 0.3288 0.3659 0.0522  0.0802  0.0530  16  DG  C "O3'" 
480 C  "C2'" . DG  B 4  ? 0.3656 0.3066 0.3305 0.0390  0.0546  0.0368  16  DG  C "C2'" 
481 C  "C1'" . DG  B 4  ? 0.3451 0.2930 0.3294 0.0294  0.0549  0.0334  16  DG  C "C1'" 
482 N  N9    . DG  B 4  ? 0.2873 0.2408 0.2726 0.0207  0.0426  0.0259  16  DG  C N9    
483 C  C8    . DG  B 4  ? 0.2562 0.2090 0.2284 0.0214  0.0312  0.0234  16  DG  C C8    
484 N  N7    . DG  B 4  ? 0.2779 0.2378 0.2566 0.0133  0.0236  0.0194  16  DG  C N7    
485 C  C5    . DG  B 4  ? 0.2469 0.2128 0.2414 0.0077  0.0293  0.0172  16  DG  C C5    
486 C  C6    . DG  B 4  ? 0.2226 0.1987 0.2277 0.0006  0.0249  0.0119  16  DG  C C6    
487 O  O6    . DG  B 4  ? 0.2423 0.2251 0.2443 -0.0023 0.0164  0.0105  16  DG  C O6    
488 N  N1    . DG  B 4  ? 0.2282 0.2076 0.2507 -0.0019 0.0311  0.0085  16  DG  C N1    
489 C  C2    . DG  B 4  ? 0.2664 0.2394 0.2980 0.0009  0.0415  0.0119  16  DG  C C2    
490 N  N2    . DG  B 4  ? 0.2385 0.2155 0.2923 -0.0029 0.0453  0.0075  16  DG  C N2    
491 N  N3    . DG  B 4  ? 0.2506 0.2148 0.2716 0.0078  0.0477  0.0195  16  DG  C N3    
492 C  C4    . DG  B 4  ? 0.2838 0.2451 0.2849 0.0114  0.0404  0.0208  16  DG  C C4    
504 P  P     . DA  B 5  ? 0.4150 0.3485 0.3934 0.0506  0.0842  0.0553  17  DA  C P     
505 O  OP1   . DA  B 5  ? 0.4176 0.3486 0.4022 0.0602  0.1009  0.0683  17  DA  C OP1   
506 O  OP2   . DA  B 5  ? 0.4501 0.3811 0.4097 0.0515  0.0728  0.0495  17  DA  C OP2   
507 O  "O5'" . DA  B 5  ? 0.3799 0.3181 0.3860 0.0357  0.0834  0.0492  17  DA  C "O5'" 
508 C  "C5'" . DA  B 5  ? 0.3905 0.3327 0.4203 0.0316  0.0901  0.0507  17  DA  C "C5'" 
509 C  "C4'" . DA  B 5  ? 0.3554 0.3018 0.4098 0.0198  0.0865  0.0421  17  DA  C "C4'" 
510 O  "O4'" . DA  B 5  ? 0.3554 0.3074 0.4004 0.0132  0.0721  0.0312  17  DA  C "O4'" 
511 C  "C3'" . DA  B 5  ? 0.3733 0.3154 0.4358 0.0188  0.0900  0.0432  17  DA  C "C3'" 
512 O  "O3'" . DA  B 5  ? 0.3896 0.3342 0.4859 0.0119  0.0933  0.0396  17  DA  C "O3'" 
513 C  "C2'" . DA  B 5  ? 0.3279 0.2720 0.3716 0.0156  0.0769  0.0345  17  DA  C "C2'" 
514 C  "C1'" . DA  B 5  ? 0.3065 0.2590 0.3501 0.0096  0.0669  0.0260  17  DA  C "C1'" 
515 N  N9    . DA  B 5  ? 0.2622 0.2171 0.2837 0.0094  0.0556  0.0227  17  DA  C N9    
516 C  C8    . DA  B 5  ? 0.2415 0.1913 0.2411 0.0161  0.0531  0.0269  17  DA  C C8    
517 N  N7    . DA  B 5  ? 0.2660 0.2198 0.2554 0.0134  0.0420  0.0229  17  DA  C N7    
518 C  C5    . DA  B 5  ? 0.2488 0.2117 0.2513 0.0055  0.0380  0.0167  17  DA  C C5    
519 C  C6    . DA  B 5  ? 0.2134 0.1854 0.2139 0.0008  0.0284  0.0124  17  DA  C C6    
520 N  N6    . DA  B 5  ? 0.2470 0.2190 0.2352 0.0017  0.0207  0.0146  17  DA  C N6    
521 N  N1    . DA  B 5  ? 0.2209 0.2028 0.2344 -0.0038 0.0267  0.0060  17  DA  C N1    
522 C  C2    . DA  B 5  ? 0.2274 0.2089 0.2581 -0.0048 0.0329  0.0027  17  DA  C C2    
523 N  N3    . DA  B 5  ? 0.2682 0.2406 0.3066 -0.0023 0.0425  0.0070  17  DA  C N3    
524 C  C4    . DA  B 5  ? 0.2579 0.2218 0.2797 0.0034  0.0453  0.0150  17  DA  C C4    
536 P  P     . DA  B 6  ? 0.4368 0.3768 0.5509 0.0102  0.0973  0.0396  18  DA  C P     
537 O  OP1   . DA  B 6  ? 0.4389 0.3792 0.5930 0.0068  0.1055  0.0416  18  DA  C OP1   
538 O  OP2   . DA  B 6  ? 0.3875 0.3201 0.4776 0.0190  0.1023  0.0493  18  DA  C OP2   
539 O  "O5'" . DA  B 6  ? 0.3640 0.3104 0.4736 0.0034  0.0824  0.0240  18  DA  C "O5'" 
540 C  "C5'" . DA  B 6  ? 0.3453 0.3010 0.4695 -0.0030 0.0738  0.0118  18  DA  C "C5'" 
541 C  "C4'" . DA  B 6  ? 0.3243 0.2876 0.4385 -0.0058 0.0612  -0.0003 18  DA  C "C4'" 
542 O  "O4'" . DA  B 6  ? 0.3886 0.3542 0.4715 -0.0040 0.0553  0.0020  18  DA  C "O4'" 
543 C  "C3'" . DA  B 6  ? 0.4541 0.4136 0.5717 -0.0049 0.0616  -0.0021 18  DA  C "C3'" 
544 O  "O3'" . DA  B 6  ? 0.4852 0.4523 0.6247 -0.0082 0.0540  -0.0165 18  DA  C "O3'" 
545 C  "C2'" . DA  B 6  ? 0.3526 0.3129 0.4370 -0.0022 0.0564  0.0002  18  DA  C "C2'" 
546 C  "C1'" . DA  B 6  ? 0.2915 0.2594 0.3616 -0.0037 0.0496  -0.0013 18  DA  C "C1'" 
547 N  N9    . DA  B 6  ? 0.2837 0.2491 0.3262 -0.0006 0.0472  0.0054  18  DA  C N9    
548 C  C8    . DA  B 6  ? 0.2293 0.1850 0.2582 0.0051  0.0529  0.0151  18  DA  C C8    
549 N  N7    . DA  B 6  ? 0.2599 0.2159 0.2683 0.0071  0.0466  0.0169  18  DA  C N7    
550 C  C5    . DA  B 6  ? 0.2716 0.2384 0.2810 0.0019  0.0375  0.0104  18  DA  C C5    
551 C  C6    . DA  B 6  ? 0.2656 0.2382 0.2625 0.0008  0.0286  0.0105  18  DA  C C6    
552 N  N6    . DA  B 6  ? 0.2535 0.2206 0.2364 0.0043  0.0256  0.0152  18  DA  C N6    
553 N  N1    . DA  B 6  ? 0.2419 0.2272 0.2437 -0.0030 0.0227  0.0056  18  DA  C N1    
554 C  C2    . DA  B 6  ? 0.2227 0.2142 0.2389 -0.0048 0.0239  -0.0016 18  DA  C C2    
555 N  N3    . DA  B 6  ? 0.2559 0.2420 0.2874 -0.0049 0.0303  -0.0045 18  DA  C N3    
556 C  C4    . DA  B 6  ? 0.2844 0.2579 0.3123 -0.0020 0.0378  0.0030  18  DA  C C4    
568 P  P     . DT  B 7  ? 0.4568 0.4222 0.6058 -0.0073 0.0517  -0.0231 19  DT  C P     
569 O  OP1   . DT  B 7  ? 0.4896 0.4601 0.6729 -0.0096 0.0463  -0.0372 19  DT  C OP1   
570 O  OP2   . DT  B 7  ? 0.4731 0.4260 0.6162 -0.0041 0.0620  -0.0101 19  DT  C OP2   
571 O  "O5'" . DT  B 7  ? 0.3294 0.3056 0.4503 -0.0057 0.0411  -0.0294 19  DT  C "O5'" 
572 C  "C5'" . DT  B 7  ? 0.4063 0.3964 0.5238 -0.0064 0.0316  -0.0390 19  DT  C "C5'" 
573 C  "C4'" . DT  B 7  ? 0.3254 0.3250 0.4151 -0.0040 0.0251  -0.0387 19  DT  C "C4'" 
574 O  "O4'" . DT  B 7  ? 0.2796 0.2727 0.3476 -0.0043 0.0292  -0.0254 19  DT  C "O4'" 
575 C  "C3'" . DT  B 7  ? 0.2865 0.2881 0.3722 -0.0011 0.0227  -0.0428 19  DT  C "C3'" 
576 O  "O3'" . DT  B 7  ? 0.3210 0.3391 0.4080 0.0023  0.0130  -0.0557 19  DT  C "O3'" 
577 C  "C2'" . DT  B 7  ? 0.3232 0.3215 0.3826 -0.0003 0.0249  -0.0308 19  DT  C "C2'" 
578 C  "C1'" . DT  B 7  ? 0.2341 0.2321 0.2833 -0.0023 0.0254  -0.0235 19  DT  C "C1'" 
579 N  N1    . DT  B 7  ? 0.2763 0.2643 0.3086 -0.0016 0.0295  -0.0114 19  DT  C N1    
580 C  C2    . DT  B 7  ? 0.2379 0.2315 0.2535 -0.0015 0.0245  -0.0069 19  DT  C C2    
581 O  O2    . DT  B 7  ? 0.2936 0.3005 0.3069 -0.0020 0.0185  -0.0098 19  DT  C O2    
582 N  N3    . DT  B 7  ? 0.2842 0.2679 0.2873 0.0000  0.0266  0.0016  19  DT  C N3    
583 C  C4    . DT  B 7  ? 0.2606 0.2308 0.2624 0.0033  0.0337  0.0066  19  DT  C C4    
584 O  O4    . DT  B 7  ? 0.2508 0.2142 0.2392 0.0068  0.0338  0.0127  19  DT  C O4    
585 C  C5    . DT  B 7  ? 0.2742 0.2397 0.2933 0.0031  0.0408  0.0042  19  DT  C C5    
586 C  C7    . DT  B 7  ? 0.3269 0.2793 0.3474 0.0078  0.0510  0.0123  19  DT  C C7    
587 C  C6    . DT  B 7  ? 0.2787 0.2526 0.3139 0.0000  0.0380  -0.0049 19  DT  C C6    
600 P  P     . DT  B 8  ? 0.3547 0.3808 0.4400 0.0077  0.0077  -0.0646 20  DT  C P     
601 O  OP1   . DT  B 8  ? 0.3436 0.3845 0.4421 0.0123  -0.0018 -0.0817 20  DT  C OP1   
602 O  OP2   . DT  B 8  ? 0.3720 0.3834 0.4661 0.0068  0.0138  -0.0614 20  DT  C OP2   
603 O  "O5'" . DT  B 8  ? 0.3670 0.4028 0.4237 0.0098  0.0065  -0.0555 20  DT  C "O5'" 
604 C  "C5'" . DT  B 8  ? 0.3301 0.3786 0.3755 0.0107  0.0028  -0.0530 20  DT  C "C5'" 
605 C  "C4'" . DT  B 8  ? 0.3123 0.3653 0.3369 0.0111  0.0038  -0.0404 20  DT  C "C4'" 
606 O  "O4'" . DT  B 8  ? 0.2834 0.3195 0.3032 0.0060  0.0097  -0.0292 20  DT  C "O4'" 
607 C  "C3'" . DT  B 8  ? 0.3273 0.3887 0.3444 0.0161  0.0023  -0.0416 20  DT  C "C3'" 
608 O  "O3'" . DT  B 8  ? 0.3463 0.4283 0.3529 0.0215  -0.0017 -0.0397 20  DT  C "O3'" 
609 C  "C2'" . DT  B 8  ? 0.3168 0.3642 0.3257 0.0123  0.0076  -0.0297 20  DT  C "C2'" 
610 C  "C1'" . DT  B 8  ? 0.3185 0.3559 0.3254 0.0071  0.0099  -0.0214 20  DT  C "C1'" 
611 N  N1    . DT  B 8  ? 0.2640 0.2832 0.2679 0.0045  0.0152  -0.0139 20  DT  C N1    
612 C  C2    . DT  B 8  ? 0.2281 0.2442 0.2210 0.0032  0.0146  -0.0042 20  DT  C C2    
613 O  O2    . DT  B 8  ? 0.2593 0.2865 0.2475 0.0030  0.0105  0.0000  20  DT  C O2    
614 N  N3    . DT  B 8  ? 0.2627 0.2629 0.2517 0.0034  0.0186  0.0007  20  DT  C N3    
615 C  C4    . DT  B 8  ? 0.2670 0.2546 0.2618 0.0047  0.0249  -0.0006 20  DT  C C4    
616 O  O4    . DT  B 8  ? 0.3268 0.3021 0.3153 0.0070  0.0289  0.0052  20  DT  C O4    
617 C  C5    . DT  B 8  ? 0.2554 0.2462 0.2656 0.0044  0.0262  -0.0095 20  DT  C C5    
618 C  C7    . DT  B 8  ? 0.3249 0.3029 0.3481 0.0053  0.0335  -0.0098 20  DT  C C7    
619 C  C6    . DT  B 8  ? 0.2904 0.2965 0.3046 0.0042  0.0204  -0.0170 20  DT  C C6    
632 P  P     . DC  B 9  ? 0.4136 0.5120 0.4113 0.0295  -0.0036 -0.0404 21  DC  C P     
633 O  OP1   . DC  B 9  ? 0.4250 0.5463 0.4171 0.0373  -0.0077 -0.0420 21  DC  C OP1   
634 O  OP2   . DC  B 9  ? 0.4196 0.5122 0.4248 0.0321  -0.0043 -0.0512 21  DC  C OP2   
635 O  "O5'" . DC  B 9  ? 0.3458 0.4404 0.3339 0.0253  0.0005  -0.0237 21  DC  C "O5'" 
636 C  "C5'" . DC  B 9  ? 0.2943 0.3909 0.2786 0.0218  0.0011  -0.0117 21  DC  C "C5'" 
637 C  "C4'" . DC  B 9  ? 0.2710 0.3610 0.2516 0.0179  0.0033  0.0011  21  DC  C "C4'" 
638 O  "O4'" . DC  B 9  ? 0.3015 0.3687 0.2837 0.0125  0.0055  0.0004  21  DC  C "O4'" 
639 C  "C3'" . DC  B 9  ? 0.3237 0.4241 0.3007 0.0228  0.0039  0.0031  21  DC  C "C3'" 
640 O  "O3'" . DC  B 9  ? 0.3305 0.4450 0.3066 0.0238  0.0041  0.0166  21  DC  C "O3'" 
641 C  "C2'" . DC  B 9  ? 0.3035 0.3842 0.2808 0.0189  0.0057  0.0024  21  DC  C "C2'" 
642 C  "C1'" . DC  B 9  ? 0.2972 0.3601 0.2762 0.0125  0.0064  0.0052  21  DC  C "C1'" 
643 N  N1    . DC  B 9  ? 0.2643 0.3069 0.2441 0.0107  0.0093  0.0014  21  DC  C N1    
644 C  C2    . DC  B 9  ? 0.2276 0.2560 0.2034 0.0084  0.0099  0.0081  21  DC  C C2    
645 O  O2    . DC  B 9  ? 0.2755 0.3079 0.2501 0.0071  0.0067  0.0157  21  DC  C O2    
646 N  N3    . DC  B 9  ? 0.2597 0.2713 0.2346 0.0089  0.0137  0.0060  21  DC  C N3    
647 C  C4    . DC  B 9  ? 0.2453 0.2527 0.2268 0.0099  0.0174  -0.0010 21  DC  C C4    
648 N  N4    . DC  B 9  ? 0.2955 0.2869 0.2778 0.0110  0.0226  0.0000  21  DC  C N4    
649 C  C5    . DC  B 9  ? 0.2601 0.2803 0.2491 0.0110  0.0155  -0.0096 21  DC  C C5    
650 C  C6    . DC  B 9  ? 0.2354 0.2733 0.2212 0.0122  0.0113  -0.0085 21  DC  C C6    
662 P  P     . DG  B 10 ? 0.3456 0.4809 0.3190 0.0314  0.0054  0.0214  22  DG  C P     
663 O  OP1   . DG  B 10 ? 0.3206 0.4759 0.2957 0.0347  0.0067  0.0348  22  DG  C OP1   
664 O  OP2   . DG  B 10 ? 0.3054 0.4451 0.2748 0.0385  0.0045  0.0069  22  DG  C OP2   
665 O  "O5'" . DG  B 10 ? 0.3279 0.4507 0.3043 0.0263  0.0062  0.0278  22  DG  C "O5'" 
666 C  "C5'" . DG  B 10 ? 0.3375 0.4516 0.3205 0.0195  0.0052  0.0387  22  DG  C "C5'" 
667 C  "C4'" . DG  B 10 ? 0.2638 0.3633 0.2479 0.0167  0.0042  0.0386  22  DG  C "C4'" 
668 O  "O4'" . DG  B 10 ? 0.2798 0.3577 0.2585 0.0145  0.0042  0.0285  22  DG  C "O4'" 
669 C  "C3'" . DG  B 10 ? 0.3020 0.4115 0.2841 0.0220  0.0059  0.0375  22  DG  C "C3'" 
670 O  "O3'" . DG  B 10 ? 0.3017 0.4065 0.2898 0.0196  0.0042  0.0442  22  DG  C "O3'" 
671 C  "C2'" . DG  B 10 ? 0.3167 0.4127 0.2915 0.0236  0.0066  0.0236  22  DG  C "C2'" 
672 C  "C1'" . DG  B 10 ? 0.2940 0.3676 0.2690 0.0175  0.0055  0.0234  22  DG  C "C1'" 
673 N  N9    . DG  B 10 ? 0.2540 0.3112 0.2255 0.0174  0.0075  0.0136  22  DG  C N9    
674 C  C8    . DG  B 10 ? 0.2861 0.3453 0.2585 0.0202  0.0090  0.0035  22  DG  C C8    
675 N  N7    . DG  B 10 ? 0.2851 0.3268 0.2589 0.0190  0.0114  -0.0017 22  DG  C N7    
676 C  C5    . DG  B 10 ? 0.2429 0.2713 0.2128 0.0166  0.0118  0.0052  22  DG  C C5    
677 C  C6    . DG  B 10 ? 0.2164 0.2255 0.1841 0.0164  0.0151  0.0053  22  DG  C C6    
678 O  O6    . DG  B 10 ? 0.2733 0.2727 0.2452 0.0172  0.0194  0.0008  22  DG  C O6    
679 N  N1    . DG  B 10 ? 0.2301 0.2322 0.1919 0.0165  0.0128  0.0118  22  DG  C N1    
680 C  C2    . DG  B 10 ? 0.2136 0.2248 0.1763 0.0151  0.0074  0.0171  22  DG  C C2    
681 N  N2    . DG  B 10 ? 0.2463 0.2482 0.2057 0.0161  0.0038  0.0205  22  DG  C N2    
682 N  N3    . DG  B 10 ? 0.2422 0.2713 0.2100 0.0139  0.0056  0.0193  22  DG  C N3    
683 C  C4    . DG  B 10 ? 0.2271 0.2643 0.1962 0.0154  0.0083  0.0132  22  DG  C C4    
695 P  P     . DC  B 11 ? 0.3883 0.5131 0.3835 0.0236  0.0057  0.0535  23  DC  C P     
696 O  OP1   . DC  B 11 ? 0.3458 0.4904 0.3514 0.0242  0.0074  0.0675  23  DC  C OP1   
697 O  OP2   . DC  B 11 ? 0.3941 0.5238 0.3796 0.0302  0.0079  0.0440  23  DC  C OP2   
698 O  "O5'" . DC  B 11 ? 0.3516 0.4625 0.3555 0.0190  0.0013  0.0569  23  DC  C "O5'" 
699 C  "C5'" . DC  B 11 ? 0.3281 0.4287 0.3421 0.0131  -0.0034 0.0618  23  DC  C "C5'" 
700 C  "C4'" . DC  B 11 ? 0.2740 0.3515 0.2829 0.0119  -0.0081 0.0538  23  DC  C "C4'" 
701 O  "O4'" . DC  B 11 ? 0.2531 0.3165 0.2462 0.0128  -0.0055 0.0435  23  DC  C "O4'" 
702 C  "C3'" . DC  B 11 ? 0.3450 0.4224 0.3528 0.0154  -0.0087 0.0513  23  DC  C "C3'" 
703 O  "O3'" . DC  B 11 ? 0.3163 0.3940 0.3397 0.0139  -0.0150 0.0566  23  DC  C "O3'" 
704 C  "C2'" . DC  B 11 ? 0.3983 0.4560 0.3899 0.0180  -0.0082 0.0403  23  DC  C "C2'" 
705 C  "C1'" . DC  B 11 ? 0.4246 0.4739 0.4091 0.0160  -0.0059 0.0367  23  DC  C "C1'" 
706 N  N1    . DC  B 11 ? 0.3080 0.3543 0.2819 0.0188  -0.0003 0.0290  23  DC  C N1    
707 C  C2    . DC  B 11 ? 0.2286 0.2563 0.1935 0.0208  0.0016  0.0228  23  DC  C C2    
708 O  O2    . DC  B 11 ? 0.2669 0.2817 0.2288 0.0217  -0.0015 0.0235  23  DC  C O2    
709 N  N3    . DC  B 11 ? 0.2203 0.2453 0.1812 0.0229  0.0067  0.0163  23  DC  C N3    
710 C  C4    . DC  B 11 ? 0.2275 0.2676 0.1915 0.0238  0.0081  0.0136  23  DC  C C4    
711 N  N4    . DC  B 11 ? 0.2449 0.2810 0.2084 0.0261  0.0113  0.0053  23  DC  C N4    
712 C  C5    . DC  B 11 ? 0.2754 0.3357 0.2443 0.0236  0.0063  0.0193  23  DC  C C5    
713 C  C6    . DC  B 11 ? 0.2612 0.3240 0.2359 0.0206  0.0029  0.0281  23  DC  C C6    
725 P  P     . DG  B 12 ? 0.3287 0.4107 0.3547 0.0177  -0.0159 0.0558  24  DG  C P     
726 O  OP1   . DG  B 12 ? 0.3513 0.4423 0.4030 0.0148  -0.0216 0.0653  24  DG  C OP1   
727 O  OP2   . DG  B 12 ? 0.2861 0.3801 0.3015 0.0219  -0.0084 0.0542  24  DG  C OP2   
728 O  "O5'" . DG  B 12 ? 0.3023 0.3614 0.3129 0.0212  -0.0194 0.0443  24  DG  C "O5'" 
729 C  "C5'" . DG  B 12 ? 0.2684 0.3128 0.2821 0.0209  -0.0276 0.0413  24  DG  C "C5'" 
730 C  "C4'" . DG  B 12 ? 0.2746 0.3009 0.2688 0.0274  -0.0280 0.0319  24  DG  C "C4'" 
731 O  "O4'" . DG  B 12 ? 0.2615 0.2809 0.2401 0.0275  -0.0198 0.0288  24  DG  C "O4'" 
732 C  "C3'" . DG  B 12 ? 0.2852 0.3138 0.2741 0.0325  -0.0261 0.0293  24  DG  C "C3'" 
733 O  "O3'" . DG  B 12 ? 0.2816 0.3082 0.2795 0.0358  -0.0355 0.0276  24  DG  C "O3'" 
734 C  "C2'" . DG  B 12 ? 0.2757 0.2893 0.2432 0.0376  -0.0201 0.0230  24  DG  C "C2'" 
735 C  "C1'" . DG  B 12 ? 0.2729 0.2834 0.2369 0.0334  -0.0152 0.0236  24  DG  C "C1'" 
736 N  N9    . DG  B 12 ? 0.2596 0.2779 0.2212 0.0317  -0.0073 0.0232  24  DG  C N9    
737 C  C8    . DG  B 12 ? 0.2194 0.2565 0.1898 0.0288  -0.0057 0.0268  24  DG  C C8    
738 N  N7    . DG  B 12 ? 0.2304 0.2715 0.1960 0.0299  0.0000  0.0230  24  DG  C N7    
739 C  C5    . DG  B 12 ? 0.2254 0.2483 0.1813 0.0323  0.0029  0.0174  24  DG  C C5    
740 C  C6    . DG  B 12 ? 0.2285 0.2459 0.1808 0.0338  0.0085  0.0115  24  DG  C C6    
741 O  O6    . DG  B 12 ? 0.2554 0.2835 0.2110 0.0342  0.0104  0.0076  24  DG  C O6    
742 N  N1    . DG  B 12 ? 0.2504 0.2488 0.1962 0.0365  0.0115  0.0103  24  DG  C N1    
743 C  C2    . DG  B 12 ? 0.2688 0.2561 0.2083 0.0394  0.0091  0.0132  24  DG  C C2    
744 N  N2    . DG  B 12 ? 0.2861 0.2576 0.2181 0.0441  0.0140  0.0131  24  DG  C N2    
745 N  N3    . DG  B 12 ? 0.2390 0.2311 0.1806 0.0386  0.0019  0.0161  24  DG  C N3    
746 C  C4    . DG  B 12 ? 0.2305 0.2398 0.1822 0.0342  -0.0006 0.0185  24  DG  C C4    
759 MG MG    . MG  C .  ? 0.2707 0.2626 0.2722 0.0240  0.0254  -0.0219 101 MG  B MG    
760 C  C4    . WFB D .  ? 0.3237 0.3744 0.3262 0.0027  0.0045  -0.0120 101 WFB C C4    
761 C  C14   . WFB D .  ? 0.4551 0.4453 0.5745 -0.0120 0.0401  -0.0223 101 WFB C C14   
762 C  C5    . WFB D .  ? 0.3859 0.4470 0.3967 0.0060  0.0016  -0.0233 101 WFB C C5    
763 C  C6    . WFB D .  ? 0.3247 0.3766 0.3506 0.0036  0.0031  -0.0321 101 WFB C C6    
764 C  C11   . WFB D .  ? 0.4176 0.4234 0.5075 -0.0093 0.0245  -0.0326 101 WFB C C11   
765 C  C7    . WFB D .  ? 0.4018 0.4622 0.4411 0.0073  -0.0010 -0.0465 101 WFB C C7    
766 C  C8    . WFB D .  ? 0.4125 0.4652 0.4713 0.0048  -0.0001 -0.0544 101 WFB C C8    
767 C  C9    . WFB D .  ? 0.4499 0.4871 0.5129 -0.0008 0.0066  -0.0460 101 WFB C C9    
768 C  C10   . WFB D .  ? 0.3737 0.3901 0.4489 -0.0068 0.0173  -0.0364 101 WFB C C10   
769 C  C12   . WFB D .  ? 0.3774 0.3764 0.4545 -0.0097 0.0288  -0.0217 101 WFB C C12   
770 C  C13   . WFB D .  ? 0.3536 0.3450 0.4433 -0.0104 0.0363  -0.0172 101 WFB C C13   
771 N  N1    . WFB D .  ? 0.3817 0.4618 0.3664 0.0078  0.0010  0.0150  101 WFB C N1    
772 N  N2    . WFB D .  ? 0.6414 0.7525 0.6244 0.0170  -0.0015 0.0127  101 WFB C N2    
773 C  C3    . WFB D .  ? 0.4752 0.5345 0.4690 0.0042  0.0028  -0.0035 101 WFB C C3    
774 N  N3    . WFB D .  ? 0.4544 0.4827 0.5377 -0.0040 0.0104  -0.0488 101 WFB C N3    
775 C  C1    . WFB D .  ? 0.4346 0.5252 0.4201 0.0113  -0.0002 0.0081  101 WFB C C1    
776 C  C15   . WFB D .  ? 0.5491 0.5330 0.6849 -0.0123 0.0495  -0.0152 101 WFB C C15   
777 C  C16   . WFB D .  ? 0.4361 0.4322 0.5716 -0.0126 0.0344  -0.0344 101 WFB C C16   
778 C  C17   . WFB D .  ? 0.3924 0.3966 0.5116 -0.0106 0.0265  -0.0401 101 WFB C C17   
779 C  C18   . WFB D .  ? 0.3769 0.4062 0.4227 -0.0029 0.0106  -0.0323 101 WFB C C18   
780 C  C19   . WFB D .  ? 0.3737 0.4098 0.4025 -0.0011 0.0080  -0.0262 101 WFB C C19   
781 C  C2    . WFB D .  ? 0.3241 0.4042 0.3152 0.0096  0.0000  -0.0037 101 WFB C C2    
782 C  C20   . WFB D .  ? 0.3515 0.4330 0.3571 0.0123  -0.0028 -0.0257 101 WFB C C20   
783 C  C21   . WFB D .  ? 0.4395 0.5309 0.4345 0.0146  -0.0028 -0.0150 101 WFB C C21   
784 N  N4    . WFB D .  ? 0.5532 0.5372 0.6769 -0.0113 0.0507  -0.0095 101 WFB C N4    
785 N  N5    . WFB D .  ? 0.6605 0.6391 0.8247 -0.0132 0.0571  -0.0139 101 WFB C N5    
786 N  N6    . WFB D .  ? 0.4356 0.4518 0.4882 -0.0060 0.0167  -0.0275 101 WFB C N6    
805 O  O     . HOH E .  ? 0.4688 0.5274 0.6106 -0.0075 -0.0046 -0.0726 201 HOH B O     
806 O  O     . HOH E .  ? 0.4245 0.4990 0.4239 -0.0011 -0.0098 0.0176  202 HOH B O     
807 O  O     . HOH E .  ? 0.4741 0.6159 0.4564 0.0299  -0.0085 -0.0020 203 HOH B O     
808 O  O     . HOH E .  ? 0.3830 0.3499 0.3489 0.0060  -0.0011 0.0212  204 HOH B O     
809 O  O     . HOH E .  ? 0.3740 0.3636 0.3594 -0.0047 -0.0047 0.0201  205 HOH B O     
810 O  O     . HOH E .  ? 0.4264 0.3478 0.4141 0.0393  0.0605  0.0197  206 HOH B O     
811 O  O     . HOH E .  ? 0.3463 0.3166 0.3434 0.0522  0.0295  -0.0300 207 HOH B O     
812 O  O     . HOH E .  ? 0.5525 0.5165 0.5110 0.0099  -0.0021 0.0222  208 HOH B O     
813 O  O     . HOH E .  ? 0.5504 0.4862 0.4924 0.0334  0.0375  0.0259  209 HOH B O     
814 O  O     . HOH E .  ? 0.4814 0.5102 0.5659 -0.0144 -0.0494 0.0751  210 HOH B O     
815 O  O     . HOH E .  ? 0.2727 0.3125 0.3014 -0.0128 -0.0256 0.0650  211 HOH B O     
816 O  O     . HOH E .  ? 0.4656 0.4146 0.4366 0.0203  0.0396  0.0165  212 HOH B O     
817 O  O     . HOH E .  ? 0.5750 0.4677 0.4457 0.1068  0.0629  0.0523  213 HOH B O     
818 O  O     . HOH E .  ? 0.2658 0.2706 0.2471 0.0260  0.0210  -0.0143 214 HOH B O     
819 O  O     . HOH E .  ? 0.5218 0.4987 0.5459 0.0010  -0.0559 0.0370  215 HOH B O     
820 O  O     . HOH E .  ? 0.5091 0.5433 0.4928 0.0003  -0.0037 0.0337  216 HOH B O     
821 O  O     . HOH E .  ? 0.3654 0.4022 0.3909 -0.0085 -0.0037 -0.0060 217 HOH B O     
822 O  O     . HOH E .  ? 0.4288 0.4847 0.4863 -0.0061 -0.0046 -0.0328 218 HOH B O     
823 O  O     . HOH E .  ? 0.3116 0.2975 0.4343 -0.0091 0.0560  -0.0010 219 HOH B O     
824 O  O     . HOH E .  ? 0.2699 0.3222 0.3207 -0.0136 -0.0278 0.0788  220 HOH B O     
825 O  O     . HOH E .  ? 0.3768 0.3718 0.3488 0.0106  -0.0145 0.0297  221 HOH B O     
826 O  O     . HOH E .  ? 0.5038 0.4492 0.4423 0.0262  0.0162  0.0228  222 HOH B O     
827 O  O     . HOH E .  ? 0.2902 0.2586 0.2839 0.0260  0.0342  -0.0090 223 HOH B O     
828 O  O     . HOH E .  ? 0.4104 0.3897 0.5556 0.0538  0.1577  0.0997  224 HOH B O     
829 O  O     . HOH E .  ? 0.2468 0.3532 0.2863 -0.0040 -0.0107 0.0948  225 HOH B O     
830 O  O     . HOH E .  ? 0.4624 0.5076 0.6035 -0.0130 0.0091  -0.0486 226 HOH B O     
831 O  O     . HOH E .  ? 0.3690 0.4855 0.3740 0.0066  -0.0020 0.0674  227 HOH B O     
832 O  O     . HOH E .  ? 0.2917 0.3314 0.2920 -0.0094 -0.0135 0.0412  228 HOH B O     
833 O  O     . HOH E .  ? 0.2768 0.3073 0.2862 -0.0088 -0.0042 0.0056  229 HOH B O     
834 O  O     . HOH E .  ? 0.3661 0.4168 0.4107 -0.0086 -0.0267 0.0703  230 HOH B O     
835 O  O     . HOH E .  ? 0.4519 0.3953 0.4394 0.0238  0.0474  0.0118  231 HOH B O     
836 O  O     . HOH E .  ? 0.2739 0.2914 0.3245 -0.0140 -0.0422 0.0652  232 HOH B O     
837 O  O     . HOH E .  ? 0.3661 0.4034 0.3442 0.0349  0.0139  -0.0235 233 HOH B O     
838 O  O     . HOH E .  ? 0.4204 0.3716 0.3694 0.0184  0.0131  0.0219  234 HOH B O     
839 O  O     . HOH E .  ? 0.5700 0.4981 0.4804 0.0495  0.0170  0.0254  235 HOH B O     
840 O  O     . HOH E .  ? 0.5792 0.6499 0.6169 -0.0009 -0.0096 -0.0288 236 HOH B O     
841 O  O     . HOH E .  ? 0.5135 0.4557 0.4648 0.0249  0.0343  0.0243  237 HOH B O     
842 O  O     . HOH E .  ? 0.5000 0.4571 0.6538 0.0151  0.1178  0.0567  238 HOH B O     
843 O  O     . HOH E .  ? 0.4850 0.5122 0.7885 -0.0211 0.0158  -0.0881 239 HOH B O     
844 O  O     . HOH E .  ? 0.5768 0.5630 0.6114 0.0023  -0.0577 0.0392  240 HOH B O     
845 O  O     . HOH E .  ? 0.4626 0.4458 0.4448 0.0164  -0.0341 0.0281  241 HOH B O     
846 O  O     . HOH E .  ? 0.5631 0.6247 0.6317 -0.0056 -0.0083 -0.0365 242 HOH B O     
847 O  O     . HOH E .  ? 0.5981 0.4991 0.6496 0.0462  0.0705  0.0087  243 HOH B O     
848 O  O     . HOH E .  ? 0.3706 0.4329 0.3803 -0.0034 -0.0079 -0.0004 244 HOH B O     
849 O  O     . HOH E .  ? 0.4192 0.5160 0.4421 -0.0013 -0.0071 0.0761  245 HOH B O     
850 O  O     . HOH E .  ? 0.4772 0.4434 0.4456 0.0334  -0.0455 0.0169  246 HOH B O     
851 O  O     . HOH E .  ? 0.2783 0.3718 0.3281 -0.0078 -0.0143 0.0936  247 HOH B O     
852 O  O     . HOH E .  ? 0.4004 0.4012 0.4978 -0.0121 -0.0701 0.0626  248 HOH B O     
853 O  O     . HOH E .  ? 0.4352 0.4523 0.4273 0.0469  0.0163  -0.0409 249 HOH B O     
854 O  O     . HOH E .  ? 0.4837 0.4035 0.4676 0.0372  0.0644  0.0273  250 HOH B O     
855 O  O     . HOH E .  ? 0.6294 0.5999 0.6044 0.0029  -0.0182 0.0246  251 HOH B O     
856 O  O     . HOH E .  ? 0.4102 0.3643 0.4344 0.0156  0.0453  -0.0039 252 HOH B O     
857 O  O     . HOH E .  ? 0.4387 0.4583 0.4392 -0.0093 -0.0119 0.0209  253 HOH B O     
858 O  O     . HOH E .  ? 0.5753 0.5223 0.7812 0.0347  0.1691  0.1068  254 HOH B O     
859 O  O     . HOH E .  ? 0.3474 0.3658 0.3522 0.0399  0.0151  -0.0452 255 HOH B O     
860 O  O     . HOH E .  ? 0.6429 0.5666 0.5930 0.0585  -0.0772 -0.0068 256 HOH B O     
861 O  O     . HOH E .  ? 0.6455 0.6043 0.7107 0.0082  -0.0921 0.0268  257 HOH B O     
862 O  O     . HOH E .  ? 0.4521 0.5395 0.5625 -0.0122 -0.0304 0.1043  258 HOH B O     
863 O  O     . HOH E .  ? 0.4008 0.4454 0.3878 0.0602  0.0089  -0.0535 259 HOH B O     
864 O  O     . HOH E .  ? 0.3548 0.3863 0.3890 0.0433  0.0051  -0.0720 260 HOH B O     
865 O  O     . HOH F .  ? 0.6110 0.6876 0.6136 0.0293  0.0010  -0.0450 201 HOH C O     
866 O  O     . HOH F .  ? 0.4850 0.4845 0.4901 -0.0022 -0.0219 0.0163  202 HOH C O     
867 O  O     . HOH F .  ? 0.4776 0.5427 0.4389 0.0382  0.0090  0.0076  203 HOH C O     
868 O  O     . HOH F .  ? 0.4383 0.5505 0.4164 0.0333  0.0072  0.0325  204 HOH C O     
869 O  O     . HOH F .  ? 0.4369 0.4545 0.4585 0.0383  -0.0578 0.0225  205 HOH C O     
870 O  O     . HOH F .  ? 0.4129 0.3567 0.3549 0.0577  -0.0196 0.0048  206 HOH C O     
871 O  O     . HOH F .  ? 0.4587 0.4014 0.4315 0.0199  0.0450  0.0247  207 HOH C O     
872 O  O     . HOH F .  ? 0.4265 0.3673 0.4033 0.0222  0.0505  0.0290  208 HOH C O     
873 O  O     . HOH F .  ? 0.4986 0.5240 0.5244 -0.0076 -0.0053 -0.0014 209 HOH C O     
874 O  O     . HOH F .  ? 0.4306 0.5115 0.5217 0.0109  -0.0407 0.0672  210 HOH C O     
875 O  O     . HOH F .  ? 0.4671 0.4120 0.4240 0.0244  0.0302  0.0253  211 HOH C O     
876 O  O     . HOH F .  ? 0.5504 0.5348 0.5555 0.0152  -0.0362 0.0084  212 HOH C O     
877 O  O     . HOH F .  ? 0.4690 0.3987 0.4423 0.0402  0.0718  0.0455  213 HOH C O     
878 O  O     . HOH F .  ? 0.4318 0.4131 0.4182 -0.0013 0.0005  0.0163  214 HOH C O     
879 O  O     . HOH F .  ? 0.4566 0.4071 0.4502 0.0143  0.0450  0.0131  215 HOH C O     
880 O  O     . HOH F .  ? 0.4767 0.5239 0.4592 0.0016  0.0024  0.0199  216 HOH C O     
881 O  O     . HOH F .  ? 0.2851 0.2812 0.2795 0.0187  0.0241  -0.0148 217 HOH C O     
882 O  O     . HOH F .  ? 0.4539 0.5634 0.4253 0.0351  0.0053  -0.0070 218 HOH C O     
883 O  O     . HOH F .  ? 0.3275 0.3723 0.3158 0.0243  0.0113  -0.0243 219 HOH C O     
884 O  O     . HOH F .  ? 0.3824 0.4377 0.3654 0.0052  -0.0001 0.0336  220 HOH C O     
885 O  O     . HOH F .  ? 0.4259 0.4633 0.4781 -0.0087 -0.0006 -0.0177 221 HOH C O     
886 O  O     . HOH F .  ? 0.4934 0.4982 0.5464 0.0088  0.0199  -0.0411 222 HOH C O     
887 O  O     . HOH F .  ? 0.3442 0.4305 0.3256 0.0301  0.0019  0.0340  223 HOH C O     
888 O  O     . HOH F .  ? 0.3865 0.4288 0.3688 0.0082  -0.0036 0.0354  224 HOH C O     
889 O  O     . HOH F .  ? 0.4232 0.3806 0.3911 0.0162  -0.0141 0.0161  225 HOH C O     
890 O  O     . HOH F .  ? 0.4385 0.5888 0.4076 0.0449  0.0100  0.0235  226 HOH C O     
891 O  O     . HOH F .  ? 0.5650 0.5671 0.5643 -0.0067 -0.0101 0.0165  227 HOH C O     
892 O  O     . HOH F .  ? 0.5300 0.7182 0.5162 0.0406  0.0129  0.0655  228 HOH C O     
893 O  O     . HOH F .  ? 0.2734 0.2575 0.2849 0.0127  0.0293  -0.0148 229 HOH C O     
894 O  O     . HOH F .  ? 0.4881 0.5974 0.4760 0.0115  0.0006  0.0412  230 HOH C O     
895 O  O     . HOH F .  ? 0.5361 0.6085 0.5222 0.0041  0.0001  0.0332  231 HOH C O     
896 O  O     . HOH F .  ? 0.3400 0.4159 0.3076 0.0347  0.0095  -0.0060 232 HOH C O     
897 O  O     . HOH F .  ? 0.4565 0.4134 0.5396 0.0016  0.0523  -0.0085 233 HOH C O     
898 O  O     . HOH F .  ? 0.4770 0.4221 0.4311 0.0221  0.0282  0.0244  234 HOH C O     
899 O  O     . HOH F .  ? 0.5440 0.6054 0.6527 -0.0074 -0.0053 -0.0457 235 HOH C O     
900 O  O     . HOH F .  ? 0.5197 0.7366 0.4806 0.0632  0.0095  0.0382  236 HOH C O     
901 O  O     . HOH F .  ? 0.4652 0.4211 0.4261 0.0139  0.0095  0.0202  237 HOH C O     
902 O  O     . HOH F .  ? 0.5254 0.5651 0.4828 0.0450  0.0133  -0.0080 238 HOH C O     
903 O  O     . HOH F .  ? 0.6011 0.5280 0.6473 0.0493  0.1245  0.0804  239 HOH C O     
904 O  O     . HOH F .  ? 0.5160 0.4543 0.4284 0.0842  -0.0060 0.0076  240 HOH C O     
905 O  O     . HOH F .  ? 0.6923 0.6189 0.5820 0.0942  -0.0099 0.0073  241 HOH C O     
906 O  O     . HOH F .  ? 0.5246 0.5348 0.5451 0.0068  -0.0401 0.0127  242 HOH C O     
907 O  O     . HOH F .  ? 0.5475 0.4727 0.4554 0.0912  -0.0418 -0.0087 243 HOH C O     
908 O  O     . HOH F .  ? 0.5305 0.7693 0.4968 0.0659  0.0139  0.0650  244 HOH C O     
909 O  O     . HOH F .  ? 0.5054 0.6221 0.4722 0.0414  0.0072  -0.0024 245 HOH C O     
910 O  O     . HOH F .  ? 0.5350 0.4785 0.5767 0.0109  0.0580  0.0085  246 HOH C O     
911 O  O     . HOH F .  ? 0.4874 0.4329 0.5488 0.0111  0.0545  -0.0041 247 HOH C O     
912 O  O     . HOH F .  ? 0.5288 0.6497 0.6239 -0.0018 -0.0150 0.1073  248 HOH C O     
913 O  O     . HOH F .  ? 0.5051 0.7991 0.4827 0.0830  0.0291  0.1118  249 HOH C O     
# 
loop_
_pdbx_poly_seq_scheme.asym_id 
_pdbx_poly_seq_scheme.entity_id 
_pdbx_poly_seq_scheme.seq_id 
_pdbx_poly_seq_scheme.mon_id 
_pdbx_poly_seq_scheme.ndb_seq_num 
_pdbx_poly_seq_scheme.pdb_seq_num 
_pdbx_poly_seq_scheme.auth_seq_num 
_pdbx_poly_seq_scheme.pdb_mon_id 
_pdbx_poly_seq_scheme.auth_mon_id 
_pdbx_poly_seq_scheme.pdb_strand_id 
_pdbx_poly_seq_scheme.pdb_ins_code 
_pdbx_poly_seq_scheme.hetero 
A 1 1  DC 1  1  1  DC DC B . n 
A 1 2  DG 2  2  2  DG DG B . n 
A 1 3  DC 3  3  3  DC DC B . n 
A 1 4  DG 4  4  4  DG DG B . n 
A 1 5  DA 5  5  5  DA DA B . n 
A 1 6  DA 6  6  6  DA DA B . n 
A 1 7  DT 7  7  7  DT DT B . n 
A 1 8  DT 8  8  8  DT DT B . n 
A 1 9  DC 9  9  9  DC DC B . n 
A 1 10 DG 10 10 10 DG DG B . n 
A 1 11 DC 11 11 11 DC DC B . n 
A 1 12 DG 12 12 12 DG DG B . n 
B 1 1  DC 1  13 13 DC DC C . n 
B 1 2  DG 2  14 14 DG DG C . n 
B 1 3  DC 3  15 15 DC DC C . n 
B 1 4  DG 4  16 16 DG DG C . n 
B 1 5  DA 5  17 17 DA DA C . n 
B 1 6  DA 6  18 18 DA DA C . n 
B 1 7  DT 7  19 19 DT DT C . n 
B 1 8  DT 8  20 20 DT DT C . n 
B 1 9  DC 9  21 21 DC DC C . n 
B 1 10 DG 10 22 22 DG DG C . n 
B 1 11 DC 11 23 23 DC DC C . n 
B 1 12 DG 12 24 24 DG DG C . n 
# 
_pdbx_contact_author.id                 2 
_pdbx_contact_author.email              wdw@gsu.edu 
_pdbx_contact_author.name_first         'W David' 
_pdbx_contact_author.name_last          Wilson 
_pdbx_contact_author.name_mi            ? 
_pdbx_contact_author.role               'principal investigator/group leader' 
_pdbx_contact_author.identifier_ORCID   0000-0001-5225-5089 
# 
loop_
_pdbx_nonpoly_scheme.asym_id 
_pdbx_nonpoly_scheme.entity_id 
_pdbx_nonpoly_scheme.mon_id 
_pdbx_nonpoly_scheme.ndb_seq_num 
_pdbx_nonpoly_scheme.pdb_seq_num 
_pdbx_nonpoly_scheme.auth_seq_num 
_pdbx_nonpoly_scheme.pdb_mon_id 
_pdbx_nonpoly_scheme.auth_mon_id 
_pdbx_nonpoly_scheme.pdb_strand_id 
_pdbx_nonpoly_scheme.pdb_ins_code 
C 2 MG  1  101 1   MG  MG  B . 
D 3 WFB 1  101 101 WFB DRG C . 
E 4 HOH 1  201 51  HOH HOH B . 
E 4 HOH 2  202 27  HOH HOH B . 
E 4 HOH 3  203 72  HOH HOH B . 
E 4 HOH 4  204 22  HOH HOH B . 
E 4 HOH 5  205 16  HOH HOH B . 
E 4 HOH 6  206 19  HOH HOH B . 
E 4 HOH 7  207 8   HOH HOH B . 
E 4 HOH 8  208 53  HOH HOH B . 
E 4 HOH 9  209 103 HOH HOH B . 
E 4 HOH 10 210 45  HOH HOH B . 
E 4 HOH 11 211 4   HOH HOH B . 
E 4 HOH 12 212 102 HOH HOH B . 
E 4 HOH 13 213 20  HOH HOH B . 
E 4 HOH 14 214 2   HOH HOH B . 
E 4 HOH 15 215 65  HOH HOH B . 
E 4 HOH 16 216 90  HOH HOH B . 
E 4 HOH 17 217 60  HOH HOH B . 
E 4 HOH 18 218 43  HOH HOH B . 
E 4 HOH 19 219 12  HOH HOH B . 
E 4 HOH 20 220 14  HOH HOH B . 
E 4 HOH 21 221 37  HOH HOH B . 
E 4 HOH 22 222 39  HOH HOH B . 
E 4 HOH 23 223 6   HOH HOH B . 
E 4 HOH 24 224 75  HOH HOH B . 
E 4 HOH 25 225 10  HOH HOH B . 
E 4 HOH 26 226 35  HOH HOH B . 
E 4 HOH 27 227 23  HOH HOH B . 
E 4 HOH 28 228 9   HOH HOH B . 
E 4 HOH 29 229 11  HOH HOH B . 
E 4 HOH 30 230 52  HOH HOH B . 
E 4 HOH 31 231 28  HOH HOH B . 
E 4 HOH 32 232 3   HOH HOH B . 
E 4 HOH 33 233 17  HOH HOH B . 
E 4 HOH 34 234 49  HOH HOH B . 
E 4 HOH 35 235 104 HOH HOH B . 
E 4 HOH 36 236 74  HOH HOH B . 
E 4 HOH 37 237 58  HOH HOH B . 
E 4 HOH 38 238 88  HOH HOH B . 
E 4 HOH 39 239 78  HOH HOH B . 
E 4 HOH 40 240 99  HOH HOH B . 
E 4 HOH 41 241 44  HOH HOH B . 
E 4 HOH 42 242 34  HOH HOH B . 
E 4 HOH 43 243 95  HOH HOH B . 
E 4 HOH 44 244 33  HOH HOH B . 
E 4 HOH 45 245 62  HOH HOH B . 
E 4 HOH 46 246 98  HOH HOH B . 
E 4 HOH 47 247 13  HOH HOH B . 
E 4 HOH 48 248 61  HOH HOH B . 
E 4 HOH 49 249 50  HOH HOH B . 
E 4 HOH 50 250 48  HOH HOH B . 
E 4 HOH 51 251 77  HOH HOH B . 
E 4 HOH 52 252 31  HOH HOH B . 
E 4 HOH 53 253 32  HOH HOH B . 
E 4 HOH 54 254 89  HOH HOH B . 
E 4 HOH 55 255 15  HOH HOH B . 
E 4 HOH 56 256 92  HOH HOH B . 
E 4 HOH 57 257 105 HOH HOH B . 
E 4 HOH 58 258 100 HOH HOH B . 
E 4 HOH 59 259 59  HOH HOH B . 
E 4 HOH 60 260 56  HOH HOH B . 
F 4 HOH 1  201 107 HOH HOH C . 
F 4 HOH 2  202 70  HOH HOH C . 
F 4 HOH 3  203 71  HOH HOH C . 
F 4 HOH 4  204 40  HOH HOH C . 
F 4 HOH 5  205 30  HOH HOH C . 
F 4 HOH 6  206 18  HOH HOH C . 
F 4 HOH 7  207 21  HOH HOH C . 
F 4 HOH 8  208 55  HOH HOH C . 
F 4 HOH 9  209 46  HOH HOH C . 
F 4 HOH 10 210 80  HOH HOH C . 
F 4 HOH 11 211 57  HOH HOH C . 
F 4 HOH 12 212 29  HOH HOH C . 
F 4 HOH 13 213 83  HOH HOH C . 
F 4 HOH 14 214 87  HOH HOH C . 
F 4 HOH 15 215 96  HOH HOH C . 
F 4 HOH 16 216 86  HOH HOH C . 
F 4 HOH 17 217 7   HOH HOH C . 
F 4 HOH 18 218 41  HOH HOH C . 
F 4 HOH 19 219 24  HOH HOH C . 
F 4 HOH 20 220 25  HOH HOH C . 
F 4 HOH 21 221 47  HOH HOH C . 
F 4 HOH 22 222 106 HOH HOH C . 
F 4 HOH 23 223 67  HOH HOH C . 
F 4 HOH 24 224 26  HOH HOH C . 
F 4 HOH 25 225 66  HOH HOH C . 
F 4 HOH 26 226 68  HOH HOH C . 
F 4 HOH 27 227 69  HOH HOH C . 
F 4 HOH 28 228 73  HOH HOH C . 
F 4 HOH 29 229 5   HOH HOH C . 
F 4 HOH 30 230 64  HOH HOH C . 
F 4 HOH 31 231 91  HOH HOH C . 
F 4 HOH 32 232 38  HOH HOH C . 
F 4 HOH 33 233 63  HOH HOH C . 
F 4 HOH 34 234 36  HOH HOH C . 
F 4 HOH 35 235 97  HOH HOH C . 
F 4 HOH 36 236 108 HOH HOH C . 
F 4 HOH 37 237 42  HOH HOH C . 
F 4 HOH 38 238 81  HOH HOH C . 
F 4 HOH 39 239 84  HOH HOH C . 
F 4 HOH 40 240 76  HOH HOH C . 
F 4 HOH 41 241 93  HOH HOH C . 
F 4 HOH 42 242 79  HOH HOH C . 
F 4 HOH 43 243 94  HOH HOH C . 
F 4 HOH 44 244 109 HOH HOH C . 
F 4 HOH 45 245 82  HOH HOH C . 
F 4 HOH 46 246 85  HOH HOH C . 
F 4 HOH 47 247 54  HOH HOH C . 
F 4 HOH 48 248 101 HOH HOH C . 
F 4 HOH 49 249 110 HOH HOH C . 
# 
_pdbx_struct_assembly.id                   1 
_pdbx_struct_assembly.details              author_defined_assembly 
_pdbx_struct_assembly.method_details       ? 
_pdbx_struct_assembly.oligomeric_details   dimeric 
_pdbx_struct_assembly.oligomeric_count     2 
# 
_pdbx_struct_assembly_gen.assembly_id       1 
_pdbx_struct_assembly_gen.oper_expression   1 
_pdbx_struct_assembly_gen.asym_id_list      A,B,C,D,E,F 
# 
_pdbx_struct_oper_list.id                   1 
_pdbx_struct_oper_list.type                 'identity operation' 
_pdbx_struct_oper_list.name                 1_555 
_pdbx_struct_oper_list.symmetry_operation   x,y,z 
_pdbx_struct_oper_list.matrix[1][1]         1.0000000000 
_pdbx_struct_oper_list.matrix[1][2]         0.0000000000 
_pdbx_struct_oper_list.matrix[1][3]         0.0000000000 
_pdbx_struct_oper_list.vector[1]            0.0000000000 
_pdbx_struct_oper_list.matrix[2][1]         0.0000000000 
_pdbx_struct_oper_list.matrix[2][2]         1.0000000000 
_pdbx_struct_oper_list.matrix[2][3]         0.0000000000 
_pdbx_struct_oper_list.vector[2]            0.0000000000 
_pdbx_struct_oper_list.matrix[3][1]         0.0000000000 
_pdbx_struct_oper_list.matrix[3][2]         0.0000000000 
_pdbx_struct_oper_list.matrix[3][3]         1.0000000000 
_pdbx_struct_oper_list.vector[3]            0.0000000000 
# 
loop_
_pdbx_struct_conn_angle.id 
_pdbx_struct_conn_angle.ptnr1_label_atom_id 
_pdbx_struct_conn_angle.ptnr1_label_alt_id 
_pdbx_struct_conn_angle.ptnr1_label_asym_id 
_pdbx_struct_conn_angle.ptnr1_label_comp_id 
_pdbx_struct_conn_angle.ptnr1_label_seq_id 
_pdbx_struct_conn_angle.ptnr1_auth_atom_id 
_pdbx_struct_conn_angle.ptnr1_auth_asym_id 
_pdbx_struct_conn_angle.ptnr1_auth_comp_id 
_pdbx_struct_conn_angle.ptnr1_auth_seq_id 
_pdbx_struct_conn_angle.ptnr1_PDB_ins_code 
_pdbx_struct_conn_angle.ptnr1_symmetry 
_pdbx_struct_conn_angle.ptnr2_label_atom_id 
_pdbx_struct_conn_angle.ptnr2_label_alt_id 
_pdbx_struct_conn_angle.ptnr2_label_asym_id 
_pdbx_struct_conn_angle.ptnr2_label_comp_id 
_pdbx_struct_conn_angle.ptnr2_label_seq_id 
_pdbx_struct_conn_angle.ptnr2_auth_atom_id 
_pdbx_struct_conn_angle.ptnr2_auth_asym_id 
_pdbx_struct_conn_angle.ptnr2_auth_comp_id 
_pdbx_struct_conn_angle.ptnr2_auth_seq_id 
_pdbx_struct_conn_angle.ptnr2_PDB_ins_code 
_pdbx_struct_conn_angle.ptnr2_symmetry 
_pdbx_struct_conn_angle.ptnr3_label_atom_id 
_pdbx_struct_conn_angle.ptnr3_label_alt_id 
_pdbx_struct_conn_angle.ptnr3_label_asym_id 
_pdbx_struct_conn_angle.ptnr3_label_comp_id 
_pdbx_struct_conn_angle.ptnr3_label_seq_id 
_pdbx_struct_conn_angle.ptnr3_auth_atom_id 
_pdbx_struct_conn_angle.ptnr3_auth_asym_id 
_pdbx_struct_conn_angle.ptnr3_auth_comp_id 
_pdbx_struct_conn_angle.ptnr3_auth_seq_id 
_pdbx_struct_conn_angle.ptnr3_PDB_ins_code 
_pdbx_struct_conn_angle.ptnr3_symmetry 
_pdbx_struct_conn_angle.value 
_pdbx_struct_conn_angle.value_esd 
1  O ? E HOH . ? B HOH 211 ? 3_655 MG ? C MG . ? B MG 101 ? 1_555 O ? E HOH . ? B HOH 214 ? 1_555 93.0  ? 
2  O ? E HOH . ? B HOH 211 ? 3_655 MG ? C MG . ? B MG 101 ? 1_555 O ? E HOH . ? B HOH 220 ? 3_655 89.7  ? 
3  O ? E HOH . ? B HOH 214 ? 1_555 MG ? C MG . ? B MG 101 ? 1_555 O ? E HOH . ? B HOH 220 ? 3_655 175.5 ? 
4  O ? E HOH . ? B HOH 211 ? 3_655 MG ? C MG . ? B MG 101 ? 1_555 O ? E HOH . ? B HOH 223 ? 1_555 89.2  ? 
5  O ? E HOH . ? B HOH 214 ? 1_555 MG ? C MG . ? B MG 101 ? 1_555 O ? E HOH . ? B HOH 223 ? 1_555 90.0  ? 
6  O ? E HOH . ? B HOH 220 ? 3_655 MG ? C MG . ? B MG 101 ? 1_555 O ? E HOH . ? B HOH 223 ? 1_555 93.7  ? 
7  O ? E HOH . ? B HOH 211 ? 3_655 MG ? C MG . ? B MG 101 ? 1_555 O ? E HOH . ? B HOH 232 ? 3_655 86.8  ? 
8  O ? E HOH . ? B HOH 214 ? 1_555 MG ? C MG . ? B MG 101 ? 1_555 O ? E HOH . ? B HOH 232 ? 3_655 84.9  ? 
9  O ? E HOH . ? B HOH 220 ? 3_655 MG ? C MG . ? B MG 101 ? 1_555 O ? E HOH . ? B HOH 232 ? 3_655 91.7  ? 
10 O ? E HOH . ? B HOH 223 ? 1_555 MG ? C MG . ? B MG 101 ? 1_555 O ? E HOH . ? B HOH 232 ? 3_655 173.3 ? 
11 O ? E HOH . ? B HOH 211 ? 3_655 MG ? C MG . ? B MG 101 ? 1_555 O ? F HOH . ? C HOH 217 ? 1_555 174.5 ? 
12 O ? E HOH . ? B HOH 214 ? 1_555 MG ? C MG . ? B MG 101 ? 1_555 O ? F HOH . ? C HOH 217 ? 1_555 87.5  ? 
13 O ? E HOH . ? B HOH 220 ? 3_655 MG ? C MG . ? B MG 101 ? 1_555 O ? F HOH . ? C HOH 217 ? 1_555 89.5  ? 
14 O ? E HOH . ? B HOH 223 ? 1_555 MG ? C MG . ? B MG 101 ? 1_555 O ? F HOH . ? C HOH 217 ? 1_555 96.3  ? 
15 O ? E HOH . ? B HOH 232 ? 3_655 MG ? C MG . ? B MG 101 ? 1_555 O ? F HOH . ? C HOH 217 ? 1_555 87.7  ? 
# 
loop_
_pdbx_audit_revision_history.ordinal 
_pdbx_audit_revision_history.data_content_type 
_pdbx_audit_revision_history.major_revision 
_pdbx_audit_revision_history.minor_revision 
_pdbx_audit_revision_history.revision_date 
1 'Structure model' 1 0 2023-02-22 
2 'Structure model' 1 1 2023-08-30 
# 
_pdbx_audit_revision_details.ordinal             1 
_pdbx_audit_revision_details.revision_ordinal    1 
_pdbx_audit_revision_details.data_content_type   'Structure model' 
_pdbx_audit_revision_details.provider            repository 
_pdbx_audit_revision_details.type                'Initial release' 
_pdbx_audit_revision_details.description         ? 
_pdbx_audit_revision_details.details             ? 
# 
loop_
_pdbx_audit_revision_group.ordinal 
_pdbx_audit_revision_group.revision_ordinal 
_pdbx_audit_revision_group.data_content_type 
_pdbx_audit_revision_group.group 
1 2 'Structure model' 'Data collection'        
2 2 'Structure model' 'Database references'    
3 2 'Structure model' 'Refinement description' 
# 
loop_
_pdbx_audit_revision_category.ordinal 
_pdbx_audit_revision_category.revision_ordinal 
_pdbx_audit_revision_category.data_content_type 
_pdbx_audit_revision_category.category 
1 2 'Structure model' chem_comp_atom     
2 2 'Structure model' chem_comp_bond     
3 2 'Structure model' citation           
4 2 'Structure model' citation_author    
5 2 'Structure model' struct_ncs_dom_lim 
# 
loop_
_pdbx_audit_revision_item.ordinal 
_pdbx_audit_revision_item.revision_ordinal 
_pdbx_audit_revision_item.data_content_type 
_pdbx_audit_revision_item.item 
1  2 'Structure model' '_citation.journal_volume'              
2  2 'Structure model' '_citation.page_first'                  
3  2 'Structure model' '_citation.page_last'                   
4  2 'Structure model' '_citation.pdbx_database_id_DOI'        
5  2 'Structure model' '_citation.pdbx_database_id_PubMed'     
6  2 'Structure model' '_citation.title'                       
7  2 'Structure model' '_struct_ncs_dom_lim.beg_auth_comp_id'  
8  2 'Structure model' '_struct_ncs_dom_lim.beg_label_asym_id' 
9  2 'Structure model' '_struct_ncs_dom_lim.beg_label_comp_id' 
10 2 'Structure model' '_struct_ncs_dom_lim.beg_label_seq_id'  
11 2 'Structure model' '_struct_ncs_dom_lim.end_auth_comp_id'  
12 2 'Structure model' '_struct_ncs_dom_lim.end_label_asym_id' 
13 2 'Structure model' '_struct_ncs_dom_lim.end_label_comp_id' 
14 2 'Structure model' '_struct_ncs_dom_lim.end_label_seq_id'  
# 
_pdbx_refine_tls.id               1 
_pdbx_refine_tls.pdbx_refine_id   'X-RAY DIFFRACTION' 
_pdbx_refine_tls.details          ? 
_pdbx_refine_tls.method           refined 
_pdbx_refine_tls.origin_x         0.2951 
_pdbx_refine_tls.origin_y         0.0556 
_pdbx_refine_tls.origin_z         -0.0492 
_pdbx_refine_tls.T[1][1]          0.2052 
_pdbx_refine_tls.T[1][1]_esd      ? 
_pdbx_refine_tls.T[1][2]          -0.0010 
_pdbx_refine_tls.T[1][2]_esd      ? 
_pdbx_refine_tls.T[1][3]          0.0188 
_pdbx_refine_tls.T[1][3]_esd      ? 
_pdbx_refine_tls.T[2][2]          0.1921 
_pdbx_refine_tls.T[2][2]_esd      ? 
_pdbx_refine_tls.T[2][3]          0.0086 
_pdbx_refine_tls.T[2][3]_esd      ? 
_pdbx_refine_tls.T[3][3]          0.1943 
_pdbx_refine_tls.T[3][3]_esd      ? 
_pdbx_refine_tls.L[1][1]          2.3196 
_pdbx_refine_tls.L[1][1]_esd      ? 
_pdbx_refine_tls.L[1][2]          -1.5355 
_pdbx_refine_tls.L[1][2]_esd      ? 
_pdbx_refine_tls.L[1][3]          0.3114 
_pdbx_refine_tls.L[1][3]_esd      ? 
_pdbx_refine_tls.L[2][2]          1.2761 
_pdbx_refine_tls.L[2][2]_esd      ? 
_pdbx_refine_tls.L[2][3]          -0.0741 
_pdbx_refine_tls.L[2][3]_esd      ? 
_pdbx_refine_tls.L[3][3]          0.4411 
_pdbx_refine_tls.L[3][3]_esd      ? 
_pdbx_refine_tls.S[1][1]          -0.1192 
_pdbx_refine_tls.S[1][1]_esd      ? 
_pdbx_refine_tls.S[1][2]          0.1604 
_pdbx_refine_tls.S[1][2]_esd      ? 
_pdbx_refine_tls.S[1][3]          -0.1824 
_pdbx_refine_tls.S[1][3]_esd      ? 
_pdbx_refine_tls.S[2][1]          0.1282 
_pdbx_refine_tls.S[2][1]_esd      ? 
_pdbx_refine_tls.S[2][2]          0.0074 
_pdbx_refine_tls.S[2][2]_esd      ? 
_pdbx_refine_tls.S[2][3]          0.1609 
_pdbx_refine_tls.S[2][3]_esd      ? 
_pdbx_refine_tls.S[3][1]          0.0487 
_pdbx_refine_tls.S[3][1]_esd      ? 
_pdbx_refine_tls.S[3][2]          0.0335 
_pdbx_refine_tls.S[3][2]_esd      ? 
_pdbx_refine_tls.S[3][3]          0.1073 
_pdbx_refine_tls.S[3][3]_esd      ? 
# 
loop_
_pdbx_refine_tls_group.id 
_pdbx_refine_tls_group.pdbx_refine_id 
_pdbx_refine_tls_group.refine_tls_id 
_pdbx_refine_tls_group.beg_label_asym_id 
_pdbx_refine_tls_group.beg_label_seq_id 
_pdbx_refine_tls_group.beg_auth_asym_id 
_pdbx_refine_tls_group.beg_auth_seq_id 
_pdbx_refine_tls_group.beg_PDB_ins_code 
_pdbx_refine_tls_group.end_label_asym_id 
_pdbx_refine_tls_group.end_label_seq_id 
_pdbx_refine_tls_group.end_auth_asym_id 
_pdbx_refine_tls_group.end_auth_seq_id 
_pdbx_refine_tls_group.end_PDB_ins_code 
_pdbx_refine_tls_group.selection 
_pdbx_refine_tls_group.selection_details 
1 'X-RAY DIFFRACTION' 1 ? ? B 1   ? ? ? B 12  ? ? all 
2 'X-RAY DIFFRACTION' 1 ? ? C 13  ? ? ? C 24  ? ? all 
3 'X-RAY DIFFRACTION' 1 ? ? C 101 ? ? ? C 101 ? ? all 
4 'X-RAY DIFFRACTION' 1 ? ? S 2   ? ? ? S 110 ? ? all 
5 'X-RAY DIFFRACTION' 1 ? ? A 1   ? ? ? A 1   ? ? all 
# 
loop_
_software.citation_id 
_software.classification 
_software.compiler_name 
_software.compiler_version 
_software.contact_author 
_software.contact_author_email 
_software.date 
_software.description 
_software.dependencies 
_software.hardware 
_software.language 
_software.location 
_software.mods 
_software.name 
_software.os 
_software.os_version 
_software.type 
_software.version 
_software.pdbx_ordinal 
? refinement        ? ? ? ? ? ? ? ? ? ? ? PHENIX    ? ? ? 1.19.2_4158 1 
? 'data processing' ? ? ? ? ? ? ? ? ? ? ? autoPROC  ? ? ? 3.27        2 
? 'data reduction'  ? ? ? ? ? ? ? ? ? ? ? HKL-2000  ? ? ? .           3 
? 'data scaling'    ? ? ? ? ? ? ? ? ? ? ? SCALEPACK ? ? ? .           4 
? phasing           ? ? ? ? ? ? ? ? ? ? ? PHASER    ? ? ? .           5 
? 'model building'  ? ? ? ? ? ? ? ? ? ? ? Coot      ? ? ? .           6 
# 
_pdbx_entry_details.entry_id                 8ED6 
_pdbx_entry_details.nonpolymer_details       ? 
_pdbx_entry_details.sequence_details         ? 
_pdbx_entry_details.compound_details         ? 
_pdbx_entry_details.source_details           ? 
_pdbx_entry_details.has_ligand_of_interest   Y 
# 
_pdbx_validate_close_contact.id               1 
_pdbx_validate_close_contact.PDB_model_num    1 
_pdbx_validate_close_contact.auth_atom_id_1   OP2 
_pdbx_validate_close_contact.auth_asym_id_1   C 
_pdbx_validate_close_contact.auth_comp_id_1   DC 
_pdbx_validate_close_contact.auth_seq_id_1    21 
_pdbx_validate_close_contact.PDB_ins_code_1   ? 
_pdbx_validate_close_contact.label_alt_id_1   ? 
_pdbx_validate_close_contact.auth_atom_id_2   O 
_pdbx_validate_close_contact.auth_asym_id_2   C 
_pdbx_validate_close_contact.auth_comp_id_2   HOH 
_pdbx_validate_close_contact.auth_seq_id_2    201 
_pdbx_validate_close_contact.PDB_ins_code_2   ? 
_pdbx_validate_close_contact.label_alt_id_2   ? 
_pdbx_validate_close_contact.dist             2.03 
# 
loop_
_pdbx_validate_symm_contact.id 
_pdbx_validate_symm_contact.PDB_model_num 
_pdbx_validate_symm_contact.auth_atom_id_1 
_pdbx_validate_symm_contact.auth_asym_id_1 
_pdbx_validate_symm_contact.auth_comp_id_1 
_pdbx_validate_symm_contact.auth_seq_id_1 
_pdbx_validate_symm_contact.PDB_ins_code_1 
_pdbx_validate_symm_contact.label_alt_id_1 
_pdbx_validate_symm_contact.site_symmetry_1 
_pdbx_validate_symm_contact.auth_atom_id_2 
_pdbx_validate_symm_contact.auth_asym_id_2 
_pdbx_validate_symm_contact.auth_comp_id_2 
_pdbx_validate_symm_contact.auth_seq_id_2 
_pdbx_validate_symm_contact.PDB_ins_code_2 
_pdbx_validate_symm_contact.label_alt_id_2 
_pdbx_validate_symm_contact.site_symmetry_2 
_pdbx_validate_symm_contact.dist 
1 1 O B HOH 248 ? ? 1_555 O C HOH 201 ? ? 3_645 2.00 
2 1 O B HOH 257 ? ? 1_555 O C HOH 201 ? ? 3_645 2.12 
# 
_pdbx_validate_rmsd_bond.id                        1 
_pdbx_validate_rmsd_bond.PDB_model_num             1 
_pdbx_validate_rmsd_bond.auth_atom_id_1            "O3'" 
_pdbx_validate_rmsd_bond.auth_asym_id_1            B 
_pdbx_validate_rmsd_bond.auth_comp_id_1            DC 
_pdbx_validate_rmsd_bond.auth_seq_id_1             3 
_pdbx_validate_rmsd_bond.PDB_ins_code_1            ? 
_pdbx_validate_rmsd_bond.label_alt_id_1            ? 
_pdbx_validate_rmsd_bond.auth_atom_id_2            "C3'" 
_pdbx_validate_rmsd_bond.auth_asym_id_2            B 
_pdbx_validate_rmsd_bond.auth_comp_id_2            DC 
_pdbx_validate_rmsd_bond.auth_seq_id_2             3 
_pdbx_validate_rmsd_bond.PDB_ins_code_2            ? 
_pdbx_validate_rmsd_bond.label_alt_id_2            ? 
_pdbx_validate_rmsd_bond.bond_value                1.381 
_pdbx_validate_rmsd_bond.bond_target_value         1.419 
_pdbx_validate_rmsd_bond.bond_deviation            -0.038 
_pdbx_validate_rmsd_bond.bond_standard_deviation   0.006 
_pdbx_validate_rmsd_bond.linker_flag               N 
# 
_pdbx_validate_rmsd_angle.id                         1 
_pdbx_validate_rmsd_angle.PDB_model_num              1 
_pdbx_validate_rmsd_angle.auth_atom_id_1             "O4'" 
_pdbx_validate_rmsd_angle.auth_asym_id_1             C 
_pdbx_validate_rmsd_angle.auth_comp_id_1             DG 
_pdbx_validate_rmsd_angle.auth_seq_id_1              22 
_pdbx_validate_rmsd_angle.PDB_ins_code_1             ? 
_pdbx_validate_rmsd_angle.label_alt_id_1             ? 
_pdbx_validate_rmsd_angle.auth_atom_id_2             "C1'" 
_pdbx_validate_rmsd_angle.auth_asym_id_2             C 
_pdbx_validate_rmsd_angle.auth_comp_id_2             DG 
_pdbx_validate_rmsd_angle.auth_seq_id_2              22 
_pdbx_validate_rmsd_angle.PDB_ins_code_2             ? 
_pdbx_validate_rmsd_angle.label_alt_id_2             ? 
_pdbx_validate_rmsd_angle.auth_atom_id_3             N9 
_pdbx_validate_rmsd_angle.auth_asym_id_3             C 
_pdbx_validate_rmsd_angle.auth_comp_id_3             DG 
_pdbx_validate_rmsd_angle.auth_seq_id_3              22 
_pdbx_validate_rmsd_angle.PDB_ins_code_3             ? 
_pdbx_validate_rmsd_angle.label_alt_id_3             ? 
_pdbx_validate_rmsd_angle.angle_value                110.86 
_pdbx_validate_rmsd_angle.angle_target_value         108.30 
_pdbx_validate_rmsd_angle.angle_deviation            2.56 
_pdbx_validate_rmsd_angle.angle_standard_deviation   0.30 
_pdbx_validate_rmsd_angle.linker_flag                N 
# 
loop_
_pdbx_distant_solvent_atoms.id 
_pdbx_distant_solvent_atoms.PDB_model_num 
_pdbx_distant_solvent_atoms.auth_atom_id 
_pdbx_distant_solvent_atoms.label_alt_id 
_pdbx_distant_solvent_atoms.auth_asym_id 
_pdbx_distant_solvent_atoms.auth_comp_id 
_pdbx_distant_solvent_atoms.auth_seq_id 
_pdbx_distant_solvent_atoms.PDB_ins_code 
_pdbx_distant_solvent_atoms.neighbor_macromolecule_distance 
_pdbx_distant_solvent_atoms.neighbor_ligand_distance 
1 1 O ? B HOH 257 ? 6.05 . 
2 1 O ? B HOH 258 ? 6.39 . 
3 1 O ? B HOH 259 ? 6.44 . 
4 1 O ? B HOH 260 ? 7.56 . 
5 1 O ? C HOH 247 ? 6.14 . 
6 1 O ? C HOH 248 ? 6.23 . 
7 1 O ? C HOH 249 ? 7.11 . 
# 
loop_
_chem_comp_atom.comp_id 
_chem_comp_atom.atom_id 
_chem_comp_atom.type_symbol 
_chem_comp_atom.pdbx_aromatic_flag 
_chem_comp_atom.pdbx_stereo_config 
_chem_comp_atom.pdbx_ordinal 
DA  OP3    O  N N 1   
DA  P      P  N N 2   
DA  OP1    O  N N 3   
DA  OP2    O  N N 4   
DA  "O5'"  O  N N 5   
DA  "C5'"  C  N N 6   
DA  "C4'"  C  N R 7   
DA  "O4'"  O  N N 8   
DA  "C3'"  C  N S 9   
DA  "O3'"  O  N N 10  
DA  "C2'"  C  N N 11  
DA  "C1'"  C  N R 12  
DA  N9     N  Y N 13  
DA  C8     C  Y N 14  
DA  N7     N  Y N 15  
DA  C5     C  Y N 16  
DA  C6     C  Y N 17  
DA  N6     N  N N 18  
DA  N1     N  Y N 19  
DA  C2     C  Y N 20  
DA  N3     N  Y N 21  
DA  C4     C  Y N 22  
DA  HOP3   H  N N 23  
DA  HOP2   H  N N 24  
DA  "H5'"  H  N N 25  
DA  "H5''" H  N N 26  
DA  "H4'"  H  N N 27  
DA  "H3'"  H  N N 28  
DA  "HO3'" H  N N 29  
DA  "H2'"  H  N N 30  
DA  "H2''" H  N N 31  
DA  "H1'"  H  N N 32  
DA  H8     H  N N 33  
DA  H61    H  N N 34  
DA  H62    H  N N 35  
DA  H2     H  N N 36  
DC  OP3    O  N N 37  
DC  P      P  N N 38  
DC  OP1    O  N N 39  
DC  OP2    O  N N 40  
DC  "O5'"  O  N N 41  
DC  "C5'"  C  N N 42  
DC  "C4'"  C  N R 43  
DC  "O4'"  O  N N 44  
DC  "C3'"  C  N S 45  
DC  "O3'"  O  N N 46  
DC  "C2'"  C  N N 47  
DC  "C1'"  C  N R 48  
DC  N1     N  N N 49  
DC  C2     C  N N 50  
DC  O2     O  N N 51  
DC  N3     N  N N 52  
DC  C4     C  N N 53  
DC  N4     N  N N 54  
DC  C5     C  N N 55  
DC  C6     C  N N 56  
DC  HOP3   H  N N 57  
DC  HOP2   H  N N 58  
DC  "H5'"  H  N N 59  
DC  "H5''" H  N N 60  
DC  "H4'"  H  N N 61  
DC  "H3'"  H  N N 62  
DC  "HO3'" H  N N 63  
DC  "H2'"  H  N N 64  
DC  "H2''" H  N N 65  
DC  "H1'"  H  N N 66  
DC  H41    H  N N 67  
DC  H42    H  N N 68  
DC  H5     H  N N 69  
DC  H6     H  N N 70  
DG  OP3    O  N N 71  
DG  P      P  N N 72  
DG  OP1    O  N N 73  
DG  OP2    O  N N 74  
DG  "O5'"  O  N N 75  
DG  "C5'"  C  N N 76  
DG  "C4'"  C  N R 77  
DG  "O4'"  O  N N 78  
DG  "C3'"  C  N S 79  
DG  "O3'"  O  N N 80  
DG  "C2'"  C  N N 81  
DG  "C1'"  C  N R 82  
DG  N9     N  Y N 83  
DG  C8     C  Y N 84  
DG  N7     N  Y N 85  
DG  C5     C  Y N 86  
DG  C6     C  N N 87  
DG  O6     O  N N 88  
DG  N1     N  N N 89  
DG  C2     C  N N 90  
DG  N2     N  N N 91  
DG  N3     N  N N 92  
DG  C4     C  Y N 93  
DG  HOP3   H  N N 94  
DG  HOP2   H  N N 95  
DG  "H5'"  H  N N 96  
DG  "H5''" H  N N 97  
DG  "H4'"  H  N N 98  
DG  "H3'"  H  N N 99  
DG  "HO3'" H  N N 100 
DG  "H2'"  H  N N 101 
DG  "H2''" H  N N 102 
DG  "H1'"  H  N N 103 
DG  H8     H  N N 104 
DG  H1     H  N N 105 
DG  H21    H  N N 106 
DG  H22    H  N N 107 
DT  OP3    O  N N 108 
DT  P      P  N N 109 
DT  OP1    O  N N 110 
DT  OP2    O  N N 111 
DT  "O5'"  O  N N 112 
DT  "C5'"  C  N N 113 
DT  "C4'"  C  N R 114 
DT  "O4'"  O  N N 115 
DT  "C3'"  C  N S 116 
DT  "O3'"  O  N N 117 
DT  "C2'"  C  N N 118 
DT  "C1'"  C  N R 119 
DT  N1     N  N N 120 
DT  C2     C  N N 121 
DT  O2     O  N N 122 
DT  N3     N  N N 123 
DT  C4     C  N N 124 
DT  O4     O  N N 125 
DT  C5     C  N N 126 
DT  C7     C  N N 127 
DT  C6     C  N N 128 
DT  HOP3   H  N N 129 
DT  HOP2   H  N N 130 
DT  "H5'"  H  N N 131 
DT  "H5''" H  N N 132 
DT  "H4'"  H  N N 133 
DT  "H3'"  H  N N 134 
DT  "HO3'" H  N N 135 
DT  "H2'"  H  N N 136 
DT  "H2''" H  N N 137 
DT  "H1'"  H  N N 138 
DT  H3     H  N N 139 
DT  H71    H  N N 140 
DT  H72    H  N N 141 
DT  H73    H  N N 142 
DT  H6     H  N N 143 
HOH O      O  N N 144 
HOH H1     H  N N 145 
HOH H2     H  N N 146 
MG  MG     MG N N 147 
WFB C4     C  Y N 148 
WFB C14    C  Y N 149 
WFB C5     C  Y N 150 
WFB C6     C  Y N 151 
WFB C11    C  Y N 152 
WFB C7     C  Y N 153 
WFB C8     C  Y N 154 
WFB C9     C  Y N 155 
WFB C10    C  Y N 156 
WFB C12    C  Y N 157 
WFB C13    C  Y N 158 
WFB N1     N  N N 159 
WFB N2     N  N N 160 
WFB C3     C  Y N 161 
WFB N3     N  Y N 162 
WFB C1     C  N N 163 
WFB C15    C  N N 164 
WFB C16    C  Y N 165 
WFB C17    C  Y N 166 
WFB C18    C  Y N 167 
WFB C19    C  Y N 168 
WFB C2     C  Y N 169 
WFB C20    C  Y N 170 
WFB C21    C  Y N 171 
WFB N4     N  N N 172 
WFB N5     N  N N 173 
WFB N6     N  Y N 174 
WFB H6     H  N N 175 
WFB H7     H  N N 176 
WFB H8     H  N N 177 
WFB H9     H  N N 178 
WFB H10    H  N N 179 
WFB H1     H  N N 180 
WFB H2     H  N N 181 
WFB H4     H  N N 182 
WFB H5     H  N N 183 
WFB H15    H  N N 184 
WFB H16    H  N N 185 
WFB H18    H  N N 186 
WFB H19    H  N N 187 
WFB H20    H  N N 188 
WFB H11    H  N N 189 
WFB H12    H  N N 190 
WFB H13    H  N N 191 
WFB H17    H  N N 192 
# 
loop_
_chem_comp_bond.comp_id 
_chem_comp_bond.atom_id_1 
_chem_comp_bond.atom_id_2 
_chem_comp_bond.value_order 
_chem_comp_bond.pdbx_aromatic_flag 
_chem_comp_bond.pdbx_stereo_config 
_chem_comp_bond.pdbx_ordinal 
DA  OP3   P      sing N N 1   
DA  OP3   HOP3   sing N N 2   
DA  P     OP1    doub N N 3   
DA  P     OP2    sing N N 4   
DA  P     "O5'"  sing N N 5   
DA  OP2   HOP2   sing N N 6   
DA  "O5'" "C5'"  sing N N 7   
DA  "C5'" "C4'"  sing N N 8   
DA  "C5'" "H5'"  sing N N 9   
DA  "C5'" "H5''" sing N N 10  
DA  "C4'" "O4'"  sing N N 11  
DA  "C4'" "C3'"  sing N N 12  
DA  "C4'" "H4'"  sing N N 13  
DA  "O4'" "C1'"  sing N N 14  
DA  "C3'" "O3'"  sing N N 15  
DA  "C3'" "C2'"  sing N N 16  
DA  "C3'" "H3'"  sing N N 17  
DA  "O3'" "HO3'" sing N N 18  
DA  "C2'" "C1'"  sing N N 19  
DA  "C2'" "H2'"  sing N N 20  
DA  "C2'" "H2''" sing N N 21  
DA  "C1'" N9     sing N N 22  
DA  "C1'" "H1'"  sing N N 23  
DA  N9    C8     sing Y N 24  
DA  N9    C4     sing Y N 25  
DA  C8    N7     doub Y N 26  
DA  C8    H8     sing N N 27  
DA  N7    C5     sing Y N 28  
DA  C5    C6     sing Y N 29  
DA  C5    C4     doub Y N 30  
DA  C6    N6     sing N N 31  
DA  C6    N1     doub Y N 32  
DA  N6    H61    sing N N 33  
DA  N6    H62    sing N N 34  
DA  N1    C2     sing Y N 35  
DA  C2    N3     doub Y N 36  
DA  C2    H2     sing N N 37  
DA  N3    C4     sing Y N 38  
DC  OP3   P      sing N N 39  
DC  OP3   HOP3   sing N N 40  
DC  P     OP1    doub N N 41  
DC  P     OP2    sing N N 42  
DC  P     "O5'"  sing N N 43  
DC  OP2   HOP2   sing N N 44  
DC  "O5'" "C5'"  sing N N 45  
DC  "C5'" "C4'"  sing N N 46  
DC  "C5'" "H5'"  sing N N 47  
DC  "C5'" "H5''" sing N N 48  
DC  "C4'" "O4'"  sing N N 49  
DC  "C4'" "C3'"  sing N N 50  
DC  "C4'" "H4'"  sing N N 51  
DC  "O4'" "C1'"  sing N N 52  
DC  "C3'" "O3'"  sing N N 53  
DC  "C3'" "C2'"  sing N N 54  
DC  "C3'" "H3'"  sing N N 55  
DC  "O3'" "HO3'" sing N N 56  
DC  "C2'" "C1'"  sing N N 57  
DC  "C2'" "H2'"  sing N N 58  
DC  "C2'" "H2''" sing N N 59  
DC  "C1'" N1     sing N N 60  
DC  "C1'" "H1'"  sing N N 61  
DC  N1    C2     sing N N 62  
DC  N1    C6     sing N N 63  
DC  C2    O2     doub N N 64  
DC  C2    N3     sing N N 65  
DC  N3    C4     doub N N 66  
DC  C4    N4     sing N N 67  
DC  C4    C5     sing N N 68  
DC  N4    H41    sing N N 69  
DC  N4    H42    sing N N 70  
DC  C5    C6     doub N N 71  
DC  C5    H5     sing N N 72  
DC  C6    H6     sing N N 73  
DG  OP3   P      sing N N 74  
DG  OP3   HOP3   sing N N 75  
DG  P     OP1    doub N N 76  
DG  P     OP2    sing N N 77  
DG  P     "O5'"  sing N N 78  
DG  OP2   HOP2   sing N N 79  
DG  "O5'" "C5'"  sing N N 80  
DG  "C5'" "C4'"  sing N N 81  
DG  "C5'" "H5'"  sing N N 82  
DG  "C5'" "H5''" sing N N 83  
DG  "C4'" "O4'"  sing N N 84  
DG  "C4'" "C3'"  sing N N 85  
DG  "C4'" "H4'"  sing N N 86  
DG  "O4'" "C1'"  sing N N 87  
DG  "C3'" "O3'"  sing N N 88  
DG  "C3'" "C2'"  sing N N 89  
DG  "C3'" "H3'"  sing N N 90  
DG  "O3'" "HO3'" sing N N 91  
DG  "C2'" "C1'"  sing N N 92  
DG  "C2'" "H2'"  sing N N 93  
DG  "C2'" "H2''" sing N N 94  
DG  "C1'" N9     sing N N 95  
DG  "C1'" "H1'"  sing N N 96  
DG  N9    C8     sing Y N 97  
DG  N9    C4     sing Y N 98  
DG  C8    N7     doub Y N 99  
DG  C8    H8     sing N N 100 
DG  N7    C5     sing Y N 101 
DG  C5    C6     sing N N 102 
DG  C5    C4     doub Y N 103 
DG  C6    O6     doub N N 104 
DG  C6    N1     sing N N 105 
DG  N1    C2     sing N N 106 
DG  N1    H1     sing N N 107 
DG  C2    N2     sing N N 108 
DG  C2    N3     doub N N 109 
DG  N2    H21    sing N N 110 
DG  N2    H22    sing N N 111 
DG  N3    C4     sing N N 112 
DT  OP3   P      sing N N 113 
DT  OP3   HOP3   sing N N 114 
DT  P     OP1    doub N N 115 
DT  P     OP2    sing N N 116 
DT  P     "O5'"  sing N N 117 
DT  OP2   HOP2   sing N N 118 
DT  "O5'" "C5'"  sing N N 119 
DT  "C5'" "C4'"  sing N N 120 
DT  "C5'" "H5'"  sing N N 121 
DT  "C5'" "H5''" sing N N 122 
DT  "C4'" "O4'"  sing N N 123 
DT  "C4'" "C3'"  sing N N 124 
DT  "C4'" "H4'"  sing N N 125 
DT  "O4'" "C1'"  sing N N 126 
DT  "C3'" "O3'"  sing N N 127 
DT  "C3'" "C2'"  sing N N 128 
DT  "C3'" "H3'"  sing N N 129 
DT  "O3'" "HO3'" sing N N 130 
DT  "C2'" "C1'"  sing N N 131 
DT  "C2'" "H2'"  sing N N 132 
DT  "C2'" "H2''" sing N N 133 
DT  "C1'" N1     sing N N 134 
DT  "C1'" "H1'"  sing N N 135 
DT  N1    C2     sing N N 136 
DT  N1    C6     sing N N 137 
DT  C2    O2     doub N N 138 
DT  C2    N3     sing N N 139 
DT  N3    C4     sing N N 140 
DT  N3    H3     sing N N 141 
DT  C4    O4     doub N N 142 
DT  C4    C5     sing N N 143 
DT  C5    C7     sing N N 144 
DT  C5    C6     doub N N 145 
DT  C7    H71    sing N N 146 
DT  C7    H72    sing N N 147 
DT  C7    H73    sing N N 148 
DT  C6    H6     sing N N 149 
HOH O     H1     sing N N 150 
HOH O     H2     sing N N 151 
WFB N2    C1     doub N N 152 
WFB N1    C1     sing N N 153 
WFB C1    C2     sing N N 154 
WFB C2    C21    doub Y N 155 
WFB C2    C3     sing Y N 156 
WFB C21   C20    sing Y N 157 
WFB C3    C4     doub Y N 158 
WFB C20   C5     doub Y N 159 
WFB C4    C5     sing Y N 160 
WFB C5    C6     sing N N 161 
WFB C6    C7     doub Y N 162 
WFB C6    C19    sing Y N 163 
WFB C7    C8     sing Y N 164 
WFB C19   C18    doub Y N 165 
WFB C8    C9     doub Y N 166 
WFB C18   C9     sing Y N 167 
WFB C18   N6     sing Y N 168 
WFB C9    N3     sing Y N 169 
WFB N6    C10    sing Y N 170 
WFB N3    C10    doub Y N 171 
WFB C10   C11    sing N N 172 
WFB C11   C17    doub Y N 173 
WFB C11   C12    sing Y N 174 
WFB C17   C16    sing Y N 175 
WFB C12   C13    doub Y N 176 
WFB C16   C14    doub Y N 177 
WFB C13   C14    sing Y N 178 
WFB C14   C15    sing N N 179 
WFB C15   N5     doub N N 180 
WFB C15   N4     sing N N 181 
WFB C4    H6     sing N N 182 
WFB C7    H7     sing N N 183 
WFB C8    H8     sing N N 184 
WFB C12   H9     sing N N 185 
WFB C13   H10    sing N N 186 
WFB N1    H1     sing N N 187 
WFB N1    H2     sing N N 188 
WFB N2    H4     sing N N 189 
WFB C3    H5     sing N N 190 
WFB C16   H15    sing N N 191 
WFB C17   H16    sing N N 192 
WFB C19   H18    sing N N 193 
WFB C20   H19    sing N N 194 
WFB C21   H20    sing N N 195 
WFB N4    H11    sing N N 196 
WFB N4    H12    sing N N 197 
WFB N5    H13    sing N N 198 
WFB N6    H17    sing N N 199 
# 
_ndb_struct_conf_na.entry_id   8ED6 
_ndb_struct_conf_na.feature    'b-form double helix' 
# 
loop_
_ndb_struct_na_base_pair.model_number 
_ndb_struct_na_base_pair.i_label_asym_id 
_ndb_struct_na_base_pair.i_label_comp_id 
_ndb_struct_na_base_pair.i_label_seq_id 
_ndb_struct_na_base_pair.i_symmetry 
_ndb_struct_na_base_pair.j_label_asym_id 
_ndb_struct_na_base_pair.j_label_comp_id 
_ndb_struct_na_base_pair.j_label_seq_id 
_ndb_struct_na_base_pair.j_symmetry 
_ndb_struct_na_base_pair.shear 
_ndb_struct_na_base_pair.stretch 
_ndb_struct_na_base_pair.stagger 
_ndb_struct_na_base_pair.buckle 
_ndb_struct_na_base_pair.propeller 
_ndb_struct_na_base_pair.opening 
_ndb_struct_na_base_pair.pair_number 
_ndb_struct_na_base_pair.pair_name 
_ndb_struct_na_base_pair.i_auth_asym_id 
_ndb_struct_na_base_pair.i_auth_seq_id 
_ndb_struct_na_base_pair.i_PDB_ins_code 
_ndb_struct_na_base_pair.j_auth_asym_id 
_ndb_struct_na_base_pair.j_auth_seq_id 
_ndb_struct_na_base_pair.j_PDB_ins_code 
_ndb_struct_na_base_pair.hbond_type_28 
_ndb_struct_na_base_pair.hbond_type_12 
1 A DC 1  1_555 B DG 12 1_555 0.342  -0.142 0.196  4.867   -15.929 0.452  1  B_DC1:DG24_C  B 1  ? C 24 ? 19 1 
1 A DG 2  1_555 B DC 11 1_555 -0.212 -0.234 0.471  6.989   -11.832 -2.646 2  B_DG2:DC23_C  B 2  ? C 23 ? 19 1 
1 A DC 3  1_555 B DG 10 1_555 0.175  -0.210 0.322  -5.813  -5.417  -0.605 3  B_DC3:DG22_C  B 3  ? C 22 ? 19 1 
1 A DG 4  1_555 B DC 9  1_555 -0.159 -0.034 0.075  12.681  -7.986  0.401  4  B_DG4:DC21_C  B 4  ? C 21 ? 19 1 
1 A DA 5  1_555 B DT 8  1_555 0.104  -0.079 -0.037 6.002   -17.681 1.956  5  B_DA5:DT20_C  B 5  ? C 20 ? 20 1 
1 A DA 6  1_555 B DT 7  1_555 -0.007 -0.103 0.015  0.985   -17.924 4.837  6  B_DA6:DT19_C  B 6  ? C 19 ? 20 1 
1 A DT 7  1_555 B DA 6  1_555 -0.042 -0.124 0.023  -0.243  -17.884 6.458  7  B_DT7:DA18_C  B 7  ? C 18 ? 20 1 
1 A DT 8  1_555 B DA 5  1_555 -0.058 -0.217 -0.123 -3.900  -17.288 5.507  8  B_DT8:DA17_C  B 8  ? C 17 ? 20 1 
1 A DC 9  1_555 B DG 4  1_555 0.098  -0.155 0.025  -12.141 -6.800  -1.958 9  B_DC9:DG16_C  B 9  ? C 16 ? 19 1 
1 A DG 10 1_555 B DC 3  1_555 -0.169 -0.133 0.305  8.190   -5.525  3.517  10 B_DG10:DC15_C B 10 ? C 15 ? 19 1 
1 A DC 11 1_555 B DG 2  1_555 0.156  -0.183 0.469  0.345   -21.208 -2.425 11 B_DC11:DG14_C B 11 ? C 14 ? 19 1 
1 A DG 12 1_555 B DC 1  1_555 -0.221 -0.124 0.429  2.413   -7.715  -1.304 12 B_DG12:DC13_C B 12 ? C 13 ? 19 1 
# 
loop_
_ndb_struct_na_base_pair_step.model_number 
_ndb_struct_na_base_pair_step.i_label_asym_id_1 
_ndb_struct_na_base_pair_step.i_label_comp_id_1 
_ndb_struct_na_base_pair_step.i_label_seq_id_1 
_ndb_struct_na_base_pair_step.i_symmetry_1 
_ndb_struct_na_base_pair_step.j_label_asym_id_1 
_ndb_struct_na_base_pair_step.j_label_comp_id_1 
_ndb_struct_na_base_pair_step.j_label_seq_id_1 
_ndb_struct_na_base_pair_step.j_symmetry_1 
_ndb_struct_na_base_pair_step.i_label_asym_id_2 
_ndb_struct_na_base_pair_step.i_label_comp_id_2 
_ndb_struct_na_base_pair_step.i_label_seq_id_2 
_ndb_struct_na_base_pair_step.i_symmetry_2 
_ndb_struct_na_base_pair_step.j_label_asym_id_2 
_ndb_struct_na_base_pair_step.j_label_comp_id_2 
_ndb_struct_na_base_pair_step.j_label_seq_id_2 
_ndb_struct_na_base_pair_step.j_symmetry_2 
_ndb_struct_na_base_pair_step.shift 
_ndb_struct_na_base_pair_step.slide 
_ndb_struct_na_base_pair_step.rise 
_ndb_struct_na_base_pair_step.tilt 
_ndb_struct_na_base_pair_step.roll 
_ndb_struct_na_base_pair_step.twist 
_ndb_struct_na_base_pair_step.x_displacement 
_ndb_struct_na_base_pair_step.y_displacement 
_ndb_struct_na_base_pair_step.helical_rise 
_ndb_struct_na_base_pair_step.inclination 
_ndb_struct_na_base_pair_step.tip 
_ndb_struct_na_base_pair_step.helical_twist 
_ndb_struct_na_base_pair_step.step_number 
_ndb_struct_na_base_pair_step.step_name 
_ndb_struct_na_base_pair_step.i_auth_asym_id_1 
_ndb_struct_na_base_pair_step.i_auth_seq_id_1 
_ndb_struct_na_base_pair_step.i_PDB_ins_code_1 
_ndb_struct_na_base_pair_step.j_auth_asym_id_1 
_ndb_struct_na_base_pair_step.j_auth_seq_id_1 
_ndb_struct_na_base_pair_step.j_PDB_ins_code_1 
_ndb_struct_na_base_pair_step.i_auth_asym_id_2 
_ndb_struct_na_base_pair_step.i_auth_seq_id_2 
_ndb_struct_na_base_pair_step.i_PDB_ins_code_2 
_ndb_struct_na_base_pair_step.j_auth_asym_id_2 
_ndb_struct_na_base_pair_step.j_auth_seq_id_2 
_ndb_struct_na_base_pair_step.j_PDB_ins_code_2 
1 A DC 1  1_555 B DG 12 1_555 A DG 2  1_555 B DC 11 1_555 -0.063 -0.014 3.175 -2.570 6.649   33.590 -1.037 -0.285 3.111 11.347  
4.386  34.317 1  BB_DC1DG2:DC23DG24_CC   B 1  ? C 24 ? B 2  ? C 23 ? 
1 A DG 2  1_555 B DC 11 1_555 A DC 3  1_555 B DG 10 1_555 0.576  0.422  3.664 1.516  -6.915  42.364 1.341  -0.619 3.573 -9.489  
-2.080 42.924 2  BB_DG2DC3:DG22DC23_CC   B 2  ? C 23 ? B 3  ? C 22 ? 
1 A DC 3  1_555 B DG 10 1_555 A DG 4  1_555 B DC 9  1_555 -0.247 0.639  2.934 3.200  8.326   26.712 -0.487 1.201  2.946 17.416  
-6.694 28.137 3  BB_DC3DG4:DC21DG22_CC   B 3  ? C 22 ? B 4  ? C 21 ? 
1 A DG 4  1_555 B DC 9  1_555 A DA 5  1_555 B DT 8  1_555 -0.143 -0.091 3.437 -0.344 2.900   38.210 -0.520 0.173  3.423 4.422   
0.524  38.317 4  BB_DG4DA5:DT20DC21_CC   B 4  ? C 21 ? B 5  ? C 20 ? 
1 A DA 5  1_555 B DT 8  1_555 A DA 6  1_555 B DT 7  1_555 0.155  -0.341 3.347 -0.688 1.115   34.864 -0.742 -0.364 3.332 1.860   
1.148  34.888 5  BB_DA5DA6:DT19DT20_CC   B 5  ? C 20 ? B 6  ? C 19 ? 
1 A DA 6  1_555 B DT 7  1_555 A DT 7  1_555 B DA 6  1_555 0.163  -0.523 3.236 0.288  0.119   31.541 -0.985 -0.248 3.235 0.219   
-0.530 31.543 6  BB_DA6DT7:DA18DT19_CC   B 6  ? C 19 ? B 7  ? C 18 ? 
1 A DT 7  1_555 B DA 6  1_555 A DT 8  1_555 B DA 5  1_555 -0.072 -0.293 3.285 2.183  1.130   34.522 -0.667 0.459  3.263 1.902   
-3.673 34.607 7  BB_DT7DT8:DA17DA18_CC   B 7  ? C 18 ? B 8  ? C 17 ? 
1 A DT 8  1_555 B DA 5  1_555 A DC 9  1_555 B DG 4  1_555 -0.270 -0.171 3.482 -0.493 -0.300  40.620 -0.211 0.330  3.486 -0.432  
0.709  40.624 8  BB_DT8DC9:DG16DA17_CC   B 8  ? C 17 ? B 9  ? C 16 ? 
1 A DC 9  1_555 B DG 4  1_555 A DG 10 1_555 B DC 3  1_555 0.530  0.855  2.940 -3.951 4.902   26.847 0.704  -1.993 2.940 10.376  
8.365  27.563 9  BB_DC9DG10:DC15DG16_CC  B 9  ? C 16 ? B 10 ? C 15 ? 
1 A DG 10 1_555 B DC 3  1_555 A DC 11 1_555 B DG 2  1_555 -1.157 0.621  3.565 -3.725 -11.565 43.168 1.957  1.151  3.383 -15.358 
4.948  44.767 10 BB_DG10DC11:DG14DC15_CC B 10 ? C 15 ? B 11 ? C 14 ? 
1 A DC 11 1_555 B DG 2  1_555 A DG 12 1_555 B DC 1  1_555 -0.074 0.318  3.181 -0.038 5.921   33.184 -0.396 0.121  3.188 10.265  
0.065  33.693 11 BB_DC11DG12:DC13DG14_CC B 11 ? C 14 ? B 12 ? C 13 ? 
# 
_pdbx_audit_support.funding_organization   
'National Institutes of Health/National Institute of General Medical Sciences (NIH/NIGMS)' 
_pdbx_audit_support.country                'United States' 
_pdbx_audit_support.grant_number           GM111749 
_pdbx_audit_support.ordinal                1 
# 
loop_
_pdbx_entity_nonpoly.entity_id 
_pdbx_entity_nonpoly.name 
_pdbx_entity_nonpoly.comp_id 
2 'MAGNESIUM ION'                                                 MG  
3 "4,4'-(1H-benzimidazole-2,6-diyl)di(benzene-1-carboximidamide)" WFB 
4 water                                                           HOH 
# 
_pdbx_initial_refinement_model.id               1 
_pdbx_initial_refinement_model.entity_id_list   ? 
_pdbx_initial_refinement_model.type             'experimental model' 
_pdbx_initial_refinement_model.source_name      PDB 
_pdbx_initial_refinement_model.accession_code   1BNA 
_pdbx_initial_refinement_model.details          ? 
# 
_pdbx_struct_assembly_auth_evidence.id                     1 
_pdbx_struct_assembly_auth_evidence.assembly_id            1 
_pdbx_struct_assembly_auth_evidence.experimental_support   'mass spectrometry' 
_pdbx_struct_assembly_auth_evidence.details                ? 
# 
